data_8CZ9
# 
_entry.id   8CZ9 
# 
_audit_conform.dict_name       mmcif_pdbx.dic 
_audit_conform.dict_version    5.399 
_audit_conform.dict_location   http://mmcif.pdb.org/dictionaries/ascii/mmcif_pdbx.dic 
# 
loop_
_database_2.database_id 
_database_2.database_code 
_database_2.pdbx_database_accession 
_database_2.pdbx_DOI 
PDB   8CZ9         pdb_00008cz9 10.2210/pdb8cz9/pdb 
WWPDB D_1000265015 ?            ?                   
# 
loop_
_pdbx_audit_revision_history.ordinal 
_pdbx_audit_revision_history.data_content_type 
_pdbx_audit_revision_history.major_revision 
_pdbx_audit_revision_history.minor_revision 
_pdbx_audit_revision_history.revision_date 
1 'Structure model' 1 0 2023-05-31 
2 'Structure model' 1 1 2023-10-25 
3 'Structure model' 1 2 2023-11-15 
4 'Structure model' 1 3 2024-03-13 
5 'Structure model' 1 4 2024-11-20 
# 
_pdbx_audit_revision_details.ordinal             1 
_pdbx_audit_revision_details.revision_ordinal    1 
_pdbx_audit_revision_details.data_content_type   'Structure model' 
_pdbx_audit_revision_details.provider            repository 
_pdbx_audit_revision_details.type                'Initial release' 
_pdbx_audit_revision_details.description         ? 
_pdbx_audit_revision_details.details             ? 
# 
loop_
_pdbx_audit_revision_group.ordinal 
_pdbx_audit_revision_group.revision_ordinal 
_pdbx_audit_revision_group.data_content_type 
_pdbx_audit_revision_group.group 
1 2 'Structure model' 'Data collection'        
2 2 'Structure model' 'Refinement description' 
3 3 'Structure model' 'Data collection'        
4 4 'Structure model' 'Database references'    
5 5 'Structure model' 'Structure summary'      
# 
loop_
_pdbx_audit_revision_category.ordinal 
_pdbx_audit_revision_category.revision_ordinal 
_pdbx_audit_revision_category.data_content_type 
_pdbx_audit_revision_category.category 
1 2 'Structure model' chem_comp_atom                
2 2 'Structure model' chem_comp_bond                
3 2 'Structure model' pdbx_initial_refinement_model 
4 3 'Structure model' chem_comp_atom                
5 3 'Structure model' chem_comp_bond                
6 4 'Structure model' citation                      
7 4 'Structure model' citation_author               
8 5 'Structure model' pdbx_entry_details            
9 5 'Structure model' pdbx_modification_feature     
# 
loop_
_pdbx_audit_revision_item.ordinal 
_pdbx_audit_revision_item.revision_ordinal 
_pdbx_audit_revision_item.data_content_type 
_pdbx_audit_revision_item.item 
1  3 'Structure model' '_chem_comp_atom.atom_id'                      
2  3 'Structure model' '_chem_comp_bond.atom_id_2'                    
3  4 'Structure model' '_citation.country'                            
4  4 'Structure model' '_citation.journal_abbrev'                     
5  4 'Structure model' '_citation.journal_id_ASTM'                    
6  4 'Structure model' '_citation.journal_id_CSD'                     
7  4 'Structure model' '_citation.journal_id_ISSN'                    
8  4 'Structure model' '_citation.journal_volume'                     
9  4 'Structure model' '_citation.pdbx_database_id_DOI'               
10 4 'Structure model' '_citation.pdbx_database_id_PubMed'            
11 4 'Structure model' '_citation.title'                              
12 4 'Structure model' '_citation.year'                               
13 5 'Structure model' '_pdbx_entry_details.has_protein_modification' 
# 
_pdbx_database_status.status_code                     REL 
_pdbx_database_status.status_code_sf                  REL 
_pdbx_database_status.status_code_mr                  ? 
_pdbx_database_status.entry_id                        8CZ9 
_pdbx_database_status.recvd_initial_deposition_date   2022-05-24 
_pdbx_database_status.SG_entry                        N 
_pdbx_database_status.deposit_site                    RCSB 
_pdbx_database_status.process_site                    RCSB 
_pdbx_database_status.status_code_cs                  ? 
_pdbx_database_status.status_code_nmr_data            ? 
_pdbx_database_status.methods_development_category    ? 
_pdbx_database_status.pdb_format_compatible           Y 
# 
loop_
_pdbx_database_related.db_name 
_pdbx_database_related.details 
_pdbx_database_related.db_id 
_pdbx_database_related.content_type 
PDB . 7R8X unspecified 
PDB . 7R8W unspecified 
# 
loop_
_pdbx_contact_author.id 
_pdbx_contact_author.email 
_pdbx_contact_author.name_first 
_pdbx_contact_author.name_last 
_pdbx_contact_author.name_mi 
_pdbx_contact_author.role 
_pdbx_contact_author.identifier_ORCID 
2 kershaw@wehi.edu.au Nadia   Kershaw ? 'principal investigator/group leader' 0000-0002-3554-2622 
3 babon@wehi.edu.au   Jeffrey Babon   ? 'principal investigator/group leader' 0000-0002-5408-6239 
# 
loop_
_audit_author.name 
_audit_author.pdbx_ordinal 
_audit_author.identifier_ORCID 
'Morris, R.'    1 ? 
'Kershaw, N.J.' 2 ? 
'Babon, J.J.'   3 ? 
# 
_citation.abstract                  ? 
_citation.abstract_id_CAS           ? 
_citation.book_id_ISBN              ? 
_citation.book_publisher            ? 
_citation.book_publisher_city       ? 
_citation.book_title                ? 
_citation.coordinate_linkage        ? 
_citation.country                   US 
_citation.database_id_Medline       ? 
_citation.details                   ? 
_citation.id                        primary 
_citation.journal_abbrev            J.Exp.Med. 
_citation.journal_id_ASTM           JEMEAV 
_citation.journal_id_CSD            0774 
_citation.journal_id_ISSN           1540-9538 
_citation.journal_full              ? 
_citation.journal_issue             ? 
_citation.journal_volume            221 
_citation.language                  ? 
_citation.page_first                ? 
_citation.page_last                 ? 
_citation.title                     
'Rare SH2B3 coding variants in lupus patients impair B cell tolerance and predispose to autoimmunity.' 
_citation.year                      2024 
_citation.database_id_CSD           ? 
_citation.pdbx_database_id_DOI      10.1084/jem.20221080 
_citation.pdbx_database_id_PubMed   38417019 
_citation.pdbx_database_id_patent   ? 
_citation.unpublished_flag          ? 
# 
loop_
_citation_author.citation_id 
_citation_author.name 
_citation_author.ordinal 
_citation_author.identifier_ORCID 
primary 'Zhang, Y.'          1  0000-0002-0256-098X 
primary 'Morris, R.'         2  0000-0001-6817-6609 
primary 'Brown, G.J.'        3  0000-0002-9721-5539 
primary 'Lorenzo, A.M.D.'    4  0009-0002-4834-9618 
primary 'Meng, X.'           5  0000-0003-3447-0871 
primary 'Kershaw, N.J.'      6  0000-0002-3554-2622 
primary 'Kiridena, P.'       7  0000-0002-5350-3360 
primary 'Burgio, G.'         8  0000-0002-7434-926X 
primary 'Gross, S.'          9  0009-0007-0735-9621 
primary 'Cappello, J.Y.'     10 0000-0003-0114-7912 
primary 'Shen, Q.'           11 ?                   
primary 'Wang, H.'           12 0000-0001-8228-5633 
primary 'Turnbull, C.'       13 0000-0002-9976-4005 
primary 'Lea-Henry, T.'      14 0000-0002-0447-7944 
primary 'Stanley, M.'        15 0000-0002-1445-0892 
primary 'Yu, Z.'             16 0000-0002-4763-4698 
primary 'Ballard, F.D.'      17 0000-0002-0707-9706 
primary 'Chuah, A.'          18 0000-0003-3066-701X 
primary 'Lee, J.C.'          19 0000-0001-5711-9385 
primary 'Hatch, A.M.'        20 0009-0001-1916-8175 
primary 'Enders, A.'         21 0000-0001-5933-6463 
primary 'Masters, S.L.'      22 0000-0003-4763-576X 
primary 'Headley, A.P.'      23 0009-0004-0763-2729 
primary 'Trnka, P.'          24 0000-0002-5584-2622 
primary 'Mallon, D.'         25 ?                   
primary 'Fletcher, J.T.'     26 0000-0001-7855-6453 
primary 'Walters, G.D.'      27 0000-0003-4854-9353 
primary 'Sestan, M.'         28 0000-0003-1092-6491 
primary 'Jelusic, M.'        29 0000-0002-1728-4260 
primary 'Cook, M.C.'         30 0000-0002-3331-9363 
primary 'Athanasopoulos, V.' 31 0000-0002-5764-5948 
primary 'Fulcher, D.A.'      32 0000-0001-9270-2269 
primary 'Babon, J.J.'        33 0000-0002-5408-6239 
primary 'Vinuesa, C.G.'      34 0000-0001-9799-0298 
primary 'Ellyard, J.I.'      35 0000-0001-6301-2533 
# 
loop_
_entity.id 
_entity.type 
_entity.src_method 
_entity.pdbx_description 
_entity.formula_weight 
_entity.pdbx_number_of_molecules 
_entity.pdbx_ec 
_entity.pdbx_mutation 
_entity.pdbx_fragment 
_entity.details 
1 polymer     man 'SH2B adapter protein 3'    12581.616 1  ? E372K ? ? 
2 polymer     syn 'JAK2 pY813 phosphopeptide' 1059.018  1  ? ?     ? ? 
3 non-polymer syn 'CHLORIDE ION'              35.453    1  ? ?     ? ? 
4 water       nat water                       18.015    76 ? ?     ? ? 
# 
_entity_name_com.entity_id   1 
_entity_name_com.name        'Lymphocyte adapter protein,Lymphocyte-specific adapter protein Lnk,Signal transduction protein Lnk' 
# 
loop_
_entity_poly.entity_id 
_entity_poly.type 
_entity_poly.nstd_linkage 
_entity_poly.nstd_monomer 
_entity_poly.pdbx_seq_one_letter_code 
_entity_poly.pdbx_seq_one_letter_code_can 
_entity_poly.pdbx_strand_id 
_entity_poly.pdbx_target_identifier 
1 'polypeptide(L)' no no  
;DHFLSCYPWFHGPISRVRAAQLVQLQGPDAHGVFLVRQSESRRGKYVLTFNLQGRAKHLRLVLTERGQCRVQHLHFPSVV
DMLRHFQRSPIPLECGAACDVRLSGYVVVV
;
;DHFLSCYPWFHGPISRVRAAQLVQLQGPDAHGVFLVRQSESRRGKYVLTFNLQGRAKHLRLVLTERGQCRVQHLHFPSVV
DMLRHFQRSPIPLECGAACDVRLSGYVVVV
;
A ? 
2 'polypeptide(L)' no yes 'PD(PTR)ELLTE' PDYELLTE C ? 
# 
loop_
_pdbx_entity_nonpoly.entity_id 
_pdbx_entity_nonpoly.name 
_pdbx_entity_nonpoly.comp_id 
3 'CHLORIDE ION' CL  
4 water          HOH 
# 
loop_
_entity_poly_seq.entity_id 
_entity_poly_seq.num 
_entity_poly_seq.mon_id 
_entity_poly_seq.hetero 
1 1   ASP n 
1 2   HIS n 
1 3   PHE n 
1 4   LEU n 
1 5   SER n 
1 6   CYS n 
1 7   TYR n 
1 8   PRO n 
1 9   TRP n 
1 10  PHE n 
1 11  HIS n 
1 12  GLY n 
1 13  PRO n 
1 14  ILE n 
1 15  SER n 
1 16  ARG n 
1 17  VAL n 
1 18  ARG n 
1 19  ALA n 
1 20  ALA n 
1 21  GLN n 
1 22  LEU n 
1 23  VAL n 
1 24  GLN n 
1 25  LEU n 
1 26  GLN n 
1 27  GLY n 
1 28  PRO n 
1 29  ASP n 
1 30  ALA n 
1 31  HIS n 
1 32  GLY n 
1 33  VAL n 
1 34  PHE n 
1 35  LEU n 
1 36  VAL n 
1 37  ARG n 
1 38  GLN n 
1 39  SER n 
1 40  GLU n 
1 41  SER n 
1 42  ARG n 
1 43  ARG n 
1 44  GLY n 
1 45  LYS n 
1 46  TYR n 
1 47  VAL n 
1 48  LEU n 
1 49  THR n 
1 50  PHE n 
1 51  ASN n 
1 52  LEU n 
1 53  GLN n 
1 54  GLY n 
1 55  ARG n 
1 56  ALA n 
1 57  LYS n 
1 58  HIS n 
1 59  LEU n 
1 60  ARG n 
1 61  LEU n 
1 62  VAL n 
1 63  LEU n 
1 64  THR n 
1 65  GLU n 
1 66  ARG n 
1 67  GLY n 
1 68  GLN n 
1 69  CYS n 
1 70  ARG n 
1 71  VAL n 
1 72  GLN n 
1 73  HIS n 
1 74  LEU n 
1 75  HIS n 
1 76  PHE n 
1 77  PRO n 
1 78  SER n 
1 79  VAL n 
1 80  VAL n 
1 81  ASP n 
1 82  MET n 
1 83  LEU n 
1 84  ARG n 
1 85  HIS n 
1 86  PHE n 
1 87  GLN n 
1 88  ARG n 
1 89  SER n 
1 90  PRO n 
1 91  ILE n 
1 92  PRO n 
1 93  LEU n 
1 94  GLU n 
1 95  CYS n 
1 96  GLY n 
1 97  ALA n 
1 98  ALA n 
1 99  CYS n 
1 100 ASP n 
1 101 VAL n 
1 102 ARG n 
1 103 LEU n 
1 104 SER n 
1 105 GLY n 
1 106 TYR n 
1 107 VAL n 
1 108 VAL n 
1 109 VAL n 
1 110 VAL n 
2 1   PRO n 
2 2   ASP n 
2 3   PTR n 
2 4   GLU n 
2 5   LEU n 
2 6   LEU n 
2 7   THR n 
2 8   GLU n 
# 
_entity_src_gen.entity_id                          1 
_entity_src_gen.pdbx_src_id                        1 
_entity_src_gen.pdbx_alt_source_flag               sample 
_entity_src_gen.pdbx_seq_type                      'Biological sequence' 
_entity_src_gen.pdbx_beg_seq_num                   1 
_entity_src_gen.pdbx_end_seq_num                   110 
_entity_src_gen.gene_src_common_name               'house mouse' 
_entity_src_gen.gene_src_genus                     ? 
_entity_src_gen.pdbx_gene_src_gene                 'Sh2b3, Lnk' 
_entity_src_gen.gene_src_species                   ? 
_entity_src_gen.gene_src_strain                    ? 
_entity_src_gen.gene_src_tissue                    ? 
_entity_src_gen.gene_src_tissue_fraction           ? 
_entity_src_gen.gene_src_details                   ? 
_entity_src_gen.pdbx_gene_src_fragment             ? 
_entity_src_gen.pdbx_gene_src_scientific_name      'Mus musculus' 
_entity_src_gen.pdbx_gene_src_ncbi_taxonomy_id     10090 
_entity_src_gen.pdbx_gene_src_variant              ? 
_entity_src_gen.pdbx_gene_src_cell_line            ? 
_entity_src_gen.pdbx_gene_src_atcc                 ? 
_entity_src_gen.pdbx_gene_src_organ                ? 
_entity_src_gen.pdbx_gene_src_organelle            ? 
_entity_src_gen.pdbx_gene_src_cell                 ? 
_entity_src_gen.pdbx_gene_src_cellular_location    ? 
_entity_src_gen.host_org_common_name               ? 
_entity_src_gen.pdbx_host_org_scientific_name      'Escherichia coli' 
_entity_src_gen.pdbx_host_org_ncbi_taxonomy_id     562 
_entity_src_gen.host_org_genus                     ? 
_entity_src_gen.pdbx_host_org_gene                 ? 
_entity_src_gen.pdbx_host_org_organ                ? 
_entity_src_gen.host_org_species                   ? 
_entity_src_gen.pdbx_host_org_tissue               ? 
_entity_src_gen.pdbx_host_org_tissue_fraction      ? 
_entity_src_gen.pdbx_host_org_strain               ? 
_entity_src_gen.pdbx_host_org_variant              ? 
_entity_src_gen.pdbx_host_org_cell_line            ? 
_entity_src_gen.pdbx_host_org_atcc                 ? 
_entity_src_gen.pdbx_host_org_culture_collection   ? 
_entity_src_gen.pdbx_host_org_cell                 ? 
_entity_src_gen.pdbx_host_org_organelle            ? 
_entity_src_gen.pdbx_host_org_cellular_location    ? 
_entity_src_gen.pdbx_host_org_vector_type          ? 
_entity_src_gen.pdbx_host_org_vector               ? 
_entity_src_gen.host_org_details                   ? 
_entity_src_gen.expression_system_id               ? 
_entity_src_gen.plasmid_name                       ? 
_entity_src_gen.plasmid_details                    ? 
_entity_src_gen.pdbx_description                   ? 
# 
_pdbx_entity_src_syn.entity_id              2 
_pdbx_entity_src_syn.pdbx_src_id            1 
_pdbx_entity_src_syn.pdbx_alt_source_flag   sample 
_pdbx_entity_src_syn.pdbx_beg_seq_num       1 
_pdbx_entity_src_syn.pdbx_end_seq_num       8 
_pdbx_entity_src_syn.organism_scientific    'Homo sapiens' 
_pdbx_entity_src_syn.organism_common_name   human 
_pdbx_entity_src_syn.ncbi_taxonomy_id       9606 
_pdbx_entity_src_syn.details                ? 
# 
loop_
_chem_comp.id 
_chem_comp.type 
_chem_comp.mon_nstd_flag 
_chem_comp.name 
_chem_comp.pdbx_synonyms 
_chem_comp.formula 
_chem_comp.formula_weight 
ALA 'L-peptide linking' y ALANINE           ?                 'C3 H7 N O2'     89.093  
ARG 'L-peptide linking' y ARGININE          ?                 'C6 H15 N4 O2 1' 175.209 
ASN 'L-peptide linking' y ASPARAGINE        ?                 'C4 H8 N2 O3'    132.118 
ASP 'L-peptide linking' y 'ASPARTIC ACID'   ?                 'C4 H7 N O4'     133.103 
CL  non-polymer         . 'CHLORIDE ION'    ?                 'Cl -1'          35.453  
CYS 'L-peptide linking' y CYSTEINE          ?                 'C3 H7 N O2 S'   121.158 
GLN 'L-peptide linking' y GLUTAMINE         ?                 'C5 H10 N2 O3'   146.144 
GLU 'L-peptide linking' y 'GLUTAMIC ACID'   ?                 'C5 H9 N O4'     147.129 
GLY 'peptide linking'   y GLYCINE           ?                 'C2 H5 N O2'     75.067  
HIS 'L-peptide linking' y HISTIDINE         ?                 'C6 H10 N3 O2 1' 156.162 
HOH non-polymer         . WATER             ?                 'H2 O'           18.015  
ILE 'L-peptide linking' y ISOLEUCINE        ?                 'C6 H13 N O2'    131.173 
LEU 'L-peptide linking' y LEUCINE           ?                 'C6 H13 N O2'    131.173 
LYS 'L-peptide linking' y LYSINE            ?                 'C6 H15 N2 O2 1' 147.195 
MET 'L-peptide linking' y METHIONINE        ?                 'C5 H11 N O2 S'  149.211 
PHE 'L-peptide linking' y PHENYLALANINE     ?                 'C9 H11 N O2'    165.189 
PRO 'L-peptide linking' y PROLINE           ?                 'C5 H9 N O2'     115.130 
PTR 'L-peptide linking' n O-PHOSPHOTYROSINE PHOSPHONOTYROSINE 'C9 H12 N O6 P'  261.168 
SER 'L-peptide linking' y SERINE            ?                 'C3 H7 N O3'     105.093 
THR 'L-peptide linking' y THREONINE         ?                 'C4 H9 N O3'     119.119 
TRP 'L-peptide linking' y TRYPTOPHAN        ?                 'C11 H12 N2 O2'  204.225 
TYR 'L-peptide linking' y TYROSINE          ?                 'C9 H11 N O3'    181.189 
VAL 'L-peptide linking' y VALINE            ?                 'C5 H11 N O2'    117.146 
# 
loop_
_pdbx_poly_seq_scheme.asym_id 
_pdbx_poly_seq_scheme.entity_id 
_pdbx_poly_seq_scheme.seq_id 
_pdbx_poly_seq_scheme.mon_id 
_pdbx_poly_seq_scheme.ndb_seq_num 
_pdbx_poly_seq_scheme.pdb_seq_num 
_pdbx_poly_seq_scheme.auth_seq_num 
_pdbx_poly_seq_scheme.pdb_mon_id 
_pdbx_poly_seq_scheme.auth_mon_id 
_pdbx_poly_seq_scheme.pdb_strand_id 
_pdbx_poly_seq_scheme.pdb_ins_code 
_pdbx_poly_seq_scheme.hetero 
A 1 1   ASP 1   328 ?   ?   ?   A . n 
A 1 2   HIS 2   329 ?   ?   ?   A . n 
A 1 3   PHE 3   330 330 PHE PHE A . n 
A 1 4   LEU 4   331 331 LEU LEU A . n 
A 1 5   SER 5   332 332 SER SER A . n 
A 1 6   CYS 6   333 333 CYS CYS A . n 
A 1 7   TYR 7   334 334 TYR TYR A . n 
A 1 8   PRO 8   335 335 PRO PRO A . n 
A 1 9   TRP 9   336 336 TRP TRP A . n 
A 1 10  PHE 10  337 337 PHE PHE A . n 
A 1 11  HIS 11  338 338 HIS HIS A . n 
A 1 12  GLY 12  339 339 GLY GLY A . n 
A 1 13  PRO 13  340 340 PRO PRO A . n 
A 1 14  ILE 14  341 341 ILE ILE A . n 
A 1 15  SER 15  342 342 SER SER A . n 
A 1 16  ARG 16  343 343 ARG ARG A . n 
A 1 17  VAL 17  344 344 VAL VAL A . n 
A 1 18  ARG 18  345 345 ARG ARG A . n 
A 1 19  ALA 19  346 346 ALA ALA A . n 
A 1 20  ALA 20  347 347 ALA ALA A . n 
A 1 21  GLN 21  348 348 GLN GLN A . n 
A 1 22  LEU 22  349 349 LEU LEU A . n 
A 1 23  VAL 23  350 350 VAL VAL A . n 
A 1 24  GLN 24  351 351 GLN GLN A . n 
A 1 25  LEU 25  352 352 LEU LEU A . n 
A 1 26  GLN 26  353 353 GLN GLN A . n 
A 1 27  GLY 27  354 354 GLY GLY A . n 
A 1 28  PRO 28  355 355 PRO PRO A . n 
A 1 29  ASP 29  356 356 ASP ASP A . n 
A 1 30  ALA 30  357 357 ALA ALA A . n 
A 1 31  HIS 31  358 358 HIS HIS A . n 
A 1 32  GLY 32  359 359 GLY GLY A . n 
A 1 33  VAL 33  360 360 VAL VAL A . n 
A 1 34  PHE 34  361 361 PHE PHE A . n 
A 1 35  LEU 35  362 362 LEU LEU A . n 
A 1 36  VAL 36  363 363 VAL VAL A . n 
A 1 37  ARG 37  364 364 ARG ARG A . n 
A 1 38  GLN 38  365 365 GLN GLN A . n 
A 1 39  SER 39  366 366 SER SER A . n 
A 1 40  GLU 40  367 367 GLU GLU A . n 
A 1 41  SER 41  368 368 SER SER A . n 
A 1 42  ARG 42  369 369 ARG ARG A . n 
A 1 43  ARG 43  370 370 ARG ARG A . n 
A 1 44  GLY 44  371 371 GLY GLY A . n 
A 1 45  LYS 45  372 372 LYS LYS A . n 
A 1 46  TYR 46  373 373 TYR TYR A . n 
A 1 47  VAL 47  374 374 VAL VAL A . n 
A 1 48  LEU 48  375 375 LEU LEU A . n 
A 1 49  THR 49  376 376 THR THR A . n 
A 1 50  PHE 50  377 377 PHE PHE A . n 
A 1 51  ASN 51  378 378 ASN ASN A . n 
A 1 52  LEU 52  379 379 LEU LEU A . n 
A 1 53  GLN 53  380 380 GLN GLN A . n 
A 1 54  GLY 54  381 381 GLY GLY A . n 
A 1 55  ARG 55  382 382 ARG ARG A . n 
A 1 56  ALA 56  383 383 ALA ALA A . n 
A 1 57  LYS 57  384 384 LYS LYS A . n 
A 1 58  HIS 58  385 385 HIS HIS A . n 
A 1 59  LEU 59  386 386 LEU LEU A . n 
A 1 60  ARG 60  387 387 ARG ARG A . n 
A 1 61  LEU 61  388 388 LEU LEU A . n 
A 1 62  VAL 62  389 389 VAL VAL A . n 
A 1 63  LEU 63  390 390 LEU LEU A . n 
A 1 64  THR 64  391 391 THR THR A . n 
A 1 65  GLU 65  392 392 GLU GLU A . n 
A 1 66  ARG 66  393 393 ARG ARG A . n 
A 1 67  GLY 67  394 394 GLY GLY A . n 
A 1 68  GLN 68  395 395 GLN GLN A . n 
A 1 69  CYS 69  396 396 CYS CYS A . n 
A 1 70  ARG 70  397 397 ARG ARG A . n 
A 1 71  VAL 71  398 398 VAL VAL A . n 
A 1 72  GLN 72  399 399 GLN GLN A . n 
A 1 73  HIS 73  400 400 HIS HIS A . n 
A 1 74  LEU 74  401 401 LEU LEU A . n 
A 1 75  HIS 75  402 402 HIS HIS A . n 
A 1 76  PHE 76  403 403 PHE PHE A . n 
A 1 77  PRO 77  404 404 PRO PRO A . n 
A 1 78  SER 78  405 405 SER SER A . n 
A 1 79  VAL 79  406 406 VAL VAL A . n 
A 1 80  VAL 80  407 407 VAL VAL A . n 
A 1 81  ASP 81  408 408 ASP ASP A . n 
A 1 82  MET 82  409 409 MET MET A . n 
A 1 83  LEU 83  410 410 LEU LEU A . n 
A 1 84  ARG 84  411 411 ARG ARG A . n 
A 1 85  HIS 85  412 412 HIS HIS A . n 
A 1 86  PHE 86  413 413 PHE PHE A . n 
A 1 87  GLN 87  414 414 GLN GLN A . n 
A 1 88  ARG 88  415 415 ARG ARG A . n 
A 1 89  SER 89  416 416 SER SER A . n 
A 1 90  PRO 90  417 417 PRO PRO A . n 
A 1 91  ILE 91  418 418 ILE ILE A . n 
A 1 92  PRO 92  419 419 PRO PRO A . n 
A 1 93  LEU 93  420 420 LEU LEU A . n 
A 1 94  GLU 94  421 421 GLU GLU A . n 
A 1 95  CYS 95  422 422 CYS CYS A . n 
A 1 96  GLY 96  423 423 GLY GLY A . n 
A 1 97  ALA 97  424 424 ALA ALA A . n 
A 1 98  ALA 98  425 425 ALA ALA A . n 
A 1 99  CYS 99  426 426 CYS CYS A . n 
A 1 100 ASP 100 427 427 ASP ASP A . n 
A 1 101 VAL 101 428 428 VAL VAL A . n 
A 1 102 ARG 102 429 429 ARG ARG A . n 
A 1 103 LEU 103 430 430 LEU LEU A . n 
A 1 104 SER 104 431 431 SER SER A . n 
A 1 105 GLY 105 432 432 GLY GLY A . n 
A 1 106 TYR 106 433 433 TYR TYR A . n 
A 1 107 VAL 107 434 434 VAL VAL A . n 
A 1 108 VAL 108 435 435 VAL VAL A . n 
A 1 109 VAL 109 436 436 VAL VAL A . n 
A 1 110 VAL 110 437 437 VAL VAL A . n 
B 2 1   PRO 1   811 811 PRO PRO C . n 
B 2 2   ASP 2   812 812 ASP ASP C . n 
B 2 3   PTR 3   813 813 PTR PTR C . n 
B 2 4   GLU 4   814 814 GLU GLU C . n 
B 2 5   LEU 5   815 815 LEU LEU C . n 
B 2 6   LEU 6   816 816 LEU LEU C . n 
B 2 7   THR 7   817 817 THR THR C . n 
B 2 8   GLU 8   818 818 GLU GLU C . n 
# 
loop_
_pdbx_entity_instance_feature.ordinal 
_pdbx_entity_instance_feature.comp_id 
_pdbx_entity_instance_feature.asym_id 
_pdbx_entity_instance_feature.seq_num 
_pdbx_entity_instance_feature.auth_comp_id 
_pdbx_entity_instance_feature.auth_asym_id 
_pdbx_entity_instance_feature.auth_seq_num 
_pdbx_entity_instance_feature.feature_type 
_pdbx_entity_instance_feature.details 
1 PTR ? ? PTR ? ? 'SUBJECT OF INVESTIGATION' ? 
2 CL  ? ? CL  ? ? 'SUBJECT OF INVESTIGATION' ? 
# 
loop_
_pdbx_nonpoly_scheme.asym_id 
_pdbx_nonpoly_scheme.entity_id 
_pdbx_nonpoly_scheme.mon_id 
_pdbx_nonpoly_scheme.ndb_seq_num 
_pdbx_nonpoly_scheme.pdb_seq_num 
_pdbx_nonpoly_scheme.auth_seq_num 
_pdbx_nonpoly_scheme.pdb_mon_id 
_pdbx_nonpoly_scheme.auth_mon_id 
_pdbx_nonpoly_scheme.pdb_strand_id 
_pdbx_nonpoly_scheme.pdb_ins_code 
C 3 CL  1  501 1   CL  CL  A . 
D 4 HOH 1  601 67  HOH HOH A . 
D 4 HOH 2  602 68  HOH HOH A . 
D 4 HOH 3  603 95  HOH HOH A . 
D 4 HOH 4  604 14  HOH HOH A . 
D 4 HOH 5  605 34  HOH HOH A . 
D 4 HOH 6  606 96  HOH HOH A . 
D 4 HOH 7  607 40  HOH HOH A . 
D 4 HOH 8  608 9   HOH HOH A . 
D 4 HOH 9  609 93  HOH HOH A . 
D 4 HOH 10 610 13  HOH HOH A . 
D 4 HOH 11 611 12  HOH HOH A . 
D 4 HOH 12 612 7   HOH HOH A . 
D 4 HOH 13 613 37  HOH HOH A . 
D 4 HOH 14 614 19  HOH HOH A . 
D 4 HOH 15 615 94  HOH HOH A . 
D 4 HOH 16 616 36  HOH HOH A . 
D 4 HOH 17 617 91  HOH HOH A . 
D 4 HOH 18 618 54  HOH HOH A . 
D 4 HOH 19 619 56  HOH HOH A . 
D 4 HOH 20 620 58  HOH HOH A . 
D 4 HOH 21 621 92  HOH HOH A . 
D 4 HOH 22 622 35  HOH HOH A . 
D 4 HOH 23 623 76  HOH HOH A . 
D 4 HOH 24 624 41  HOH HOH A . 
D 4 HOH 25 625 103 HOH HOH A . 
D 4 HOH 26 626 38  HOH HOH A . 
D 4 HOH 27 627 16  HOH HOH A . 
D 4 HOH 28 628 28  HOH HOH A . 
D 4 HOH 29 629 21  HOH HOH A . 
D 4 HOH 30 630 33  HOH HOH A . 
D 4 HOH 31 631 10  HOH HOH A . 
D 4 HOH 32 632 23  HOH HOH A . 
D 4 HOH 33 633 53  HOH HOH A . 
D 4 HOH 34 634 2   HOH HOH A . 
D 4 HOH 35 635 30  HOH HOH A . 
D 4 HOH 36 636 18  HOH HOH A . 
D 4 HOH 37 637 11  HOH HOH A . 
D 4 HOH 38 638 1   HOH HOH A . 
D 4 HOH 39 639 17  HOH HOH A . 
D 4 HOH 40 640 51  HOH HOH A . 
D 4 HOH 41 641 22  HOH HOH A . 
D 4 HOH 42 642 55  HOH HOH A . 
D 4 HOH 43 643 42  HOH HOH A . 
D 4 HOH 44 644 15  HOH HOH A . 
D 4 HOH 45 645 100 HOH HOH A . 
D 4 HOH 46 646 99  HOH HOH A . 
D 4 HOH 47 647 49  HOH HOH A . 
D 4 HOH 48 648 44  HOH HOH A . 
D 4 HOH 49 649 3   HOH HOH A . 
D 4 HOH 50 650 48  HOH HOH A . 
D 4 HOH 51 651 20  HOH HOH A . 
D 4 HOH 52 652 61  HOH HOH A . 
D 4 HOH 53 653 47  HOH HOH A . 
D 4 HOH 54 654 101 HOH HOH A . 
D 4 HOH 55 655 84  HOH HOH A . 
D 4 HOH 56 656 90  HOH HOH A . 
D 4 HOH 57 657 70  HOH HOH A . 
D 4 HOH 58 658 98  HOH HOH A . 
D 4 HOH 59 659 50  HOH HOH A . 
D 4 HOH 60 660 86  HOH HOH A . 
D 4 HOH 61 661 52  HOH HOH A . 
D 4 HOH 62 662 62  HOH HOH A . 
D 4 HOH 63 663 26  HOH HOH A . 
D 4 HOH 64 664 39  HOH HOH A . 
D 4 HOH 65 665 97  HOH HOH A . 
E 4 HOH 1  901 4   HOH HOH C . 
E 4 HOH 2  902 31  HOH HOH C . 
E 4 HOH 3  903 87  HOH HOH C . 
E 4 HOH 4  904 81  HOH HOH C . 
E 4 HOH 5  905 82  HOH HOH C . 
E 4 HOH 6  906 83  HOH HOH C . 
E 4 HOH 7  907 77  HOH HOH C . 
E 4 HOH 8  908 6   HOH HOH C . 
E 4 HOH 9  909 102 HOH HOH C . 
E 4 HOH 10 910 32  HOH HOH C . 
E 4 HOH 11 911 89  HOH HOH C . 
# 
loop_
_pdbx_unobs_or_zero_occ_atoms.id 
_pdbx_unobs_or_zero_occ_atoms.PDB_model_num 
_pdbx_unobs_or_zero_occ_atoms.polymer_flag 
_pdbx_unobs_or_zero_occ_atoms.occupancy_flag 
_pdbx_unobs_or_zero_occ_atoms.auth_asym_id 
_pdbx_unobs_or_zero_occ_atoms.auth_comp_id 
_pdbx_unobs_or_zero_occ_atoms.auth_seq_id 
_pdbx_unobs_or_zero_occ_atoms.PDB_ins_code 
_pdbx_unobs_or_zero_occ_atoms.auth_atom_id 
_pdbx_unobs_or_zero_occ_atoms.label_alt_id 
_pdbx_unobs_or_zero_occ_atoms.label_asym_id 
_pdbx_unobs_or_zero_occ_atoms.label_comp_id 
_pdbx_unobs_or_zero_occ_atoms.label_seq_id 
_pdbx_unobs_or_zero_occ_atoms.label_atom_id 
1  1 Y 1 A PHE 330 ? CG  ? A PHE 3  CG  
2  1 Y 1 A PHE 330 ? CD1 ? A PHE 3  CD1 
3  1 Y 1 A PHE 330 ? CD2 ? A PHE 3  CD2 
4  1 Y 1 A PHE 330 ? CE1 ? A PHE 3  CE1 
5  1 Y 1 A PHE 330 ? CE2 ? A PHE 3  CE2 
6  1 Y 1 A PHE 330 ? CZ  ? A PHE 3  CZ  
7  1 Y 1 A ARG 370 ? CG  ? A ARG 43 CG  
8  1 Y 1 A ARG 370 ? CD  ? A ARG 43 CD  
9  1 Y 1 A ARG 370 ? NE  ? A ARG 43 NE  
10 1 Y 1 A ARG 370 ? CZ  ? A ARG 43 CZ  
11 1 Y 1 A ARG 370 ? NH1 ? A ARG 43 NH1 
12 1 Y 1 A ARG 370 ? NH2 ? A ARG 43 NH2 
13 1 Y 1 A ARG 382 ? NE  ? A ARG 55 NE  
14 1 Y 1 A ARG 382 ? CZ  ? A ARG 55 CZ  
15 1 Y 1 A ARG 382 ? NH1 ? A ARG 55 NH1 
16 1 Y 1 A ARG 382 ? NH2 ? A ARG 55 NH2 
17 1 Y 1 A ARG 387 ? CZ  ? A ARG 60 CZ  
18 1 Y 1 A ARG 387 ? NH1 ? A ARG 60 NH1 
19 1 Y 1 A ARG 387 ? NH2 ? A ARG 60 NH2 
20 1 Y 1 A GLU 392 ? CG  ? A GLU 65 CG  
21 1 Y 1 A GLU 392 ? CD  ? A GLU 65 CD  
22 1 Y 1 A GLU 392 ? OE1 ? A GLU 65 OE1 
23 1 Y 1 A GLU 392 ? OE2 ? A GLU 65 OE2 
24 1 Y 1 A ARG 393 ? CG  ? A ARG 66 CG  
25 1 Y 1 A ARG 393 ? CD  ? A ARG 66 CD  
26 1 Y 1 A ARG 393 ? NE  ? A ARG 66 NE  
27 1 Y 1 A ARG 393 ? CZ  ? A ARG 66 CZ  
28 1 Y 1 A ARG 393 ? NH1 ? A ARG 66 NH1 
29 1 Y 1 A ARG 393 ? NH2 ? A ARG 66 NH2 
30 1 Y 1 A ARG 411 ? CZ  ? A ARG 84 CZ  
31 1 Y 1 A ARG 411 ? NH1 ? A ARG 84 NH1 
32 1 Y 1 A ARG 411 ? NH2 ? A ARG 84 NH2 
33 1 Y 1 A ARG 415 ? CG  ? A ARG 88 CG  
34 1 Y 1 A ARG 415 ? CD  ? A ARG 88 CD  
35 1 Y 1 A ARG 415 ? NE  ? A ARG 88 NE  
36 1 Y 1 A ARG 415 ? CZ  ? A ARG 88 CZ  
37 1 Y 1 A ARG 415 ? NH1 ? A ARG 88 NH1 
38 1 Y 1 A ARG 415 ? NH2 ? A ARG 88 NH2 
39 1 Y 1 A GLU 421 ? CD  ? A GLU 94 CD  
40 1 Y 1 A GLU 421 ? OE1 ? A GLU 94 OE1 
41 1 Y 1 A GLU 421 ? OE2 ? A GLU 94 OE2 
# 
loop_
_software.citation_id 
_software.classification 
_software.compiler_name 
_software.compiler_version 
_software.contact_author 
_software.contact_author_email 
_software.date 
_software.description 
_software.dependencies 
_software.hardware 
_software.language 
_software.location 
_software.mods 
_software.name 
_software.os 
_software.os_version 
_software.type 
_software.version 
_software.pdbx_ordinal 
? refinement        ? ? ? ? ? ? ? ? ? ? ? PHENIX      ? ? ? 1.19.2_4158 1 
? 'data extraction' ? ? ? ? ? ? ? ? ? ? ? PDB_EXTRACT ? ? ? 3.27        2 
? 'data reduction'  ? ? ? ? ? ? ? ? ? ? ? XDS         ? ? ? .           3 
? 'data scaling'    ? ? ? ? ? ? ? ? ? ? ? XDS         ? ? ? .           4 
? phasing           ? ? ? ? ? ? ? ? ? ? ? PHENIX      ? ? ? .           5 
# 
_cell.angle_alpha                  90.000 
_cell.angle_alpha_esd              ? 
_cell.angle_beta                   108.760 
_cell.angle_beta_esd               ? 
_cell.angle_gamma                  90.000 
_cell.angle_gamma_esd              ? 
_cell.entry_id                     8CZ9 
_cell.details                      ? 
_cell.formula_units_Z              ? 
_cell.length_a                     75.829 
_cell.length_a_esd                 ? 
_cell.length_b                     37.618 
_cell.length_b_esd                 ? 
_cell.length_c                     50.497 
_cell.length_c_esd                 ? 
_cell.volume                       ? 
_cell.volume_esd                   ? 
_cell.Z_PDB                        4 
_cell.reciprocal_angle_alpha       ? 
_cell.reciprocal_angle_beta        ? 
_cell.reciprocal_angle_gamma       ? 
_cell.reciprocal_angle_alpha_esd   ? 
_cell.reciprocal_angle_beta_esd    ? 
_cell.reciprocal_angle_gamma_esd   ? 
_cell.reciprocal_length_a          ? 
_cell.reciprocal_length_b          ? 
_cell.reciprocal_length_c          ? 
_cell.reciprocal_length_a_esd      ? 
_cell.reciprocal_length_b_esd      ? 
_cell.reciprocal_length_c_esd      ? 
_cell.pdbx_unique_axis             ? 
_cell.pdbx_esd_method              ? 
# 
_symmetry.entry_id                         8CZ9 
_symmetry.cell_setting                     ? 
_symmetry.Int_Tables_number                5 
_symmetry.space_group_name_Hall            ? 
_symmetry.space_group_name_H-M             'C 1 2 1' 
_symmetry.pdbx_full_space_group_name_H-M   ? 
# 
_exptl.absorpt_coefficient_mu     ? 
_exptl.absorpt_correction_T_max   ? 
_exptl.absorpt_correction_T_min   ? 
_exptl.absorpt_correction_type    ? 
_exptl.absorpt_process_details    ? 
_exptl.entry_id                   8CZ9 
_exptl.crystals_number            1 
_exptl.details                    ? 
_exptl.method                     'X-RAY DIFFRACTION' 
_exptl.method_details             ? 
# 
_exptl_crystal.colour                       ? 
_exptl_crystal.density_diffrn               ? 
_exptl_crystal.density_Matthews             2.50 
_exptl_crystal.density_method               ? 
_exptl_crystal.density_percent_sol          50.79 
_exptl_crystal.description                  ? 
_exptl_crystal.F_000                        ? 
_exptl_crystal.id                           1 
_exptl_crystal.preparation                  ? 
_exptl_crystal.size_max                     ? 
_exptl_crystal.size_mid                     ? 
_exptl_crystal.size_min                     ? 
_exptl_crystal.size_rad                     ? 
_exptl_crystal.colour_lustre                ? 
_exptl_crystal.colour_modifier              ? 
_exptl_crystal.colour_primary               ? 
_exptl_crystal.density_meas                 ? 
_exptl_crystal.density_meas_esd             ? 
_exptl_crystal.density_meas_gt              ? 
_exptl_crystal.density_meas_lt              ? 
_exptl_crystal.density_meas_temp            ? 
_exptl_crystal.density_meas_temp_esd        ? 
_exptl_crystal.density_meas_temp_gt         ? 
_exptl_crystal.density_meas_temp_lt         ? 
_exptl_crystal.pdbx_crystal_image_url       ? 
_exptl_crystal.pdbx_crystal_image_format    ? 
_exptl_crystal.pdbx_mosaicity               ? 
_exptl_crystal.pdbx_mosaicity_esd           ? 
_exptl_crystal.pdbx_mosaic_method           ? 
_exptl_crystal.pdbx_mosaic_block_size       ? 
_exptl_crystal.pdbx_mosaic_block_size_esd   ? 
# 
_exptl_crystal_grow.apparatus       ? 
_exptl_crystal_grow.atmosphere      ? 
_exptl_crystal_grow.crystal_id      1 
_exptl_crystal_grow.details         ? 
_exptl_crystal_grow.method          'VAPOR DIFFUSION, HANGING DROP' 
_exptl_crystal_grow.method_ref      ? 
_exptl_crystal_grow.pH              ? 
_exptl_crystal_grow.pressure        ? 
_exptl_crystal_grow.pressure_esd    ? 
_exptl_crystal_grow.seeding         ? 
_exptl_crystal_grow.seeding_ref     ? 
_exptl_crystal_grow.temp            281.15 
_exptl_crystal_grow.temp_details    ? 
_exptl_crystal_grow.temp_esd        ? 
_exptl_crystal_grow.time            ? 
_exptl_crystal_grow.pdbx_details    '18% PEG 8000, 0.05 M MgAc , 0.1 M Tris ph 8.5' 
_exptl_crystal_grow.pdbx_pH_range   ? 
# 
_diffrn.ambient_environment              ? 
_diffrn.ambient_temp                     100 
_diffrn.ambient_temp_details             ? 
_diffrn.ambient_temp_esd                 ? 
_diffrn.crystal_id                       1 
_diffrn.crystal_support                  ? 
_diffrn.crystal_treatment                ? 
_diffrn.details                          ? 
_diffrn.id                               1 
_diffrn.ambient_pressure                 ? 
_diffrn.ambient_pressure_esd             ? 
_diffrn.ambient_pressure_gt              ? 
_diffrn.ambient_pressure_lt              ? 
_diffrn.ambient_temp_gt                  ? 
_diffrn.ambient_temp_lt                  ? 
_diffrn.pdbx_serial_crystal_experiment   N 
# 
_diffrn_detector.details                      ? 
_diffrn_detector.detector                     PIXEL 
_diffrn_detector.diffrn_id                    1 
_diffrn_detector.type                         'DECTRIS EIGER X 16M' 
_diffrn_detector.area_resol_mean              ? 
_diffrn_detector.dtime                        ? 
_diffrn_detector.pdbx_frames_total            ? 
_diffrn_detector.pdbx_collection_time_total   ? 
_diffrn_detector.pdbx_collection_date         2018-02-23 
_diffrn_detector.pdbx_frequency               ? 
# 
_diffrn_radiation.collimation                      ? 
_diffrn_radiation.diffrn_id                        1 
_diffrn_radiation.filter_edge                      ? 
_diffrn_radiation.inhomogeneity                    ? 
_diffrn_radiation.monochromator                    ? 
_diffrn_radiation.polarisn_norm                    ? 
_diffrn_radiation.polarisn_ratio                   ? 
_diffrn_radiation.probe                            ? 
_diffrn_radiation.type                             ? 
_diffrn_radiation.xray_symbol                      ? 
_diffrn_radiation.wavelength_id                    1 
_diffrn_radiation.pdbx_monochromatic_or_laue_m_l   M 
_diffrn_radiation.pdbx_wavelength_list             ? 
_diffrn_radiation.pdbx_wavelength                  ? 
_diffrn_radiation.pdbx_diffrn_protocol             'SINGLE WAVELENGTH' 
_diffrn_radiation.pdbx_analyzer                    ? 
_diffrn_radiation.pdbx_scattering_type             x-ray 
# 
_diffrn_radiation_wavelength.id           1 
_diffrn_radiation_wavelength.wavelength   0.95373 
_diffrn_radiation_wavelength.wt           1.0 
# 
_diffrn_source.current                     ? 
_diffrn_source.details                     ? 
_diffrn_source.diffrn_id                   1 
_diffrn_source.power                       ? 
_diffrn_source.size                        ? 
_diffrn_source.source                      SYNCHROTRON 
_diffrn_source.target                      ? 
_diffrn_source.type                        'AUSTRALIAN SYNCHROTRON BEAMLINE MX2' 
_diffrn_source.voltage                     ? 
_diffrn_source.take-off_angle              ? 
_diffrn_source.pdbx_wavelength_list        0.95373 
_diffrn_source.pdbx_wavelength             ? 
_diffrn_source.pdbx_synchrotron_beamline   MX2 
_diffrn_source.pdbx_synchrotron_site       'Australian Synchrotron' 
# 
_reflns.B_iso_Wilson_estimate                          ? 
_reflns.entry_id                                       8CZ9 
_reflns.data_reduction_details                         ? 
_reflns.data_reduction_method                          ? 
_reflns.d_resolution_high                              1.64 
_reflns.d_resolution_low                               35.9 
_reflns.details                                        ? 
_reflns.limit_h_max                                    ? 
_reflns.limit_h_min                                    ? 
_reflns.limit_k_max                                    ? 
_reflns.limit_k_min                                    ? 
_reflns.limit_l_max                                    ? 
_reflns.limit_l_min                                    ? 
_reflns.number_all                                     ? 
_reflns.number_obs                                     111266 
_reflns.observed_criterion                             ? 
_reflns.observed_criterion_F_max                       ? 
_reflns.observed_criterion_F_min                       ? 
_reflns.observed_criterion_I_max                       ? 
_reflns.observed_criterion_I_min                       ? 
_reflns.observed_criterion_sigma_F                     ? 
_reflns.observed_criterion_sigma_I                     ? 
_reflns.percent_possible_obs                           99.0 
_reflns.R_free_details                                 ? 
_reflns.Rmerge_F_all                                   ? 
_reflns.Rmerge_F_obs                                   ? 
_reflns.Friedel_coverage                               ? 
_reflns.number_gt                                      ? 
_reflns.threshold_expression                           ? 
_reflns.pdbx_redundancy                                6.8 
_reflns.pdbx_Rmerge_I_obs                              ? 
_reflns.pdbx_Rmerge_I_all                              ? 
_reflns.pdbx_Rsym_value                                ? 
_reflns.pdbx_netI_over_av_sigmaI                       ? 
_reflns.pdbx_netI_over_sigmaI                          20.45 
_reflns.pdbx_res_netI_over_av_sigmaI_2                 ? 
_reflns.pdbx_res_netI_over_sigmaI_2                    ? 
_reflns.pdbx_chi_squared                               ? 
_reflns.pdbx_scaling_rejects                           ? 
_reflns.pdbx_d_res_high_opt                            ? 
_reflns.pdbx_d_res_low_opt                             ? 
_reflns.pdbx_d_res_opt_method                          ? 
_reflns.phase_calculation_details                      ? 
_reflns.pdbx_Rrim_I_all                                ? 
_reflns.pdbx_Rpim_I_all                                ? 
_reflns.pdbx_d_opt                                     ? 
_reflns.pdbx_number_measured_all                       ? 
_reflns.pdbx_diffrn_id                                 1 
_reflns.pdbx_ordinal                                   1 
_reflns.pdbx_CC_half                                   0.99 
_reflns.pdbx_CC_star                                   ? 
_reflns.pdbx_R_split                                   ? 
_reflns.pdbx_aniso_diffraction_limit_axis_1_ortho[1]   ? 
_reflns.pdbx_aniso_diffraction_limit_axis_1_ortho[2]   ? 
_reflns.pdbx_aniso_diffraction_limit_axis_1_ortho[3]   ? 
_reflns.pdbx_aniso_diffraction_limit_axis_2_ortho[1]   ? 
_reflns.pdbx_aniso_diffraction_limit_axis_2_ortho[2]   ? 
_reflns.pdbx_aniso_diffraction_limit_axis_2_ortho[3]   ? 
_reflns.pdbx_aniso_diffraction_limit_axis_3_ortho[1]   ? 
_reflns.pdbx_aniso_diffraction_limit_axis_3_ortho[2]   ? 
_reflns.pdbx_aniso_diffraction_limit_axis_3_ortho[3]   ? 
_reflns.pdbx_aniso_diffraction_limit_1                 ? 
_reflns.pdbx_aniso_diffraction_limit_2                 ? 
_reflns.pdbx_aniso_diffraction_limit_3                 ? 
_reflns.pdbx_aniso_B_tensor_eigenvector_1_ortho[1]     ? 
_reflns.pdbx_aniso_B_tensor_eigenvector_1_ortho[2]     ? 
_reflns.pdbx_aniso_B_tensor_eigenvector_1_ortho[3]     ? 
_reflns.pdbx_aniso_B_tensor_eigenvector_2_ortho[1]     ? 
_reflns.pdbx_aniso_B_tensor_eigenvector_2_ortho[2]     ? 
_reflns.pdbx_aniso_B_tensor_eigenvector_2_ortho[3]     ? 
_reflns.pdbx_aniso_B_tensor_eigenvector_3_ortho[1]     ? 
_reflns.pdbx_aniso_B_tensor_eigenvector_3_ortho[2]     ? 
_reflns.pdbx_aniso_B_tensor_eigenvector_3_ortho[3]     ? 
_reflns.pdbx_aniso_B_tensor_eigenvalue_1               ? 
_reflns.pdbx_aniso_B_tensor_eigenvalue_2               ? 
_reflns.pdbx_aniso_B_tensor_eigenvalue_3               ? 
_reflns.pdbx_orthogonalization_convention              ? 
_reflns.pdbx_percent_possible_ellipsoidal              ? 
_reflns.pdbx_percent_possible_spherical                ? 
_reflns.pdbx_percent_possible_ellipsoidal_anomalous    ? 
_reflns.pdbx_percent_possible_spherical_anomalous      ? 
_reflns.pdbx_redundancy_anomalous                      ? 
_reflns.pdbx_CC_half_anomalous                         ? 
_reflns.pdbx_absDiff_over_sigma_anomalous              ? 
_reflns.pdbx_percent_possible_anomalous                ? 
_reflns.pdbx_observed_signal_threshold                 ? 
_reflns.pdbx_signal_type                               ? 
_reflns.pdbx_signal_details                            ? 
_reflns.pdbx_signal_software_id                        ? 
_reflns.pdbx_CC_split_method                           ? 
# 
_reflns_shell.d_res_high                                    1.65 
_reflns_shell.d_res_low                                     1.70 
_reflns_shell.meanI_over_sigI_all                           ? 
_reflns_shell.meanI_over_sigI_obs                           2.49 
_reflns_shell.number_measured_all                           ? 
_reflns_shell.number_measured_obs                           ? 
_reflns_shell.number_possible                               ? 
_reflns_shell.number_unique_all                             ? 
_reflns_shell.number_unique_obs                             11000 
_reflns_shell.percent_possible_all                          ? 
_reflns_shell.percent_possible_obs                          ? 
_reflns_shell.Rmerge_F_all                                  ? 
_reflns_shell.Rmerge_F_obs                                  ? 
_reflns_shell.Rmerge_I_all                                  ? 
_reflns_shell.Rmerge_I_obs                                  ? 
_reflns_shell.meanI_over_sigI_gt                            ? 
_reflns_shell.meanI_over_uI_all                             ? 
_reflns_shell.meanI_over_uI_gt                              ? 
_reflns_shell.number_measured_gt                            ? 
_reflns_shell.number_unique_gt                              ? 
_reflns_shell.percent_possible_gt                           ? 
_reflns_shell.Rmerge_F_gt                                   ? 
_reflns_shell.Rmerge_I_gt                                   ? 
_reflns_shell.pdbx_redundancy                               ? 
_reflns_shell.pdbx_Rsym_value                               ? 
_reflns_shell.pdbx_chi_squared                              ? 
_reflns_shell.pdbx_netI_over_sigmaI_all                     ? 
_reflns_shell.pdbx_netI_over_sigmaI_obs                     ? 
_reflns_shell.pdbx_Rrim_I_all                               0.76 
_reflns_shell.pdbx_Rpim_I_all                               ? 
_reflns_shell.pdbx_rejects                                  ? 
_reflns_shell.pdbx_ordinal                                  1 
_reflns_shell.pdbx_diffrn_id                                1 
_reflns_shell.pdbx_CC_half                                  0.818 
_reflns_shell.pdbx_CC_star                                  ? 
_reflns_shell.pdbx_R_split                                  ? 
_reflns_shell.pdbx_percent_possible_ellipsoidal             ? 
_reflns_shell.pdbx_percent_possible_spherical               ? 
_reflns_shell.pdbx_percent_possible_ellipsoidal_anomalous   ? 
_reflns_shell.pdbx_percent_possible_spherical_anomalous     ? 
_reflns_shell.pdbx_redundancy_anomalous                     ? 
_reflns_shell.pdbx_CC_half_anomalous                        ? 
_reflns_shell.pdbx_absDiff_over_sigma_anomalous             ? 
_reflns_shell.pdbx_percent_possible_anomalous               ? 
# 
_refine.aniso_B[1][1]                            ? 
_refine.aniso_B[1][2]                            ? 
_refine.aniso_B[1][3]                            ? 
_refine.aniso_B[2][2]                            ? 
_refine.aniso_B[2][3]                            ? 
_refine.aniso_B[3][3]                            ? 
_refine.B_iso_max                                70.040 
_refine.B_iso_mean                               32.7311 
_refine.B_iso_min                                17.260 
_refine.correlation_coeff_Fo_to_Fc               ? 
_refine.correlation_coeff_Fo_to_Fc_free          ? 
_refine.details                                  ? 
_refine.diff_density_max                         ? 
_refine.diff_density_max_esd                     ? 
_refine.diff_density_min                         ? 
_refine.diff_density_min_esd                     ? 
_refine.diff_density_rms                         ? 
_refine.diff_density_rms_esd                     ? 
_refine.entry_id                                 8CZ9 
_refine.pdbx_refine_id                           'X-RAY DIFFRACTION' 
_refine.ls_abs_structure_details                 ? 
_refine.ls_abs_structure_Flack                   ? 
_refine.ls_abs_structure_Flack_esd               ? 
_refine.ls_abs_structure_Rogers                  ? 
_refine.ls_abs_structure_Rogers_esd              ? 
_refine.ls_d_res_high                            1.6500 
_refine.ls_d_res_low                             35.9000 
_refine.ls_extinction_coef                       ? 
_refine.ls_extinction_coef_esd                   ? 
_refine.ls_extinction_expression                 ? 
_refine.ls_extinction_method                     ? 
_refine.ls_goodness_of_fit_all                   ? 
_refine.ls_goodness_of_fit_all_esd               ? 
_refine.ls_goodness_of_fit_obs                   ? 
_refine.ls_goodness_of_fit_obs_esd               ? 
_refine.ls_hydrogen_treatment                    ? 
_refine.ls_matrix_type                           ? 
_refine.ls_number_constraints                    ? 
_refine.ls_number_parameters                     ? 
_refine.ls_number_reflns_all                     ? 
_refine.ls_number_reflns_obs                     16335 
_refine.ls_number_reflns_R_free                  1633 
_refine.ls_number_reflns_R_work                  14702 
_refine.ls_number_restraints                     ? 
_refine.ls_percent_reflns_obs                    99.0100 
_refine.ls_percent_reflns_R_free                 10.0000 
_refine.ls_R_factor_all                          ? 
_refine.ls_R_factor_obs                          0.1877 
_refine.ls_R_factor_R_free                       0.2163 
_refine.ls_R_factor_R_free_error                 ? 
_refine.ls_R_factor_R_free_error_details         ? 
_refine.ls_R_factor_R_work                       0.1846 
_refine.ls_R_Fsqd_factor_obs                     ? 
_refine.ls_R_I_factor_obs                        ? 
_refine.ls_redundancy_reflns_all                 ? 
_refine.ls_redundancy_reflns_obs                 ? 
_refine.ls_restrained_S_all                      ? 
_refine.ls_restrained_S_obs                      ? 
_refine.ls_shift_over_esd_max                    ? 
_refine.ls_shift_over_esd_mean                   ? 
_refine.ls_structure_factor_coef                 ? 
_refine.ls_weighting_details                     ? 
_refine.ls_weighting_scheme                      ? 
_refine.ls_wR_factor_all                         ? 
_refine.ls_wR_factor_obs                         ? 
_refine.ls_wR_factor_R_free                      ? 
_refine.ls_wR_factor_R_work                      ? 
_refine.occupancy_max                            ? 
_refine.occupancy_min                            ? 
_refine.solvent_model_details                    'FLAT BULK SOLVENT MODEL' 
_refine.solvent_model_param_bsol                 ? 
_refine.solvent_model_param_ksol                 ? 
_refine.pdbx_R_complete                          ? 
_refine.ls_R_factor_gt                           ? 
_refine.ls_goodness_of_fit_gt                    ? 
_refine.ls_goodness_of_fit_ref                   ? 
_refine.ls_shift_over_su_max                     ? 
_refine.ls_shift_over_su_max_lt                  ? 
_refine.ls_shift_over_su_mean                    ? 
_refine.ls_shift_over_su_mean_lt                 ? 
_refine.pdbx_ls_sigma_I                          ? 
_refine.pdbx_ls_sigma_F                          1.380 
_refine.pdbx_ls_sigma_Fsqd                       ? 
_refine.pdbx_data_cutoff_high_absF               ? 
_refine.pdbx_data_cutoff_high_rms_absF           ? 
_refine.pdbx_data_cutoff_low_absF                ? 
_refine.pdbx_isotropic_thermal_model             ? 
_refine.pdbx_ls_cross_valid_method               THROUGHOUT 
_refine.pdbx_method_to_determine_struct          'MOLECULAR REPLACEMENT' 
_refine.pdbx_starting_model                      7R8W 
_refine.pdbx_stereochemistry_target_values       ML 
_refine.pdbx_R_Free_selection_details            ? 
_refine.pdbx_stereochem_target_val_spec_case     ? 
_refine.pdbx_overall_ESU_R                       ? 
_refine.pdbx_overall_ESU_R_Free                  ? 
_refine.pdbx_solvent_vdw_probe_radii             1.1100 
_refine.pdbx_solvent_ion_probe_radii             ? 
_refine.pdbx_solvent_shrinkage_radii             0.9000 
_refine.pdbx_real_space_R                        ? 
_refine.pdbx_density_correlation                 ? 
_refine.pdbx_pd_number_of_powder_patterns        ? 
_refine.pdbx_pd_number_of_points                 ? 
_refine.pdbx_pd_meas_number_of_points            ? 
_refine.pdbx_pd_proc_ls_prof_R_factor            ? 
_refine.pdbx_pd_proc_ls_prof_wR_factor           ? 
_refine.pdbx_pd_Marquardt_correlation_coeff      ? 
_refine.pdbx_pd_Fsqrd_R_factor                   ? 
_refine.pdbx_pd_ls_matrix_band_width             ? 
_refine.pdbx_overall_phase_error                 21.6300 
_refine.pdbx_overall_SU_R_free_Cruickshank_DPI   ? 
_refine.pdbx_overall_SU_R_free_Blow_DPI          ? 
_refine.pdbx_overall_SU_R_Blow_DPI               ? 
_refine.pdbx_TLS_residual_ADP_flag               ? 
_refine.pdbx_diffrn_id                           1 
_refine.overall_SU_B                             ? 
_refine.overall_SU_ML                            0.2100 
_refine.overall_SU_R_Cruickshank_DPI             ? 
_refine.overall_SU_R_free                        ? 
_refine.overall_FOM_free_R_set                   ? 
_refine.overall_FOM_work_R_set                   ? 
_refine.pdbx_average_fsc_overall                 ? 
_refine.pdbx_average_fsc_work                    ? 
_refine.pdbx_average_fsc_free                    ? 
# 
_refine_hist.pdbx_refine_id                   'X-RAY DIFFRACTION' 
_refine_hist.cycle_id                         final 
_refine_hist.details                          ? 
_refine_hist.d_res_high                       1.6500 
_refine_hist.d_res_low                        35.9000 
_refine_hist.number_atoms_solvent             76 
_refine_hist.number_atoms_total               975 
_refine_hist.number_reflns_all                ? 
_refine_hist.number_reflns_obs                ? 
_refine_hist.number_reflns_R_free             ? 
_refine_hist.number_reflns_R_work             ? 
_refine_hist.R_factor_all                     ? 
_refine_hist.R_factor_obs                     ? 
_refine_hist.R_factor_R_free                  ? 
_refine_hist.R_factor_R_work                  ? 
_refine_hist.pdbx_number_residues_total       116 
_refine_hist.pdbx_B_iso_mean_ligand           67.36 
_refine_hist.pdbx_B_iso_mean_solvent          42.96 
_refine_hist.pdbx_number_atoms_protein        898 
_refine_hist.pdbx_number_atoms_nucleic_acid   0 
_refine_hist.pdbx_number_atoms_ligand         1 
_refine_hist.pdbx_number_atoms_lipid          ? 
_refine_hist.pdbx_number_atoms_carb           ? 
_refine_hist.pdbx_pseudo_atom_details         ? 
# 
loop_
_refine_ls_shell.pdbx_refine_id 
_refine_ls_shell.d_res_high 
_refine_ls_shell.d_res_low 
_refine_ls_shell.number_reflns_all 
_refine_ls_shell.number_reflns_obs 
_refine_ls_shell.number_reflns_R_free 
_refine_ls_shell.number_reflns_R_work 
_refine_ls_shell.percent_reflns_obs 
_refine_ls_shell.percent_reflns_R_free 
_refine_ls_shell.R_factor_all 
_refine_ls_shell.R_factor_obs 
_refine_ls_shell.R_factor_R_free 
_refine_ls_shell.R_factor_R_free_error 
_refine_ls_shell.R_factor_R_work 
_refine_ls_shell.redundancy_reflns_all 
_refine_ls_shell.redundancy_reflns_obs 
_refine_ls_shell.wR_factor_all 
_refine_ls_shell.wR_factor_obs 
_refine_ls_shell.wR_factor_R_free 
_refine_ls_shell.wR_factor_R_work 
_refine_ls_shell.pdbx_R_complete 
_refine_ls_shell.pdbx_total_number_of_bins_used 
_refine_ls_shell.pdbx_phase_error 
_refine_ls_shell.pdbx_fsc_work 
_refine_ls_shell.pdbx_fsc_free 
'X-RAY DIFFRACTION' 1.6500 1.7000  1342 . 135 1207 97.0000  . . . 0.2727 0.0000 0.2336 . . . . . . . 12 . . . 
'X-RAY DIFFRACTION' 1.7000 1.7500  1331 . 133 1198 99.0000  . . . 0.2685 0.0000 0.2364 . . . . . . . 12 . . . 
'X-RAY DIFFRACTION' 1.7500 1.8100  1322 . 131 1191 98.0000  . . . 0.3286 0.0000 0.2523 . . . . . . . 12 . . . 
'X-RAY DIFFRACTION' 1.8100 1.8900  1358 . 136 1222 99.0000  . . . 0.2756 0.0000 0.2275 . . . . . . . 12 . . . 
'X-RAY DIFFRACTION' 1.8900 1.9700  1350 . 136 1214 99.0000  . . . 0.2981 0.0000 0.1934 . . . . . . . 12 . . . 
'X-RAY DIFFRACTION' 1.9700 2.0800  1362 . 136 1226 99.0000  . . . 0.2146 0.0000 0.1846 . . . . . . . 12 . . . 
'X-RAY DIFFRACTION' 2.0800 2.2100  1365 . 136 1229 99.0000  . . . 0.2135 0.0000 0.1994 . . . . . . . 12 . . . 
'X-RAY DIFFRACTION' 2.2100 2.3800  1348 . 135 1213 99.0000  . . . 0.2248 0.0000 0.1877 . . . . . . . 12 . . . 
'X-RAY DIFFRACTION' 2.3800 2.6100  1371 . 137 1234 100.0000 . . . 0.2253 0.0000 0.2076 . . . . . . . 12 . . . 
'X-RAY DIFFRACTION' 2.6200 2.9900  1380 . 138 1242 99.0000  . . . 0.2252 0.0000 0.1973 . . . . . . . 12 . . . 
'X-RAY DIFFRACTION' 2.9900 3.7700  1388 . 139 1249 100.0000 . . . 0.1939 0.0000 0.1775 . . . . . . . 12 . . . 
'X-RAY DIFFRACTION' 3.7700 35.9000 1418 . 141 1277 99.0000  . . . 0.1931 0.0000 0.1582 . . . . . . . 12 . . . 
# 
_struct.entry_id                     8CZ9 
_struct.title                        
'Crystal Structure of the E372K LNK SH2 Domain mutant in Complex with a JAK2 pY813 Phosphopeptide' 
_struct.pdbx_model_details           ? 
_struct.pdbx_formula_weight          ? 
_struct.pdbx_formula_weight_method   ? 
_struct.pdbx_model_type_details      ? 
_struct.pdbx_CASP_flag               N 
# 
_struct_keywords.entry_id        8CZ9 
_struct_keywords.text            'LNK, SH2B3, JAK/STAT, MPNs, SIGNALING PROTEIN' 
_struct_keywords.pdbx_keywords   'SIGNALING PROTEIN' 
# 
loop_
_struct_asym.id 
_struct_asym.pdbx_blank_PDB_chainid_flag 
_struct_asym.pdbx_modified 
_struct_asym.entity_id 
_struct_asym.details 
A N N 1 ? 
B N N 2 ? 
C N N 3 ? 
D N N 4 ? 
E N N 4 ? 
# 
loop_
_struct_ref.id 
_struct_ref.db_name 
_struct_ref.db_code 
_struct_ref.pdbx_db_accession 
_struct_ref.pdbx_db_isoform 
_struct_ref.entity_id 
_struct_ref.pdbx_seq_one_letter_code 
_struct_ref.pdbx_align_begin 
1 UNP SH2B3_RAT P50745 ? 1 
;DHFLSCYPWFHGPISRVRAAQLVQLQGPDAHGVFLVRQSESRRGEYVLTFNLQGRAKHLRLVLTERGQCRVQHLHFPSVV
DMLRHFQRSPIPLECGAACDVRLSGYVVVV
;
111 
2 PDB 8CZ9      8CZ9   ? 2 ? 1   
# 
loop_
_struct_ref_seq.align_id 
_struct_ref_seq.ref_id 
_struct_ref_seq.pdbx_PDB_id_code 
_struct_ref_seq.pdbx_strand_id 
_struct_ref_seq.seq_align_beg 
_struct_ref_seq.pdbx_seq_align_beg_ins_code 
_struct_ref_seq.seq_align_end 
_struct_ref_seq.pdbx_seq_align_end_ins_code 
_struct_ref_seq.pdbx_db_accession 
_struct_ref_seq.db_align_beg 
_struct_ref_seq.pdbx_db_align_beg_ins_code 
_struct_ref_seq.db_align_end 
_struct_ref_seq.pdbx_db_align_end_ins_code 
_struct_ref_seq.pdbx_auth_seq_align_beg 
_struct_ref_seq.pdbx_auth_seq_align_end 
1 1 8CZ9 A 1 ? 110 ? P50745 111 ? 220 ? 328 437 
2 2 8CZ9 C 1 ? 8   ? 8CZ9   811 ? 818 ? 811 818 
# 
_struct_ref_seq_dif.align_id                     1 
_struct_ref_seq_dif.pdbx_pdb_id_code             8CZ9 
_struct_ref_seq_dif.mon_id                       LYS 
_struct_ref_seq_dif.pdbx_pdb_strand_id           A 
_struct_ref_seq_dif.seq_num                      45 
_struct_ref_seq_dif.pdbx_pdb_ins_code            ? 
_struct_ref_seq_dif.pdbx_seq_db_name             UNP 
_struct_ref_seq_dif.pdbx_seq_db_accession_code   P50745 
_struct_ref_seq_dif.db_mon_id                    GLU 
_struct_ref_seq_dif.pdbx_seq_db_seq_num          155 
_struct_ref_seq_dif.details                      'engineered mutation' 
_struct_ref_seq_dif.pdbx_auth_seq_num            372 
_struct_ref_seq_dif.pdbx_ordinal                 1 
# 
_pdbx_struct_assembly.id                   1 
_pdbx_struct_assembly.details              author_and_software_defined_assembly 
_pdbx_struct_assembly.method_details       PISA 
_pdbx_struct_assembly.oligomeric_details   dimeric 
_pdbx_struct_assembly.oligomeric_count     2 
# 
loop_
_pdbx_struct_assembly_prop.biol_id 
_pdbx_struct_assembly_prop.type 
_pdbx_struct_assembly_prop.value 
_pdbx_struct_assembly_prop.details 
1 'ABSA (A^2)' 1410 ? 
1 MORE         -16  ? 
1 'SSA (A^2)'  6330 ? 
# 
_pdbx_struct_assembly_gen.assembly_id       1 
_pdbx_struct_assembly_gen.oper_expression   1 
_pdbx_struct_assembly_gen.asym_id_list      A,B,C,D,E 
# 
_pdbx_struct_assembly_auth_evidence.id                     1 
_pdbx_struct_assembly_auth_evidence.assembly_id            1 
_pdbx_struct_assembly_auth_evidence.experimental_support   'gel filtration' 
_pdbx_struct_assembly_auth_evidence.details                ? 
# 
_pdbx_struct_oper_list.id                   1 
_pdbx_struct_oper_list.type                 'identity operation' 
_pdbx_struct_oper_list.name                 1_555 
_pdbx_struct_oper_list.symmetry_operation   x,y,z 
_pdbx_struct_oper_list.matrix[1][1]         1.0000000000 
_pdbx_struct_oper_list.matrix[1][2]         0.0000000000 
_pdbx_struct_oper_list.matrix[1][3]         0.0000000000 
_pdbx_struct_oper_list.vector[1]            0.0000000000 
_pdbx_struct_oper_list.matrix[2][1]         0.0000000000 
_pdbx_struct_oper_list.matrix[2][2]         1.0000000000 
_pdbx_struct_oper_list.matrix[2][3]         0.0000000000 
_pdbx_struct_oper_list.vector[2]            0.0000000000 
_pdbx_struct_oper_list.matrix[3][1]         0.0000000000 
_pdbx_struct_oper_list.matrix[3][2]         0.0000000000 
_pdbx_struct_oper_list.matrix[3][3]         1.0000000000 
_pdbx_struct_oper_list.vector[3]            0.0000000000 
# 
loop_
_struct_conf.conf_type_id 
_struct_conf.id 
_struct_conf.pdbx_PDB_helix_id 
_struct_conf.beg_label_comp_id 
_struct_conf.beg_label_asym_id 
_struct_conf.beg_label_seq_id 
_struct_conf.pdbx_beg_PDB_ins_code 
_struct_conf.end_label_comp_id 
_struct_conf.end_label_asym_id 
_struct_conf.end_label_seq_id 
_struct_conf.pdbx_end_PDB_ins_code 
_struct_conf.beg_auth_comp_id 
_struct_conf.beg_auth_asym_id 
_struct_conf.beg_auth_seq_id 
_struct_conf.end_auth_comp_id 
_struct_conf.end_auth_asym_id 
_struct_conf.end_auth_seq_id 
_struct_conf.pdbx_PDB_helix_class 
_struct_conf.details 
_struct_conf.pdbx_PDB_helix_length 
HELX_P HELX_P1 AA1 PHE A 3  ? TYR A 7   ? PHE A 330 TYR A 334 5 ? 5  
HELX_P HELX_P2 AA2 SER A 15 ? LEU A 25  ? SER A 342 LEU A 352 1 ? 11 
HELX_P HELX_P3 AA3 GLN A 26 ? HIS A 31  ? GLN A 353 HIS A 358 5 ? 6  
HELX_P HELX_P4 AA4 SER A 78 ? SER A 89  ? SER A 405 SER A 416 1 ? 12 
HELX_P HELX_P5 AA5 CYS A 95 ? ASP A 100 ? CYS A 422 ASP A 427 5 ? 6  
# 
_struct_conf_type.id          HELX_P 
_struct_conf_type.criteria    ? 
_struct_conf_type.reference   ? 
# 
loop_
_struct_conn.id 
_struct_conn.conn_type_id 
_struct_conn.pdbx_leaving_atom_flag 
_struct_conn.pdbx_PDB_id 
_struct_conn.ptnr1_label_asym_id 
_struct_conn.ptnr1_label_comp_id 
_struct_conn.ptnr1_label_seq_id 
_struct_conn.ptnr1_label_atom_id 
_struct_conn.pdbx_ptnr1_label_alt_id 
_struct_conn.pdbx_ptnr1_PDB_ins_code 
_struct_conn.pdbx_ptnr1_standard_comp_id 
_struct_conn.ptnr1_symmetry 
_struct_conn.ptnr2_label_asym_id 
_struct_conn.ptnr2_label_comp_id 
_struct_conn.ptnr2_label_seq_id 
_struct_conn.ptnr2_label_atom_id 
_struct_conn.pdbx_ptnr2_label_alt_id 
_struct_conn.pdbx_ptnr2_PDB_ins_code 
_struct_conn.ptnr1_auth_asym_id 
_struct_conn.ptnr1_auth_comp_id 
_struct_conn.ptnr1_auth_seq_id 
_struct_conn.ptnr2_auth_asym_id 
_struct_conn.ptnr2_auth_comp_id 
_struct_conn.ptnr2_auth_seq_id 
_struct_conn.ptnr2_symmetry 
_struct_conn.pdbx_ptnr3_label_atom_id 
_struct_conn.pdbx_ptnr3_label_seq_id 
_struct_conn.pdbx_ptnr3_label_comp_id 
_struct_conn.pdbx_ptnr3_label_asym_id 
_struct_conn.pdbx_ptnr3_label_alt_id 
_struct_conn.pdbx_ptnr3_PDB_ins_code 
_struct_conn.details 
_struct_conn.pdbx_dist_value 
_struct_conn.pdbx_value_order 
_struct_conn.pdbx_role 
disulf1 disulf ?    ? A CYS 95 SG ? ? ? 1_555 A CYS 99 SG A ? A CYS 422 A CYS 426 1_555 ? ? ? ? ? ? ? 2.030 ? ? 
disulf2 disulf ?    ? A CYS 95 SG ? ? ? 1_555 A CYS 99 SG B ? A CYS 422 A CYS 426 1_555 ? ? ? ? ? ? ? 2.044 ? ? 
covale1 covale both ? B ASP 2  C  ? ? ? 1_555 B PTR 3  N  ? ? C ASP 812 C PTR 813 1_555 ? ? ? ? ? ? ? 1.324 ? ? 
covale2 covale both ? B PTR 3  C  ? ? ? 1_555 B GLU 4  N  ? ? C PTR 813 C GLU 814 1_555 ? ? ? ? ? ? ? 1.324 ? ? 
# 
loop_
_struct_conn_type.id 
_struct_conn_type.criteria 
_struct_conn_type.reference 
disulf ? ? 
covale ? ? 
# 
loop_
_pdbx_modification_feature.ordinal 
_pdbx_modification_feature.label_comp_id 
_pdbx_modification_feature.label_asym_id 
_pdbx_modification_feature.label_seq_id 
_pdbx_modification_feature.label_alt_id 
_pdbx_modification_feature.modified_residue_label_comp_id 
_pdbx_modification_feature.modified_residue_label_asym_id 
_pdbx_modification_feature.modified_residue_label_seq_id 
_pdbx_modification_feature.modified_residue_label_alt_id 
_pdbx_modification_feature.auth_comp_id 
_pdbx_modification_feature.auth_asym_id 
_pdbx_modification_feature.auth_seq_id 
_pdbx_modification_feature.PDB_ins_code 
_pdbx_modification_feature.symmetry 
_pdbx_modification_feature.modified_residue_auth_comp_id 
_pdbx_modification_feature.modified_residue_auth_asym_id 
_pdbx_modification_feature.modified_residue_auth_seq_id 
_pdbx_modification_feature.modified_residue_PDB_ins_code 
_pdbx_modification_feature.modified_residue_symmetry 
_pdbx_modification_feature.comp_id_linking_atom 
_pdbx_modification_feature.modified_residue_id_linking_atom 
_pdbx_modification_feature.modified_residue_id 
_pdbx_modification_feature.ref_pcm_id 
_pdbx_modification_feature.ref_comp_id 
_pdbx_modification_feature.type 
_pdbx_modification_feature.category 
1 PTR B 3  ? .   . .  . PTR C 813 ? 1_555 .   . .   . .     .  .  TYR 1 PTR Phosphorylation 'Named protein modification' 
2 CYS A 95 ? CYS A 99 A CYS A 422 ? 1_555 CYS A 426 ? 1_555 SG SG .   . .   None            'Disulfide bridge'           
3 CYS A 95 ? CYS A 99 B CYS A 422 ? 1_555 CYS A 426 ? 1_555 SG SG .   . .   None            'Disulfide bridge'           
# 
_struct_sheet.id               AA1 
_struct_sheet.type             ? 
_struct_sheet.number_strands   5 
_struct_sheet.details          ? 
# 
loop_
_struct_sheet_order.sheet_id 
_struct_sheet_order.range_id_1 
_struct_sheet_order.range_id_2 
_struct_sheet_order.offset 
_struct_sheet_order.sense 
AA1 1 2 ? anti-parallel 
AA1 2 3 ? anti-parallel 
AA1 3 4 ? anti-parallel 
AA1 4 5 ? anti-parallel 
# 
loop_
_struct_sheet_range.sheet_id 
_struct_sheet_range.id 
_struct_sheet_range.beg_label_comp_id 
_struct_sheet_range.beg_label_asym_id 
_struct_sheet_range.beg_label_seq_id 
_struct_sheet_range.pdbx_beg_PDB_ins_code 
_struct_sheet_range.end_label_comp_id 
_struct_sheet_range.end_label_asym_id 
_struct_sheet_range.end_label_seq_id 
_struct_sheet_range.pdbx_end_PDB_ins_code 
_struct_sheet_range.beg_auth_comp_id 
_struct_sheet_range.beg_auth_asym_id 
_struct_sheet_range.beg_auth_seq_id 
_struct_sheet_range.end_auth_comp_id 
_struct_sheet_range.end_auth_asym_id 
_struct_sheet_range.end_auth_seq_id 
AA1 1 PHE A 34 ? GLN A 38 ? PHE A 361 GLN A 365 
AA1 2 TYR A 46 ? LEU A 52 ? TYR A 373 LEU A 379 
AA1 3 ARG A 55 ? LEU A 63 ? ARG A 382 LEU A 390 
AA1 4 CYS A 69 ? VAL A 71 ? CYS A 396 VAL A 398 
AA1 5 LEU A 74 ? PHE A 76 ? LEU A 401 PHE A 403 
# 
loop_
_pdbx_struct_sheet_hbond.sheet_id 
_pdbx_struct_sheet_hbond.range_id_1 
_pdbx_struct_sheet_hbond.range_id_2 
_pdbx_struct_sheet_hbond.range_1_label_atom_id 
_pdbx_struct_sheet_hbond.range_1_label_comp_id 
_pdbx_struct_sheet_hbond.range_1_label_asym_id 
_pdbx_struct_sheet_hbond.range_1_label_seq_id 
_pdbx_struct_sheet_hbond.range_1_PDB_ins_code 
_pdbx_struct_sheet_hbond.range_1_auth_atom_id 
_pdbx_struct_sheet_hbond.range_1_auth_comp_id 
_pdbx_struct_sheet_hbond.range_1_auth_asym_id 
_pdbx_struct_sheet_hbond.range_1_auth_seq_id 
_pdbx_struct_sheet_hbond.range_2_label_atom_id 
_pdbx_struct_sheet_hbond.range_2_label_comp_id 
_pdbx_struct_sheet_hbond.range_2_label_asym_id 
_pdbx_struct_sheet_hbond.range_2_label_seq_id 
_pdbx_struct_sheet_hbond.range_2_PDB_ins_code 
_pdbx_struct_sheet_hbond.range_2_auth_atom_id 
_pdbx_struct_sheet_hbond.range_2_auth_comp_id 
_pdbx_struct_sheet_hbond.range_2_auth_asym_id 
_pdbx_struct_sheet_hbond.range_2_auth_seq_id 
AA1 1 2 N ARG A 37 ? N ARG A 364 O VAL A 47 ? O VAL A 374 
AA1 2 3 N LEU A 52 ? N LEU A 379 O ARG A 55 ? O ARG A 382 
AA1 3 4 N VAL A 62 ? N VAL A 389 O ARG A 70 ? O ARG A 397 
AA1 4 5 N VAL A 71 ? N VAL A 398 O LEU A 74 ? O LEU A 401 
# 
_pdbx_entry_details.entry_id                   8CZ9 
_pdbx_entry_details.has_ligand_of_interest     Y 
_pdbx_entry_details.compound_details           ? 
_pdbx_entry_details.source_details             ? 
_pdbx_entry_details.nonpolymer_details         ? 
_pdbx_entry_details.sequence_details           ? 
_pdbx_entry_details.has_protein_modification   Y 
# 
loop_
_pdbx_validate_close_contact.id 
_pdbx_validate_close_contact.PDB_model_num 
_pdbx_validate_close_contact.auth_atom_id_1 
_pdbx_validate_close_contact.auth_asym_id_1 
_pdbx_validate_close_contact.auth_comp_id_1 
_pdbx_validate_close_contact.auth_seq_id_1 
_pdbx_validate_close_contact.PDB_ins_code_1 
_pdbx_validate_close_contact.label_alt_id_1 
_pdbx_validate_close_contact.auth_atom_id_2 
_pdbx_validate_close_contact.auth_asym_id_2 
_pdbx_validate_close_contact.auth_comp_id_2 
_pdbx_validate_close_contact.auth_seq_id_2 
_pdbx_validate_close_contact.PDB_ins_code_2 
_pdbx_validate_close_contact.label_alt_id_2 
_pdbx_validate_close_contact.dist 
1 1 OE1 A GLU 367 ? ? O A HOH 601 ? ? 2.04 
2 1 O   C HOH 906 ? ? O C HOH 911 ? ? 2.18 
# 
loop_
_pdbx_validate_torsion.id 
_pdbx_validate_torsion.PDB_model_num 
_pdbx_validate_torsion.auth_comp_id 
_pdbx_validate_torsion.auth_asym_id 
_pdbx_validate_torsion.auth_seq_id 
_pdbx_validate_torsion.PDB_ins_code 
_pdbx_validate_torsion.label_alt_id 
_pdbx_validate_torsion.phi 
_pdbx_validate_torsion.psi 
1 1 GLN A 399 ? ? 56.19   -113.74 
2 1 SER A 431 ? ? -116.00 -106.48 
# 
loop_
_pdbx_struct_special_symmetry.id 
_pdbx_struct_special_symmetry.PDB_model_num 
_pdbx_struct_special_symmetry.auth_asym_id 
_pdbx_struct_special_symmetry.auth_comp_id 
_pdbx_struct_special_symmetry.auth_seq_id 
_pdbx_struct_special_symmetry.PDB_ins_code 
_pdbx_struct_special_symmetry.label_asym_id 
_pdbx_struct_special_symmetry.label_comp_id 
_pdbx_struct_special_symmetry.label_seq_id 
1 1 A HOH 616 ? D HOH . 
2 1 A HOH 651 ? D HOH . 
# 
loop_
_pdbx_unobs_or_zero_occ_residues.id 
_pdbx_unobs_or_zero_occ_residues.PDB_model_num 
_pdbx_unobs_or_zero_occ_residues.polymer_flag 
_pdbx_unobs_or_zero_occ_residues.occupancy_flag 
_pdbx_unobs_or_zero_occ_residues.auth_asym_id 
_pdbx_unobs_or_zero_occ_residues.auth_comp_id 
_pdbx_unobs_or_zero_occ_residues.auth_seq_id 
_pdbx_unobs_or_zero_occ_residues.PDB_ins_code 
_pdbx_unobs_or_zero_occ_residues.label_asym_id 
_pdbx_unobs_or_zero_occ_residues.label_comp_id 
_pdbx_unobs_or_zero_occ_residues.label_seq_id 
1 1 Y 1 A ASP 328 ? A ASP 1 
2 1 Y 1 A HIS 329 ? A HIS 2 
# 
loop_
_chem_comp_atom.comp_id 
_chem_comp_atom.atom_id 
_chem_comp_atom.type_symbol 
_chem_comp_atom.pdbx_aromatic_flag 
_chem_comp_atom.pdbx_stereo_config 
_chem_comp_atom.pdbx_ordinal 
ALA N    N  N N 1   
ALA CA   C  N S 2   
ALA C    C  N N 3   
ALA O    O  N N 4   
ALA CB   C  N N 5   
ALA OXT  O  N N 6   
ALA H    H  N N 7   
ALA H2   H  N N 8   
ALA HA   H  N N 9   
ALA HB1  H  N N 10  
ALA HB2  H  N N 11  
ALA HB3  H  N N 12  
ALA HXT  H  N N 13  
ARG N    N  N N 14  
ARG CA   C  N S 15  
ARG C    C  N N 16  
ARG O    O  N N 17  
ARG CB   C  N N 18  
ARG CG   C  N N 19  
ARG CD   C  N N 20  
ARG NE   N  N N 21  
ARG CZ   C  N N 22  
ARG NH1  N  N N 23  
ARG NH2  N  N N 24  
ARG OXT  O  N N 25  
ARG H    H  N N 26  
ARG H2   H  N N 27  
ARG HA   H  N N 28  
ARG HB2  H  N N 29  
ARG HB3  H  N N 30  
ARG HG2  H  N N 31  
ARG HG3  H  N N 32  
ARG HD2  H  N N 33  
ARG HD3  H  N N 34  
ARG HE   H  N N 35  
ARG HH11 H  N N 36  
ARG HH12 H  N N 37  
ARG HH21 H  N N 38  
ARG HH22 H  N N 39  
ARG HXT  H  N N 40  
ASN N    N  N N 41  
ASN CA   C  N S 42  
ASN C    C  N N 43  
ASN O    O  N N 44  
ASN CB   C  N N 45  
ASN CG   C  N N 46  
ASN OD1  O  N N 47  
ASN ND2  N  N N 48  
ASN OXT  O  N N 49  
ASN H    H  N N 50  
ASN H2   H  N N 51  
ASN HA   H  N N 52  
ASN HB2  H  N N 53  
ASN HB3  H  N N 54  
ASN HD21 H  N N 55  
ASN HD22 H  N N 56  
ASN HXT  H  N N 57  
ASP N    N  N N 58  
ASP CA   C  N S 59  
ASP C    C  N N 60  
ASP O    O  N N 61  
ASP CB   C  N N 62  
ASP CG   C  N N 63  
ASP OD1  O  N N 64  
ASP OD2  O  N N 65  
ASP OXT  O  N N 66  
ASP H    H  N N 67  
ASP H2   H  N N 68  
ASP HA   H  N N 69  
ASP HB2  H  N N 70  
ASP HB3  H  N N 71  
ASP HD2  H  N N 72  
ASP HXT  H  N N 73  
CL  CL   CL N N 74  
CYS N    N  N N 75  
CYS CA   C  N R 76  
CYS C    C  N N 77  
CYS O    O  N N 78  
CYS CB   C  N N 79  
CYS SG   S  N N 80  
CYS OXT  O  N N 81  
CYS H    H  N N 82  
CYS H2   H  N N 83  
CYS HA   H  N N 84  
CYS HB2  H  N N 85  
CYS HB3  H  N N 86  
CYS HG   H  N N 87  
CYS HXT  H  N N 88  
GLN N    N  N N 89  
GLN CA   C  N S 90  
GLN C    C  N N 91  
GLN O    O  N N 92  
GLN CB   C  N N 93  
GLN CG   C  N N 94  
GLN CD   C  N N 95  
GLN OE1  O  N N 96  
GLN NE2  N  N N 97  
GLN OXT  O  N N 98  
GLN H    H  N N 99  
GLN H2   H  N N 100 
GLN HA   H  N N 101 
GLN HB2  H  N N 102 
GLN HB3  H  N N 103 
GLN HG2  H  N N 104 
GLN HG3  H  N N 105 
GLN HE21 H  N N 106 
GLN HE22 H  N N 107 
GLN HXT  H  N N 108 
GLU N    N  N N 109 
GLU CA   C  N S 110 
GLU C    C  N N 111 
GLU O    O  N N 112 
GLU CB   C  N N 113 
GLU CG   C  N N 114 
GLU CD   C  N N 115 
GLU OE1  O  N N 116 
GLU OE2  O  N N 117 
GLU OXT  O  N N 118 
GLU H    H  N N 119 
GLU H2   H  N N 120 
GLU HA   H  N N 121 
GLU HB2  H  N N 122 
GLU HB3  H  N N 123 
GLU HG2  H  N N 124 
GLU HG3  H  N N 125 
GLU HE2  H  N N 126 
GLU HXT  H  N N 127 
GLY N    N  N N 128 
GLY CA   C  N N 129 
GLY C    C  N N 130 
GLY O    O  N N 131 
GLY OXT  O  N N 132 
GLY H    H  N N 133 
GLY H2   H  N N 134 
GLY HA2  H  N N 135 
GLY HA3  H  N N 136 
GLY HXT  H  N N 137 
HIS N    N  N N 138 
HIS CA   C  N S 139 
HIS C    C  N N 140 
HIS O    O  N N 141 
HIS CB   C  N N 142 
HIS CG   C  Y N 143 
HIS ND1  N  Y N 144 
HIS CD2  C  Y N 145 
HIS CE1  C  Y N 146 
HIS NE2  N  Y N 147 
HIS OXT  O  N N 148 
HIS H    H  N N 149 
HIS H2   H  N N 150 
HIS HA   H  N N 151 
HIS HB2  H  N N 152 
HIS HB3  H  N N 153 
HIS HD1  H  N N 154 
HIS HD2  H  N N 155 
HIS HE1  H  N N 156 
HIS HE2  H  N N 157 
HIS HXT  H  N N 158 
HOH O    O  N N 159 
HOH H1   H  N N 160 
HOH H2   H  N N 161 
ILE N    N  N N 162 
ILE CA   C  N S 163 
ILE C    C  N N 164 
ILE O    O  N N 165 
ILE CB   C  N S 166 
ILE CG1  C  N N 167 
ILE CG2  C  N N 168 
ILE CD1  C  N N 169 
ILE OXT  O  N N 170 
ILE H    H  N N 171 
ILE H2   H  N N 172 
ILE HA   H  N N 173 
ILE HB   H  N N 174 
ILE HG12 H  N N 175 
ILE HG13 H  N N 176 
ILE HG21 H  N N 177 
ILE HG22 H  N N 178 
ILE HG23 H  N N 179 
ILE HD11 H  N N 180 
ILE HD12 H  N N 181 
ILE HD13 H  N N 182 
ILE HXT  H  N N 183 
LEU N    N  N N 184 
LEU CA   C  N S 185 
LEU C    C  N N 186 
LEU O    O  N N 187 
LEU CB   C  N N 188 
LEU CG   C  N N 189 
LEU CD1  C  N N 190 
LEU CD2  C  N N 191 
LEU OXT  O  N N 192 
LEU H    H  N N 193 
LEU H2   H  N N 194 
LEU HA   H  N N 195 
LEU HB2  H  N N 196 
LEU HB3  H  N N 197 
LEU HG   H  N N 198 
LEU HD11 H  N N 199 
LEU HD12 H  N N 200 
LEU HD13 H  N N 201 
LEU HD21 H  N N 202 
LEU HD22 H  N N 203 
LEU HD23 H  N N 204 
LEU HXT  H  N N 205 
LYS N    N  N N 206 
LYS CA   C  N S 207 
LYS C    C  N N 208 
LYS O    O  N N 209 
LYS CB   C  N N 210 
LYS CG   C  N N 211 
LYS CD   C  N N 212 
LYS CE   C  N N 213 
LYS NZ   N  N N 214 
LYS OXT  O  N N 215 
LYS H    H  N N 216 
LYS H2   H  N N 217 
LYS HA   H  N N 218 
LYS HB2  H  N N 219 
LYS HB3  H  N N 220 
LYS HG2  H  N N 221 
LYS HG3  H  N N 222 
LYS HD2  H  N N 223 
LYS HD3  H  N N 224 
LYS HE2  H  N N 225 
LYS HE3  H  N N 226 
LYS HZ1  H  N N 227 
LYS HZ2  H  N N 228 
LYS HZ3  H  N N 229 
LYS HXT  H  N N 230 
MET N    N  N N 231 
MET CA   C  N S 232 
MET C    C  N N 233 
MET O    O  N N 234 
MET CB   C  N N 235 
MET CG   C  N N 236 
MET SD   S  N N 237 
MET CE   C  N N 238 
MET OXT  O  N N 239 
MET H    H  N N 240 
MET H2   H  N N 241 
MET HA   H  N N 242 
MET HB2  H  N N 243 
MET HB3  H  N N 244 
MET HG2  H  N N 245 
MET HG3  H  N N 246 
MET HE1  H  N N 247 
MET HE2  H  N N 248 
MET HE3  H  N N 249 
MET HXT  H  N N 250 
PHE N    N  N N 251 
PHE CA   C  N S 252 
PHE C    C  N N 253 
PHE O    O  N N 254 
PHE CB   C  N N 255 
PHE CG   C  Y N 256 
PHE CD1  C  Y N 257 
PHE CD2  C  Y N 258 
PHE CE1  C  Y N 259 
PHE CE2  C  Y N 260 
PHE CZ   C  Y N 261 
PHE OXT  O  N N 262 
PHE H    H  N N 263 
PHE H2   H  N N 264 
PHE HA   H  N N 265 
PHE HB2  H  N N 266 
PHE HB3  H  N N 267 
PHE HD1  H  N N 268 
PHE HD2  H  N N 269 
PHE HE1  H  N N 270 
PHE HE2  H  N N 271 
PHE HZ   H  N N 272 
PHE HXT  H  N N 273 
PRO N    N  N N 274 
PRO CA   C  N S 275 
PRO C    C  N N 276 
PRO O    O  N N 277 
PRO CB   C  N N 278 
PRO CG   C  N N 279 
PRO CD   C  N N 280 
PRO OXT  O  N N 281 
PRO H    H  N N 282 
PRO HA   H  N N 283 
PRO HB2  H  N N 284 
PRO HB3  H  N N 285 
PRO HG2  H  N N 286 
PRO HG3  H  N N 287 
PRO HD2  H  N N 288 
PRO HD3  H  N N 289 
PRO HXT  H  N N 290 
PTR N    N  N N 291 
PTR CA   C  N S 292 
PTR C    C  N N 293 
PTR O    O  N N 294 
PTR OXT  O  N N 295 
PTR CB   C  N N 296 
PTR CG   C  Y N 297 
PTR CD1  C  Y N 298 
PTR CD2  C  Y N 299 
PTR CE1  C  Y N 300 
PTR CE2  C  Y N 301 
PTR CZ   C  Y N 302 
PTR OH   O  N N 303 
PTR P    P  N N 304 
PTR O1P  O  N N 305 
PTR O2P  O  N N 306 
PTR O3P  O  N N 307 
PTR H    H  N N 308 
PTR H2   H  N N 309 
PTR HA   H  N N 310 
PTR HXT  H  N N 311 
PTR HB2  H  N N 312 
PTR HB3  H  N N 313 
PTR HD1  H  N N 314 
PTR HD2  H  N N 315 
PTR HE1  H  N N 316 
PTR HE2  H  N N 317 
PTR HO2P H  N N 318 
PTR HO3P H  N N 319 
SER N    N  N N 320 
SER CA   C  N S 321 
SER C    C  N N 322 
SER O    O  N N 323 
SER CB   C  N N 324 
SER OG   O  N N 325 
SER OXT  O  N N 326 
SER H    H  N N 327 
SER H2   H  N N 328 
SER HA   H  N N 329 
SER HB2  H  N N 330 
SER HB3  H  N N 331 
SER HG   H  N N 332 
SER HXT  H  N N 333 
THR N    N  N N 334 
THR CA   C  N S 335 
THR C    C  N N 336 
THR O    O  N N 337 
THR CB   C  N R 338 
THR OG1  O  N N 339 
THR CG2  C  N N 340 
THR OXT  O  N N 341 
THR H    H  N N 342 
THR H2   H  N N 343 
THR HA   H  N N 344 
THR HB   H  N N 345 
THR HG1  H  N N 346 
THR HG21 H  N N 347 
THR HG22 H  N N 348 
THR HG23 H  N N 349 
THR HXT  H  N N 350 
TRP N    N  N N 351 
TRP CA   C  N S 352 
TRP C    C  N N 353 
TRP O    O  N N 354 
TRP CB   C  N N 355 
TRP CG   C  Y N 356 
TRP CD1  C  Y N 357 
TRP CD2  C  Y N 358 
TRP NE1  N  Y N 359 
TRP CE2  C  Y N 360 
TRP CE3  C  Y N 361 
TRP CZ2  C  Y N 362 
TRP CZ3  C  Y N 363 
TRP CH2  C  Y N 364 
TRP OXT  O  N N 365 
TRP H    H  N N 366 
TRP H2   H  N N 367 
TRP HA   H  N N 368 
TRP HB2  H  N N 369 
TRP HB3  H  N N 370 
TRP HD1  H  N N 371 
TRP HE1  H  N N 372 
TRP HE3  H  N N 373 
TRP HZ2  H  N N 374 
TRP HZ3  H  N N 375 
TRP HH2  H  N N 376 
TRP HXT  H  N N 377 
TYR N    N  N N 378 
TYR CA   C  N S 379 
TYR C    C  N N 380 
TYR O    O  N N 381 
TYR CB   C  N N 382 
TYR CG   C  Y N 383 
TYR CD1  C  Y N 384 
TYR CD2  C  Y N 385 
TYR CE1  C  Y N 386 
TYR CE2  C  Y N 387 
TYR CZ   C  Y N 388 
TYR OH   O  N N 389 
TYR OXT  O  N N 390 
TYR H    H  N N 391 
TYR H2   H  N N 392 
TYR HA   H  N N 393 
TYR HB2  H  N N 394 
TYR HB3  H  N N 395 
TYR HD1  H  N N 396 
TYR HD2  H  N N 397 
TYR HE1  H  N N 398 
TYR HE2  H  N N 399 
TYR HH   H  N N 400 
TYR HXT  H  N N 401 
VAL N    N  N N 402 
VAL CA   C  N S 403 
VAL C    C  N N 404 
VAL O    O  N N 405 
VAL CB   C  N N 406 
VAL CG1  C  N N 407 
VAL CG2  C  N N 408 
VAL OXT  O  N N 409 
VAL H    H  N N 410 
VAL H2   H  N N 411 
VAL HA   H  N N 412 
VAL HB   H  N N 413 
VAL HG11 H  N N 414 
VAL HG12 H  N N 415 
VAL HG13 H  N N 416 
VAL HG21 H  N N 417 
VAL HG22 H  N N 418 
VAL HG23 H  N N 419 
VAL HXT  H  N N 420 
# 
loop_
_chem_comp_bond.comp_id 
_chem_comp_bond.atom_id_1 
_chem_comp_bond.atom_id_2 
_chem_comp_bond.value_order 
_chem_comp_bond.pdbx_aromatic_flag 
_chem_comp_bond.pdbx_stereo_config 
_chem_comp_bond.pdbx_ordinal 
ALA N   CA   sing N N 1   
ALA N   H    sing N N 2   
ALA N   H2   sing N N 3   
ALA CA  C    sing N N 4   
ALA CA  CB   sing N N 5   
ALA CA  HA   sing N N 6   
ALA C   O    doub N N 7   
ALA C   OXT  sing N N 8   
ALA CB  HB1  sing N N 9   
ALA CB  HB2  sing N N 10  
ALA CB  HB3  sing N N 11  
ALA OXT HXT  sing N N 12  
ARG N   CA   sing N N 13  
ARG N   H    sing N N 14  
ARG N   H2   sing N N 15  
ARG CA  C    sing N N 16  
ARG CA  CB   sing N N 17  
ARG CA  HA   sing N N 18  
ARG C   O    doub N N 19  
ARG C   OXT  sing N N 20  
ARG CB  CG   sing N N 21  
ARG CB  HB2  sing N N 22  
ARG CB  HB3  sing N N 23  
ARG CG  CD   sing N N 24  
ARG CG  HG2  sing N N 25  
ARG CG  HG3  sing N N 26  
ARG CD  NE   sing N N 27  
ARG CD  HD2  sing N N 28  
ARG CD  HD3  sing N N 29  
ARG NE  CZ   sing N N 30  
ARG NE  HE   sing N N 31  
ARG CZ  NH1  sing N N 32  
ARG CZ  NH2  doub N N 33  
ARG NH1 HH11 sing N N 34  
ARG NH1 HH12 sing N N 35  
ARG NH2 HH21 sing N N 36  
ARG NH2 HH22 sing N N 37  
ARG OXT HXT  sing N N 38  
ASN N   CA   sing N N 39  
ASN N   H    sing N N 40  
ASN N   H2   sing N N 41  
ASN CA  C    sing N N 42  
ASN CA  CB   sing N N 43  
ASN CA  HA   sing N N 44  
ASN C   O    doub N N 45  
ASN C   OXT  sing N N 46  
ASN CB  CG   sing N N 47  
ASN CB  HB2  sing N N 48  
ASN CB  HB3  sing N N 49  
ASN CG  OD1  doub N N 50  
ASN CG  ND2  sing N N 51  
ASN ND2 HD21 sing N N 52  
ASN ND2 HD22 sing N N 53  
ASN OXT HXT  sing N N 54  
ASP N   CA   sing N N 55  
ASP N   H    sing N N 56  
ASP N   H2   sing N N 57  
ASP CA  C    sing N N 58  
ASP CA  CB   sing N N 59  
ASP CA  HA   sing N N 60  
ASP C   O    doub N N 61  
ASP C   OXT  sing N N 62  
ASP CB  CG   sing N N 63  
ASP CB  HB2  sing N N 64  
ASP CB  HB3  sing N N 65  
ASP CG  OD1  doub N N 66  
ASP CG  OD2  sing N N 67  
ASP OD2 HD2  sing N N 68  
ASP OXT HXT  sing N N 69  
CYS N   CA   sing N N 70  
CYS N   H    sing N N 71  
CYS N   H2   sing N N 72  
CYS CA  C    sing N N 73  
CYS CA  CB   sing N N 74  
CYS CA  HA   sing N N 75  
CYS C   O    doub N N 76  
CYS C   OXT  sing N N 77  
CYS CB  SG   sing N N 78  
CYS CB  HB2  sing N N 79  
CYS CB  HB3  sing N N 80  
CYS SG  HG   sing N N 81  
CYS OXT HXT  sing N N 82  
GLN N   CA   sing N N 83  
GLN N   H    sing N N 84  
GLN N   H2   sing N N 85  
GLN CA  C    sing N N 86  
GLN CA  CB   sing N N 87  
GLN CA  HA   sing N N 88  
GLN C   O    doub N N 89  
GLN C   OXT  sing N N 90  
GLN CB  CG   sing N N 91  
GLN CB  HB2  sing N N 92  
GLN CB  HB3  sing N N 93  
GLN CG  CD   sing N N 94  
GLN CG  HG2  sing N N 95  
GLN CG  HG3  sing N N 96  
GLN CD  OE1  doub N N 97  
GLN CD  NE2  sing N N 98  
GLN NE2 HE21 sing N N 99  
GLN NE2 HE22 sing N N 100 
GLN OXT HXT  sing N N 101 
GLU N   CA   sing N N 102 
GLU N   H    sing N N 103 
GLU N   H2   sing N N 104 
GLU CA  C    sing N N 105 
GLU CA  CB   sing N N 106 
GLU CA  HA   sing N N 107 
GLU C   O    doub N N 108 
GLU C   OXT  sing N N 109 
GLU CB  CG   sing N N 110 
GLU CB  HB2  sing N N 111 
GLU CB  HB3  sing N N 112 
GLU CG  CD   sing N N 113 
GLU CG  HG2  sing N N 114 
GLU CG  HG3  sing N N 115 
GLU CD  OE1  doub N N 116 
GLU CD  OE2  sing N N 117 
GLU OE2 HE2  sing N N 118 
GLU OXT HXT  sing N N 119 
GLY N   CA   sing N N 120 
GLY N   H    sing N N 121 
GLY N   H2   sing N N 122 
GLY CA  C    sing N N 123 
GLY CA  HA2  sing N N 124 
GLY CA  HA3  sing N N 125 
GLY C   O    doub N N 126 
GLY C   OXT  sing N N 127 
GLY OXT HXT  sing N N 128 
HIS N   CA   sing N N 129 
HIS N   H    sing N N 130 
HIS N   H2   sing N N 131 
HIS CA  C    sing N N 132 
HIS CA  CB   sing N N 133 
HIS CA  HA   sing N N 134 
HIS C   O    doub N N 135 
HIS C   OXT  sing N N 136 
HIS CB  CG   sing N N 137 
HIS CB  HB2  sing N N 138 
HIS CB  HB3  sing N N 139 
HIS CG  ND1  sing Y N 140 
HIS CG  CD2  doub Y N 141 
HIS ND1 CE1  doub Y N 142 
HIS ND1 HD1  sing N N 143 
HIS CD2 NE2  sing Y N 144 
HIS CD2 HD2  sing N N 145 
HIS CE1 NE2  sing Y N 146 
HIS CE1 HE1  sing N N 147 
HIS NE2 HE2  sing N N 148 
HIS OXT HXT  sing N N 149 
HOH O   H1   sing N N 150 
HOH O   H2   sing N N 151 
ILE N   CA   sing N N 152 
ILE N   H    sing N N 153 
ILE N   H2   sing N N 154 
ILE CA  C    sing N N 155 
ILE CA  CB   sing N N 156 
ILE CA  HA   sing N N 157 
ILE C   O    doub N N 158 
ILE C   OXT  sing N N 159 
ILE CB  CG1  sing N N 160 
ILE CB  CG2  sing N N 161 
ILE CB  HB   sing N N 162 
ILE CG1 CD1  sing N N 163 
ILE CG1 HG12 sing N N 164 
ILE CG1 HG13 sing N N 165 
ILE CG2 HG21 sing N N 166 
ILE CG2 HG22 sing N N 167 
ILE CG2 HG23 sing N N 168 
ILE CD1 HD11 sing N N 169 
ILE CD1 HD12 sing N N 170 
ILE CD1 HD13 sing N N 171 
ILE OXT HXT  sing N N 172 
LEU N   CA   sing N N 173 
LEU N   H    sing N N 174 
LEU N   H2   sing N N 175 
LEU CA  C    sing N N 176 
LEU CA  CB   sing N N 177 
LEU CA  HA   sing N N 178 
LEU C   O    doub N N 179 
LEU C   OXT  sing N N 180 
LEU CB  CG   sing N N 181 
LEU CB  HB2  sing N N 182 
LEU CB  HB3  sing N N 183 
LEU CG  CD1  sing N N 184 
LEU CG  CD2  sing N N 185 
LEU CG  HG   sing N N 186 
LEU CD1 HD11 sing N N 187 
LEU CD1 HD12 sing N N 188 
LEU CD1 HD13 sing N N 189 
LEU CD2 HD21 sing N N 190 
LEU CD2 HD22 sing N N 191 
LEU CD2 HD23 sing N N 192 
LEU OXT HXT  sing N N 193 
LYS N   CA   sing N N 194 
LYS N   H    sing N N 195 
LYS N   H2   sing N N 196 
LYS CA  C    sing N N 197 
LYS CA  CB   sing N N 198 
LYS CA  HA   sing N N 199 
LYS C   O    doub N N 200 
LYS C   OXT  sing N N 201 
LYS CB  CG   sing N N 202 
LYS CB  HB2  sing N N 203 
LYS CB  HB3  sing N N 204 
LYS CG  CD   sing N N 205 
LYS CG  HG2  sing N N 206 
LYS CG  HG3  sing N N 207 
LYS CD  CE   sing N N 208 
LYS CD  HD2  sing N N 209 
LYS CD  HD3  sing N N 210 
LYS CE  NZ   sing N N 211 
LYS CE  HE2  sing N N 212 
LYS CE  HE3  sing N N 213 
LYS NZ  HZ1  sing N N 214 
LYS NZ  HZ2  sing N N 215 
LYS NZ  HZ3  sing N N 216 
LYS OXT HXT  sing N N 217 
MET N   CA   sing N N 218 
MET N   H    sing N N 219 
MET N   H2   sing N N 220 
MET CA  C    sing N N 221 
MET CA  CB   sing N N 222 
MET CA  HA   sing N N 223 
MET C   O    doub N N 224 
MET C   OXT  sing N N 225 
MET CB  CG   sing N N 226 
MET CB  HB2  sing N N 227 
MET CB  HB3  sing N N 228 
MET CG  SD   sing N N 229 
MET CG  HG2  sing N N 230 
MET CG  HG3  sing N N 231 
MET SD  CE   sing N N 232 
MET CE  HE1  sing N N 233 
MET CE  HE2  sing N N 234 
MET CE  HE3  sing N N 235 
MET OXT HXT  sing N N 236 
PHE N   CA   sing N N 237 
PHE N   H    sing N N 238 
PHE N   H2   sing N N 239 
PHE CA  C    sing N N 240 
PHE CA  CB   sing N N 241 
PHE CA  HA   sing N N 242 
PHE C   O    doub N N 243 
PHE C   OXT  sing N N 244 
PHE CB  CG   sing N N 245 
PHE CB  HB2  sing N N 246 
PHE CB  HB3  sing N N 247 
PHE CG  CD1  doub Y N 248 
PHE CG  CD2  sing Y N 249 
PHE CD1 CE1  sing Y N 250 
PHE CD1 HD1  sing N N 251 
PHE CD2 CE2  doub Y N 252 
PHE CD2 HD2  sing N N 253 
PHE CE1 CZ   doub Y N 254 
PHE CE1 HE1  sing N N 255 
PHE CE2 CZ   sing Y N 256 
PHE CE2 HE2  sing N N 257 
PHE CZ  HZ   sing N N 258 
PHE OXT HXT  sing N N 259 
PRO N   CA   sing N N 260 
PRO N   CD   sing N N 261 
PRO N   H    sing N N 262 
PRO CA  C    sing N N 263 
PRO CA  CB   sing N N 264 
PRO CA  HA   sing N N 265 
PRO C   O    doub N N 266 
PRO C   OXT  sing N N 267 
PRO CB  CG   sing N N 268 
PRO CB  HB2  sing N N 269 
PRO CB  HB3  sing N N 270 
PRO CG  CD   sing N N 271 
PRO CG  HG2  sing N N 272 
PRO CG  HG3  sing N N 273 
PRO CD  HD2  sing N N 274 
PRO CD  HD3  sing N N 275 
PRO OXT HXT  sing N N 276 
PTR N   CA   sing N N 277 
PTR N   H    sing N N 278 
PTR N   H2   sing N N 279 
PTR CA  C    sing N N 280 
PTR CA  CB   sing N N 281 
PTR CA  HA   sing N N 282 
PTR C   O    doub N N 283 
PTR C   OXT  sing N N 284 
PTR OXT HXT  sing N N 285 
PTR CB  CG   sing N N 286 
PTR CB  HB2  sing N N 287 
PTR CB  HB3  sing N N 288 
PTR CG  CD1  doub Y N 289 
PTR CG  CD2  sing Y N 290 
PTR CD1 CE1  sing Y N 291 
PTR CD1 HD1  sing N N 292 
PTR CD2 CE2  doub Y N 293 
PTR CD2 HD2  sing N N 294 
PTR CE1 CZ   doub Y N 295 
PTR CE1 HE1  sing N N 296 
PTR CE2 CZ   sing Y N 297 
PTR CE2 HE2  sing N N 298 
PTR CZ  OH   sing N N 299 
PTR OH  P    sing N N 300 
PTR P   O1P  doub N N 301 
PTR P   O2P  sing N N 302 
PTR P   O3P  sing N N 303 
PTR O2P HO2P sing N N 304 
PTR O3P HO3P sing N N 305 
SER N   CA   sing N N 306 
SER N   H    sing N N 307 
SER N   H2   sing N N 308 
SER CA  C    sing N N 309 
SER CA  CB   sing N N 310 
SER CA  HA   sing N N 311 
SER C   O    doub N N 312 
SER C   OXT  sing N N 313 
SER CB  OG   sing N N 314 
SER CB  HB2  sing N N 315 
SER CB  HB3  sing N N 316 
SER OG  HG   sing N N 317 
SER OXT HXT  sing N N 318 
THR N   CA   sing N N 319 
THR N   H    sing N N 320 
THR N   H2   sing N N 321 
THR CA  C    sing N N 322 
THR CA  CB   sing N N 323 
THR CA  HA   sing N N 324 
THR C   O    doub N N 325 
THR C   OXT  sing N N 326 
THR CB  OG1  sing N N 327 
THR CB  CG2  sing N N 328 
THR CB  HB   sing N N 329 
THR OG1 HG1  sing N N 330 
THR CG2 HG21 sing N N 331 
THR CG2 HG22 sing N N 332 
THR CG2 HG23 sing N N 333 
THR OXT HXT  sing N N 334 
TRP N   CA   sing N N 335 
TRP N   H    sing N N 336 
TRP N   H2   sing N N 337 
TRP CA  C    sing N N 338 
TRP CA  CB   sing N N 339 
TRP CA  HA   sing N N 340 
TRP C   O    doub N N 341 
TRP C   OXT  sing N N 342 
TRP CB  CG   sing N N 343 
TRP CB  HB2  sing N N 344 
TRP CB  HB3  sing N N 345 
TRP CG  CD1  doub Y N 346 
TRP CG  CD2  sing Y N 347 
TRP CD1 NE1  sing Y N 348 
TRP CD1 HD1  sing N N 349 
TRP CD2 CE2  doub Y N 350 
TRP CD2 CE3  sing Y N 351 
TRP NE1 CE2  sing Y N 352 
TRP NE1 HE1  sing N N 353 
TRP CE2 CZ2  sing Y N 354 
TRP CE3 CZ3  doub Y N 355 
TRP CE3 HE3  sing N N 356 
TRP CZ2 CH2  doub Y N 357 
TRP CZ2 HZ2  sing N N 358 
TRP CZ3 CH2  sing Y N 359 
TRP CZ3 HZ3  sing N N 360 
TRP CH2 HH2  sing N N 361 
TRP OXT HXT  sing N N 362 
TYR N   CA   sing N N 363 
TYR N   H    sing N N 364 
TYR N   H2   sing N N 365 
TYR CA  C    sing N N 366 
TYR CA  CB   sing N N 367 
TYR CA  HA   sing N N 368 
TYR C   O    doub N N 369 
TYR C   OXT  sing N N 370 
TYR CB  CG   sing N N 371 
TYR CB  HB2  sing N N 372 
TYR CB  HB3  sing N N 373 
TYR CG  CD1  doub Y N 374 
TYR CG  CD2  sing Y N 375 
TYR CD1 CE1  sing Y N 376 
TYR CD1 HD1  sing N N 377 
TYR CD2 CE2  doub Y N 378 
TYR CD2 HD2  sing N N 379 
TYR CE1 CZ   doub Y N 380 
TYR CE1 HE1  sing N N 381 
TYR CE2 CZ   sing Y N 382 
TYR CE2 HE2  sing N N 383 
TYR CZ  OH   sing N N 384 
TYR OH  HH   sing N N 385 
TYR OXT HXT  sing N N 386 
VAL N   CA   sing N N 387 
VAL N   H    sing N N 388 
VAL N   H2   sing N N 389 
VAL CA  C    sing N N 390 
VAL CA  CB   sing N N 391 
VAL CA  HA   sing N N 392 
VAL C   O    doub N N 393 
VAL C   OXT  sing N N 394 
VAL CB  CG1  sing N N 395 
VAL CB  CG2  sing N N 396 
VAL CB  HB   sing N N 397 
VAL CG1 HG11 sing N N 398 
VAL CG1 HG12 sing N N 399 
VAL CG1 HG13 sing N N 400 
VAL CG2 HG21 sing N N 401 
VAL CG2 HG22 sing N N 402 
VAL CG2 HG23 sing N N 403 
VAL OXT HXT  sing N N 404 
# 
_pdbx_audit_support.funding_organization   'National Health and Medical Research Council (NHMRC, Australia)' 
_pdbx_audit_support.country                Australia 
_pdbx_audit_support.grant_number           ? 
_pdbx_audit_support.ordinal                1 
# 
_pdbx_initial_refinement_model.id               1 
_pdbx_initial_refinement_model.entity_id_list   ? 
_pdbx_initial_refinement_model.type             'experimental model' 
_pdbx_initial_refinement_model.source_name      PDB 
_pdbx_initial_refinement_model.accession_code   7R8W 
_pdbx_initial_refinement_model.details          ? 
# 
_atom_sites.entry_id                    8CZ9 
_atom_sites.Cartn_transf_matrix[1][1]   ? 
_atom_sites.Cartn_transf_matrix[1][2]   ? 
_atom_sites.Cartn_transf_matrix[1][3]   ? 
_atom_sites.Cartn_transf_matrix[2][1]   ? 
_atom_sites.Cartn_transf_matrix[2][2]   ? 
_atom_sites.Cartn_transf_matrix[2][3]   ? 
_atom_sites.Cartn_transf_matrix[3][1]   ? 
_atom_sites.Cartn_transf_matrix[3][2]   ? 
_atom_sites.Cartn_transf_matrix[3][3]   ? 
_atom_sites.Cartn_transf_vector[1]      ? 
_atom_sites.Cartn_transf_vector[2]      ? 
_atom_sites.Cartn_transf_vector[3]      ? 
_atom_sites.fract_transf_matrix[1][1]   -0.00172082 
_atom_sites.fract_transf_matrix[1][2]   -0.00444319 
_atom_sites.fract_transf_matrix[1][3]   -0.01308780 
_atom_sites.fract_transf_matrix[2][1]   0.02031717 
_atom_sites.fract_transf_matrix[2][2]   0.01524178 
_atom_sites.fract_transf_matrix[2][3]   -0.00784581 
_atom_sites.fract_transf_matrix[3][1]   0.01170299 
_atom_sites.fract_transf_matrix[3][2]   -0.01709067 
_atom_sites.fract_transf_matrix[3][3]   -0.00289589 
_atom_sites.fract_transf_vector[1]      0.141534 
_atom_sites.fract_transf_vector[2]      -0.006648 
_atom_sites.fract_transf_vector[3]      0.298309 
_atom_sites.solution_primary            ? 
_atom_sites.solution_secondary          ? 
_atom_sites.solution_hydrogens          ? 
_atom_sites.special_details             ? 
# 
loop_
_atom_type.symbol 
C  
CL 
N  
O  
P  
S  
# 
loop_
_atom_site.group_PDB 
_atom_site.id 
_atom_site.type_symbol 
_atom_site.label_atom_id 
_atom_site.label_alt_id 
_atom_site.label_comp_id 
_atom_site.label_asym_id 
_atom_site.label_entity_id 
_atom_site.label_seq_id 
_atom_site.pdbx_PDB_ins_code 
_atom_site.Cartn_x 
_atom_site.Cartn_y 
_atom_site.Cartn_z 
_atom_site.occupancy 
_atom_site.B_iso_or_equiv 
_atom_site.pdbx_formal_charge 
_atom_site.auth_seq_id 
_atom_site.auth_comp_id 
_atom_site.auth_asym_id 
_atom_site.auth_atom_id 
_atom_site.pdbx_PDB_model_num 
ATOM   1   N  N   . PHE A 1 3   ? -4.606  6.852   -15.394 1.00 46.84 ? 330 PHE A N   1 
ATOM   2   C  CA  . PHE A 1 3   ? -3.261  7.365   -15.150 1.00 46.58 ? 330 PHE A CA  1 
ATOM   3   C  C   . PHE A 1 3   ? -2.334  6.261   -14.642 1.00 51.90 ? 330 PHE A C   1 
ATOM   4   O  O   . PHE A 1 3   ? -1.252  6.039   -15.190 1.00 52.98 ? 330 PHE A O   1 
ATOM   5   C  CB  . PHE A 1 3   ? -3.298  8.518   -14.146 1.00 46.12 ? 330 PHE A CB  1 
ATOM   6   N  N   . LEU A 1 4   ? -2.766  5.566   -13.592 1.00 43.00 ? 331 LEU A N   1 
ATOM   7   C  CA  . LEU A 1 4   ? -1.941  4.547   -12.952 1.00 37.80 ? 331 LEU A CA  1 
ATOM   8   C  C   . LEU A 1 4   ? -1.971  3.207   -13.676 1.00 37.43 ? 331 LEU A C   1 
ATOM   9   O  O   . LEU A 1 4   ? -1.281  2.277   -13.243 1.00 31.81 ? 331 LEU A O   1 
ATOM   10  C  CB  . LEU A 1 4   ? -2.392  4.348   -11.502 1.00 34.71 ? 331 LEU A CB  1 
ATOM   11  C  CG  . LEU A 1 4   ? -2.187  5.521   -10.549 1.00 30.92 ? 331 LEU A CG  1 
ATOM   12  C  CD1 . LEU A 1 4   ? -2.762  5.171   -9.195  1.00 40.20 ? 331 LEU A CD1 1 
ATOM   13  C  CD2 . LEU A 1 4   ? -0.714  5.895   -10.440 1.00 37.29 ? 331 LEU A CD2 1 
ATOM   14  N  N   . SER A 1 5   ? -2.732  3.081   -14.767 1.00 34.28 ? 332 SER A N   1 
ATOM   15  C  CA  . SER A 1 5   ? -2.919  1.781   -15.398 1.00 34.81 ? 332 SER A CA  1 
ATOM   16  C  C   . SER A 1 5   ? -1.678  1.285   -16.120 1.00 31.70 ? 332 SER A C   1 
ATOM   17  O  O   . SER A 1 5   ? -1.643  0.119   -16.515 1.00 35.81 ? 332 SER A O   1 
ATOM   18  C  CB  . SER A 1 5   ? -4.103  1.830   -16.369 1.00 46.90 ? 332 SER A CB  1 
ATOM   19  O  OG  . SER A 1 5   ? -5.327  1.813   -15.654 1.00 55.33 ? 332 SER A OG  1 
ATOM   20  N  N   . CYS A 1 6   ? -0.662  2.125   -16.301 1.00 32.18 ? 333 CYS A N   1 
ATOM   21  C  CA  A CYS A 1 6   ? 0.583   1.678   -16.911 0.40 30.99 ? 333 CYS A CA  1 
ATOM   22  C  CA  B CYS A 1 6   ? 0.571   1.654   -16.917 0.60 30.95 ? 333 CYS A CA  1 
ATOM   23  C  C   . CYS A 1 6   ? 1.500   0.956   -15.931 1.00 27.50 ? 333 CYS A C   1 
ATOM   24  O  O   . CYS A 1 6   ? 2.513   0.388   -16.360 1.00 29.77 ? 333 CYS A O   1 
ATOM   25  C  CB  A CYS A 1 6   ? 1.328   2.870   -17.516 0.40 38.95 ? 333 CYS A CB  1 
ATOM   26  C  CB  B CYS A 1 6   ? 1.306   2.822   -17.582 0.60 39.02 ? 333 CYS A CB  1 
ATOM   27  S  SG  A CYS A 1 6   ? 1.939   4.057   -16.301 0.40 44.99 ? 333 CYS A SG  1 
ATOM   28  S  SG  B CYS A 1 6   ? 0.473   3.467   -19.055 0.60 53.93 ? 333 CYS A SG  1 
ATOM   29  N  N   . TYR A 1 7   ? 1.179   0.975   -14.624 1.00 27.81 ? 334 TYR A N   1 
ATOM   30  C  CA  . TYR A 1 7   ? 2.077   0.332   -13.673 1.00 22.21 ? 334 TYR A CA  1 
ATOM   31  C  C   . TYR A 1 7   ? 1.600   -1.074  -13.340 1.00 24.59 ? 334 TYR A C   1 
ATOM   32  O  O   . TYR A 1 7   ? 0.396   -1.301  -13.165 1.00 25.98 ? 334 TYR A O   1 
ATOM   33  C  CB  . TYR A 1 7   ? 2.176   1.132   -12.375 1.00 26.65 ? 334 TYR A CB  1 
ATOM   34  C  CG  . TYR A 1 7   ? 2.723   2.522   -12.541 1.00 23.57 ? 334 TYR A CG  1 
ATOM   35  C  CD1 . TYR A 1 7   ? 4.055   2.726   -12.874 1.00 24.32 ? 334 TYR A CD1 1 
ATOM   36  C  CD2 . TYR A 1 7   ? 1.915   3.630   -12.342 1.00 29.86 ? 334 TYR A CD2 1 
ATOM   37  C  CE1 . TYR A 1 7   ? 4.564   4.005   -13.013 1.00 29.94 ? 334 TYR A CE1 1 
ATOM   38  C  CE2 . TYR A 1 7   ? 2.416   4.919   -12.477 1.00 33.96 ? 334 TYR A CE2 1 
ATOM   39  C  CZ  . TYR A 1 7   ? 3.738   5.094   -12.814 1.00 32.01 ? 334 TYR A CZ  1 
ATOM   40  O  OH  . TYR A 1 7   ? 4.235   6.369   -12.947 1.00 35.39 ? 334 TYR A OH  1 
ATOM   41  N  N   . PRO A 1 8   ? 2.528   -2.021  -13.197 1.00 23.75 ? 335 PRO A N   1 
ATOM   42  C  CA  . PRO A 1 8   ? 2.114   -3.424  -13.017 1.00 23.14 ? 335 PRO A CA  1 
ATOM   43  C  C   . PRO A 1 8   ? 1.544   -3.713  -11.642 1.00 22.14 ? 335 PRO A C   1 
ATOM   44  O  O   . PRO A 1 8   ? 0.914   -4.760  -11.464 1.00 24.78 ? 335 PRO A O   1 
ATOM   45  C  CB  . PRO A 1 8   ? 3.407   -4.207  -13.253 1.00 27.84 ? 335 PRO A CB  1 
ATOM   46  C  CG  . PRO A 1 8   ? 4.500   -3.264  -12.889 1.00 25.61 ? 335 PRO A CG  1 
ATOM   47  C  CD  . PRO A 1 8   ? 3.995   -1.872  -13.237 1.00 26.29 ? 335 PRO A CD  1 
ATOM   48  N  N   . TRP A 1 9   ? 1.756   -2.833  -10.672 1.00 21.76 ? 336 TRP A N   1 
ATOM   49  C  CA  . TRP A 1 9   ? 1.286   -3.045  -9.311  1.00 22.65 ? 336 TRP A CA  1 
ATOM   50  C  C   . TRP A 1 9   ? -0.053  -2.377  -9.046  1.00 23.04 ? 336 TRP A C   1 
ATOM   51  O  O   . TRP A 1 9   ? -0.540  -2.416  -7.908  1.00 21.72 ? 336 TRP A O   1 
ATOM   52  C  CB  . TRP A 1 9   ? 2.326   -2.525  -8.311  1.00 22.30 ? 336 TRP A CB  1 
ATOM   53  C  CG  . TRP A 1 9   ? 2.980   -1.231  -8.746  1.00 21.87 ? 336 TRP A CG  1 
ATOM   54  C  CD1 . TRP A 1 9   ? 4.211   -1.090  -9.349  1.00 22.31 ? 336 TRP A CD1 1 
ATOM   55  C  CD2 . TRP A 1 9   ? 2.434   0.093   -8.640  1.00 23.75 ? 336 TRP A CD2 1 
ATOM   56  N  NE1 . TRP A 1 9   ? 4.455   0.236   -9.612  1.00 22.33 ? 336 TRP A NE1 1 
ATOM   57  C  CE2 . TRP A 1 9   ? 3.384   0.983   -9.182  1.00 23.94 ? 336 TRP A CE2 1 
ATOM   58  C  CE3 . TRP A 1 9   ? 1.238   0.607   -8.137  1.00 21.45 ? 336 TRP A CE3 1 
ATOM   59  C  CZ2 . TRP A 1 9   ? 3.170   2.371   -9.232  1.00 24.08 ? 336 TRP A CZ2 1 
ATOM   60  C  CZ3 . TRP A 1 9   ? 1.024   1.987   -8.188  1.00 23.58 ? 336 TRP A CZ3 1 
ATOM   61  C  CH2 . TRP A 1 9   ? 1.988   2.847   -8.729  1.00 24.34 ? 336 TRP A CH2 1 
ATOM   62  N  N   . PHE A 1 10  ? -0.657  -1.752  -10.049 1.00 21.04 ? 337 PHE A N   1 
ATOM   63  C  CA  . PHE A 1 10  ? -1.933  -1.071  -9.875  1.00 22.56 ? 337 PHE A CA  1 
ATOM   64  C  C   . PHE A 1 10  ? -3.063  -1.982  -10.338 1.00 25.94 ? 337 PHE A C   1 
ATOM   65  O  O   . PHE A 1 10  ? -3.074  -2.424  -11.491 1.00 27.96 ? 337 PHE A O   1 
ATOM   66  C  CB  . PHE A 1 10  ? -1.966  0.250   -10.642 1.00 25.59 ? 337 PHE A CB  1 
ATOM   67  C  CG  . PHE A 1 10  ? -3.276  0.963   -10.518 1.00 26.35 ? 337 PHE A CG  1 
ATOM   68  C  CD1 . PHE A 1 10  ? -3.699  1.423   -9.286  1.00 24.15 ? 337 PHE A CD1 1 
ATOM   69  C  CD2 . PHE A 1 10  ? -4.080  1.173   -11.622 1.00 27.31 ? 337 PHE A CD2 1 
ATOM   70  C  CE1 . PHE A 1 10  ? -4.915  2.073   -9.154  1.00 28.98 ? 337 PHE A CE1 1 
ATOM   71  C  CE2 . PHE A 1 10  ? -5.291  1.838   -11.499 1.00 26.48 ? 337 PHE A CE2 1 
ATOM   72  C  CZ  . PHE A 1 10  ? -5.710  2.274   -10.258 1.00 26.40 ? 337 PHE A CZ  1 
ATOM   73  N  N   . HIS A 1 11  ? -4.020  -2.246  -9.447  1.00 21.05 ? 338 HIS A N   1 
ATOM   74  C  CA  . HIS A 1 11  ? -5.091  -3.198  -9.709  1.00 25.27 ? 338 HIS A CA  1 
ATOM   75  C  C   . HIS A 1 11  ? -6.457  -2.546  -9.872  1.00 26.47 ? 338 HIS A C   1 
ATOM   76  O  O   . HIS A 1 11  ? -7.449  -3.261  -10.027 1.00 30.61 ? 338 HIS A O   1 
ATOM   77  C  CB  . HIS A 1 11  ? -5.149  -4.248  -8.588  1.00 26.28 ? 338 HIS A CB  1 
ATOM   78  C  CG  . HIS A 1 11  ? -3.974  -5.177  -8.569  1.00 24.02 ? 338 HIS A CG  1 
ATOM   79  N  ND1 . HIS A 1 11  ? -4.108  -6.543  -8.690  1.00 24.88 ? 338 HIS A ND1 1 
ATOM   80  C  CD2 . HIS A 1 11  ? -2.645  -4.937  -8.456  1.00 22.34 ? 338 HIS A CD2 1 
ATOM   81  C  CE1 . HIS A 1 11  ? -2.912  -7.108  -8.644  1.00 23.92 ? 338 HIS A CE1 1 
ATOM   82  N  NE2 . HIS A 1 11  ? -2.008  -6.154  -8.498  1.00 21.26 ? 338 HIS A NE2 1 
ATOM   83  N  N   . GLY A 1 12  ? -6.540  -1.221  -9.834  1.00 26.39 ? 339 GLY A N   1 
ATOM   84  C  CA  . GLY A 1 12  ? -7.804  -0.535  -10.006 1.00 32.97 ? 339 GLY A CA  1 
ATOM   85  C  C   . GLY A 1 12  ? -8.839  -0.903  -8.961  1.00 29.88 ? 339 GLY A C   1 
ATOM   86  O  O   . GLY A 1 12  ? -8.550  -0.994  -7.765  1.00 29.65 ? 339 GLY A O   1 
ATOM   87  N  N   . PRO A 1 13  ? -10.080 -1.155  -9.402  1.00 33.98 ? 340 PRO A N   1 
ATOM   88  C  CA  . PRO A 1 13  ? -11.211 -1.289  -8.478  1.00 33.12 ? 340 PRO A CA  1 
ATOM   89  C  C   . PRO A 1 13  ? -11.436 -2.701  -7.942  1.00 34.99 ? 340 PRO A C   1 
ATOM   90  O  O   . PRO A 1 13  ? -12.547 -3.235  -7.990  1.00 43.33 ? 340 PRO A O   1 
ATOM   91  C  CB  . PRO A 1 13  ? -12.394 -0.835  -9.338  1.00 37.91 ? 340 PRO A CB  1 
ATOM   92  C  CG  . PRO A 1 13  ? -12.027 -1.338  -10.706 1.00 39.00 ? 340 PRO A CG  1 
ATOM   93  C  CD  . PRO A 1 13  ? -10.521 -1.164  -10.812 1.00 36.95 ? 340 PRO A CD  1 
ATOM   94  N  N   . ILE A 1 14  ? -10.382 -3.320  -7.402  1.00 31.88 ? 341 ILE A N   1 
ATOM   95  C  CA  . ILE A 1 14  ? -10.557 -4.625  -6.772  1.00 29.37 ? 341 ILE A CA  1 
ATOM   96  C  C   . ILE A 1 14  ? -11.002 -4.422  -5.330  1.00 31.18 ? 341 ILE A C   1 
ATOM   97  O  O   . ILE A 1 14  ? -10.703 -3.406  -4.690  1.00 29.71 ? 341 ILE A O   1 
ATOM   98  C  CB  . ILE A 1 14  ? -9.279  -5.488  -6.842  1.00 34.91 ? 341 ILE A CB  1 
ATOM   99  C  CG1 . ILE A 1 14  ? -8.139  -4.833  -6.060  1.00 31.79 ? 341 ILE A CG1 1 
ATOM   100 C  CG2 . ILE A 1 14  ? -8.898  -5.767  -8.279  1.00 33.79 ? 341 ILE A CG2 1 
ATOM   101 C  CD1 . ILE A 1 14  ? -7.000  -5.803  -5.768  1.00 36.19 ? 341 ILE A CD1 1 
ATOM   102 N  N   . SER A 1 15  ? -11.728 -5.405  -4.808  1.00 29.89 ? 342 SER A N   1 
ATOM   103 C  CA  . SER A 1 15  ? -12.243 -5.306  -3.457  1.00 31.11 ? 342 SER A CA  1 
ATOM   104 C  C   . SER A 1 15  ? -11.117 -5.407  -2.429  1.00 29.40 ? 342 SER A C   1 
ATOM   105 O  O   . SER A 1 15  ? -10.025 -5.915  -2.701  1.00 27.82 ? 342 SER A O   1 
ATOM   106 C  CB  . SER A 1 15  ? -13.272 -6.403  -3.191  1.00 31.31 ? 342 SER A CB  1 
ATOM   107 O  OG  . SER A 1 15  ? -12.641 -7.670  -3.151  1.00 35.12 ? 342 SER A OG  1 
ATOM   108 N  N   . ARG A 1 16  ? -11.405 -4.897  -1.232  1.00 29.65 ? 343 ARG A N   1 
ATOM   109 C  CA  . ARG A 1 16  ? -10.494 -5.062  -0.101  1.00 30.01 ? 343 ARG A CA  1 
ATOM   110 C  C   . ARG A 1 16  ? -10.189 -6.534  0.165   1.00 28.43 ? 343 ARG A C   1 
ATOM   111 O  O   . ARG A 1 16  ? -9.029  -6.915  0.362   1.00 24.11 ? 343 ARG A O   1 
ATOM   112 C  CB  . ARG A 1 16  ? -11.103 -4.404  1.133   1.00 28.16 ? 343 ARG A CB  1 
ATOM   113 C  CG  . ARG A 1 16  ? -10.373 -4.628  2.414   1.00 27.22 ? 343 ARG A CG  1 
ATOM   114 C  CD  . ARG A 1 16  ? -11.136 -3.934  3.550   1.00 32.99 ? 343 ARG A CD  1 
ATOM   115 N  NE  . ARG A 1 16  ? -10.478 -4.073  4.839   1.00 35.45 ? 343 ARG A NE  1 
ATOM   116 C  CZ  . ARG A 1 16  ? -9.839  -3.092  5.463   1.00 33.37 ? 343 ARG A CZ  1 
ATOM   117 N  NH1 . ARG A 1 16  ? -9.722  -1.887  4.924   1.00 33.39 ? 343 ARG A NH1 1 
ATOM   118 N  NH2 . ARG A 1 16  ? -9.307  -3.326  6.657   1.00 33.29 ? 343 ARG A NH2 1 
ATOM   119 N  N   . VAL A 1 17  ? -11.218 -7.387  0.162   1.00 27.38 ? 344 VAL A N   1 
ATOM   120 C  CA  . VAL A 1 17  ? -10.985 -8.801  0.443   1.00 26.35 ? 344 VAL A CA  1 
ATOM   121 C  C   . VAL A 1 17  ? -10.116 -9.438  -0.634  1.00 25.82 ? 344 VAL A C   1 
ATOM   122 O  O   . VAL A 1 17  ? -9.200  -10.212 -0.329  1.00 25.59 ? 344 VAL A O   1 
ATOM   123 C  CB  . VAL A 1 17  ? -12.327 -9.538  0.600   1.00 28.64 ? 344 VAL A CB  1 
ATOM   124 C  CG1 . VAL A 1 17  ? -12.118 -11.046 0.518   1.00 35.35 ? 344 VAL A CG1 1 
ATOM   125 C  CG2 . VAL A 1 17  ? -12.952 -9.144  1.914   1.00 34.68 ? 344 VAL A CG2 1 
ATOM   126 N  N   . ARG A 1 18  ? -10.393 -9.142  -1.907  1.00 25.20 ? 345 ARG A N   1 
ATOM   127 C  CA  . ARG A 1 18  ? -9.562  -9.691  -2.973  1.00 25.61 ? 345 ARG A CA  1 
ATOM   128 C  C   . ARG A 1 18  ? -8.126  -9.197  -2.853  1.00 24.94 ? 345 ARG A C   1 
ATOM   129 O  O   . ARG A 1 18  ? -7.178  -9.968  -3.029  1.00 24.43 ? 345 ARG A O   1 
ATOM   130 C  CB  . ARG A 1 18  ? -10.133 -9.320  -4.345  1.00 30.29 ? 345 ARG A CB  1 
ATOM   131 C  CG  . ARG A 1 18  ? -9.225  -9.730  -5.488  1.00 35.60 ? 345 ARG A CG  1 
ATOM   132 C  CD  . ARG A 1 18  ? -10.000 -10.152 -6.731  1.00 58.55 ? 345 ARG A CD  1 
ATOM   133 N  NE  . ARG A 1 18  ? -9.123  -10.308 -7.887  1.00 59.76 ? 345 ARG A NE  1 
ATOM   134 C  CZ  . ARG A 1 18  ? -8.368  -11.371 -8.130  1.00 59.93 ? 345 ARG A CZ  1 
ATOM   135 N  NH1 . ARG A 1 18  ? -8.347  -12.412 -7.308  1.00 46.93 ? 345 ARG A NH1 1 
ATOM   136 N  NH2 . ARG A 1 18  ? -7.611  -11.391 -9.224  1.00 59.67 ? 345 ARG A NH2 1 
ATOM   137 N  N   . ALA A 1 19  ? -7.948  -7.907  -2.580  1.00 22.89 ? 346 ALA A N   1 
ATOM   138 C  CA  . ALA A 1 19  ? -6.591  -7.379  -2.431  1.00 23.38 ? 346 ALA A CA  1 
ATOM   139 C  C   . ALA A 1 19  ? -5.859  -8.068  -1.294  1.00 20.95 ? 346 ALA A C   1 
ATOM   140 O  O   . ALA A 1 19  ? -4.673  -8.407  -1.422  1.00 21.93 ? 346 ALA A O   1 
ATOM   141 C  CB  . ALA A 1 19  ? -6.629  -5.868  -2.186  1.00 25.27 ? 346 ALA A CB  1 
ATOM   142 N  N   . ALA A 1 20  ? -6.539  -8.255  -0.161  1.00 21.63 ? 347 ALA A N   1 
ATOM   143 C  CA  . ALA A 1 20  ? -5.921  -8.929  0.976   1.00 21.55 ? 347 ALA A CA  1 
ATOM   144 C  C   . ALA A 1 20  ? -5.480  -10.332 0.591   1.00 20.11 ? 347 ALA A C   1 
ATOM   145 O  O   . ALA A 1 20  ? -4.344  -10.741 0.866   1.00 21.30 ? 347 ALA A O   1 
ATOM   146 C  CB  . ALA A 1 20  ? -6.906  -8.965  2.148   1.00 23.95 ? 347 ALA A CB  1 
ATOM   147 N  N   . GLN A 1 21  ? -6.352  -11.075 -0.091  1.00 20.98 ? 348 GLN A N   1 
ATOM   148 C  CA  . GLN A 1 21  ? -5.965  -12.440 -0.433  1.00 20.72 ? 348 GLN A CA  1 
ATOM   149 C  C   . GLN A 1 21  ? -4.794  -12.461 -1.410  1.00 18.90 ? 348 GLN A C   1 
ATOM   150 O  O   . GLN A 1 21  ? -3.936  -13.352 -1.331  1.00 21.64 ? 348 GLN A O   1 
ATOM   151 C  CB  . GLN A 1 21  ? -7.173  -13.211 -0.979  1.00 23.85 ? 348 GLN A CB  1 
ATOM   152 C  CG  . GLN A 1 21  ? -8.185  -13.493 0.121   1.00 21.57 ? 348 GLN A CG  1 
ATOM   153 C  CD  . GLN A 1 21  ? -8.969  -14.753 -0.124  1.00 20.90 ? 348 GLN A CD  1 
ATOM   154 O  OE1 . GLN A 1 21  ? -9.361  -15.034 -1.244  1.00 23.87 ? 348 GLN A OE1 1 
ATOM   155 N  NE2 . GLN A 1 21  ? -9.204  -15.515 0.932   1.00 25.35 ? 348 GLN A NE2 1 
ATOM   156 N  N   . LEU A 1 22  ? -4.730  -11.487 -2.318  1.00 20.89 ? 349 LEU A N   1 
ATOM   157 C  CA  . LEU A 1 22  ? -3.616  -11.447 -3.257  1.00 20.52 ? 349 LEU A CA  1 
ATOM   158 C  C   . LEU A 1 22  ? -2.293  -11.272 -2.527  1.00 20.45 ? 349 LEU A C   1 
ATOM   159 O  O   . LEU A 1 22  ? -1.312  -11.962 -2.841  1.00 22.08 ? 349 LEU A O   1 
ATOM   160 C  CB  . LEU A 1 22  ? -3.821  -10.329 -4.281  1.00 21.07 ? 349 LEU A CB  1 
ATOM   161 C  CG  . LEU A 1 22  ? -4.824  -10.643 -5.397  1.00 24.42 ? 349 LEU A CG  1 
ATOM   162 C  CD1 . LEU A 1 22  ? -5.097  -9.384  -6.208  1.00 24.81 ? 349 LEU A CD1 1 
ATOM   163 C  CD2 . LEU A 1 22  ? -4.342  -11.792 -6.277  1.00 27.88 ? 349 LEU A CD2 1 
ATOM   164 N  N   . VAL A 1 23  ? -2.236  -10.357 -1.555  1.00 20.44 ? 350 VAL A N   1 
ATOM   165 C  CA  . VAL A 1 23  ? -0.936  -10.150 -0.905  1.00 20.05 ? 350 VAL A CA  1 
ATOM   166 C  C   . VAL A 1 23  ? -0.661  -11.195 0.168   1.00 20.28 ? 350 VAL A C   1 
ATOM   167 O  O   . VAL A 1 23  ? 0.500   -11.397 0.537   1.00 20.52 ? 350 VAL A O   1 
ATOM   168 C  CB  . VAL A 1 23  ? -0.780  -8.724  -0.329  1.00 19.17 ? 350 VAL A CB  1 
ATOM   169 C  CG1 . VAL A 1 23  ? -1.022  -7.649  -1.413  1.00 21.03 ? 350 VAL A CG1 1 
ATOM   170 C  CG2 . VAL A 1 23  ? -1.672  -8.504  0.904   1.00 20.58 ? 350 VAL A CG2 1 
ATOM   171 N  N   . GLN A 1 24  ? -1.687  -11.904 0.660   1.00 20.39 ? 351 GLN A N   1 
ATOM   172 C  CA  . GLN A 1 24  ? -1.476  -12.937 1.666   1.00 19.04 ? 351 GLN A CA  1 
ATOM   173 C  C   . GLN A 1 24  ? -1.173  -14.311 1.074   1.00 20.14 ? 351 GLN A C   1 
ATOM   174 O  O   . GLN A 1 24  ? -0.801  -15.214 1.825   1.00 21.85 ? 351 GLN A O   1 
ATOM   175 C  CB  . GLN A 1 24  ? -2.712  -13.036 2.577   1.00 20.31 ? 351 GLN A CB  1 
ATOM   176 C  CG  . GLN A 1 24  ? -2.916  -11.820 3.468   1.00 19.46 ? 351 GLN A CG  1 
ATOM   177 C  CD  . GLN A 1 24  ? -4.293  -11.792 4.157   1.00 26.78 ? 351 GLN A CD  1 
ATOM   178 O  OE1 . GLN A 1 24  ? -4.467  -11.132 5.174   1.00 38.37 ? 351 GLN A OE1 1 
ATOM   179 N  NE2 . GLN A 1 24  ? -5.264  -12.482 3.587   1.00 34.11 ? 351 GLN A NE2 1 
ATOM   180 N  N   . LEU A 1 25  ? -1.303  -14.479 -0.243  1.00 21.93 ? 352 LEU A N   1 
ATOM   181 C  CA  . LEU A 1 25  ? -1.263  -15.816 -0.826  1.00 20.39 ? 352 LEU A CA  1 
ATOM   182 C  C   . LEU A 1 25  ? 0.037   -16.546 -0.494  1.00 25.09 ? 352 LEU A C   1 
ATOM   183 O  O   . LEU A 1 25  ? 0.024   -17.751 -0.215  1.00 24.65 ? 352 LEU A O   1 
ATOM   184 C  CB  . LEU A 1 25  ? -1.454  -15.726 -2.339  1.00 21.79 ? 352 LEU A CB  1 
ATOM   185 C  CG  . LEU A 1 25  ? -1.398  -17.126 -2.979  1.00 28.08 ? 352 LEU A CG  1 
ATOM   186 C  CD1 . LEU A 1 25  ? -2.763  -17.558 -3.453  1.00 33.22 ? 352 LEU A CD1 1 
ATOM   187 C  CD2 . LEU A 1 25  ? -0.387  -17.176 -4.090  1.00 32.29 ? 352 LEU A CD2 1 
ATOM   188 N  N   . GLN A 1 26  ? 1.167   -15.835 -0.473  1.00 23.07 ? 353 GLN A N   1 
ATOM   189 C  CA  . GLN A 1 26  ? 2.441   -16.502 -0.205  1.00 26.88 ? 353 GLN A CA  1 
ATOM   190 C  C   . GLN A 1 26  ? 2.844   -16.507 1.270   1.00 28.04 ? 353 GLN A C   1 
ATOM   191 O  O   . GLN A 1 26  ? 4.000   -16.812 1.576   1.00 30.25 ? 353 GLN A O   1 
ATOM   192 C  CB  . GLN A 1 26  ? 3.545   -15.874 -1.045  1.00 30.51 ? 353 GLN A CB  1 
ATOM   193 C  CG  . GLN A 1 26  ? 3.271   -15.918 -2.531  1.00 44.16 ? 353 GLN A CG  1 
ATOM   194 C  CD  . GLN A 1 26  ? 4.532   -15.750 -3.350  1.00 49.14 ? 353 GLN A CD  1 
ATOM   195 O  OE1 . GLN A 1 26  ? 5.613   -16.158 -2.925  1.00 51.52 ? 353 GLN A OE1 1 
ATOM   196 N  NE2 . GLN A 1 26  ? 4.402   -15.145 -4.527  1.00 56.03 ? 353 GLN A NE2 1 
ATOM   197 N  N   . GLY A 1 27  ? 1.932   -16.195 2.188   1.00 24.26 ? 354 GLY A N   1 
ATOM   198 C  CA  . GLY A 1 27  ? 2.196   -16.317 3.605   1.00 24.19 ? 354 GLY A CA  1 
ATOM   199 C  C   . GLY A 1 27  ? 3.204   -15.301 4.107   1.00 24.36 ? 354 GLY A C   1 
ATOM   200 O  O   . GLY A 1 27  ? 3.526   -14.318 3.430   1.00 25.07 ? 354 GLY A O   1 
ATOM   201 N  N   . PRO A 1 28  ? 3.739   -15.543 5.304   1.00 24.97 ? 355 PRO A N   1 
ATOM   202 C  CA  . PRO A 1 28  ? 4.714   -14.606 5.883   1.00 23.71 ? 355 PRO A CA  1 
ATOM   203 C  C   . PRO A 1 28  ? 5.972   -14.456 5.061   1.00 24.43 ? 355 PRO A C   1 
ATOM   204 O  O   . PRO A 1 28  ? 6.637   -13.419 5.172   1.00 25.87 ? 355 PRO A O   1 
ATOM   205 C  CB  . PRO A 1 28  ? 5.009   -15.206 7.268   1.00 25.09 ? 355 PRO A CB  1 
ATOM   206 C  CG  . PRO A 1 28  ? 4.557   -16.644 7.172   1.00 33.33 ? 355 PRO A CG  1 
ATOM   207 C  CD  . PRO A 1 28  ? 3.404   -16.644 6.221   1.00 30.73 ? 355 PRO A CD  1 
ATOM   208 N  N   . ASP A 1 29  ? 6.324   -15.436 4.220   1.00 24.40 ? 356 ASP A N   1 
ATOM   209 C  CA  . ASP A 1 29  ? 7.471   -15.244 3.336   1.00 27.24 ? 356 ASP A CA  1 
ATOM   210 C  C   . ASP A 1 29  ? 7.286   -14.060 2.397   1.00 26.05 ? 356 ASP A C   1 
ATOM   211 O  O   . ASP A 1 29  ? 8.276   -13.528 1.890   1.00 32.09 ? 356 ASP A O   1 
ATOM   212 C  CB  . ASP A 1 29  ? 7.747   -16.503 2.509   1.00 33.57 ? 356 ASP A CB  1 
ATOM   213 C  CG  . ASP A 1 29  ? 8.529   -17.544 3.279   1.00 44.42 ? 356 ASP A CG  1 
ATOM   214 O  OD1 . ASP A 1 29  ? 8.871   -17.289 4.459   1.00 43.43 ? 356 ASP A OD1 1 
ATOM   215 O  OD2 . ASP A 1 29  ? 8.799   -18.615 2.697   1.00 46.16 ? 356 ASP A OD2 1 
ATOM   216 N  N   . ALA A 1 30  ? 6.050   -13.606 2.182   1.00 23.32 ? 357 ALA A N   1 
ATOM   217 C  CA  . ALA A 1 30  ? 5.802   -12.470 1.309   1.00 23.44 ? 357 ALA A CA  1 
ATOM   218 C  C   . ALA A 1 30  ? 5.670   -11.165 2.089   1.00 20.32 ? 357 ALA A C   1 
ATOM   219 O  O   . ALA A 1 30  ? 5.074   -10.211 1.583   1.00 20.27 ? 357 ALA A O   1 
ATOM   220 C  CB  . ALA A 1 30  ? 4.549   -12.711 0.462   1.00 26.07 ? 357 ALA A CB  1 
ATOM   221 N  N   . HIS A 1 31  ? 6.192   -11.121 3.317   1.00 20.77 ? 358 HIS A N   1 
ATOM   222 C  CA  . HIS A 1 31  ? 6.276   -9.891  4.103   1.00 20.97 ? 358 HIS A CA  1 
ATOM   223 C  C   . HIS A 1 31  ? 6.769   -8.735  3.242   1.00 21.55 ? 358 HIS A C   1 
ATOM   224 O  O   . HIS A 1 31  ? 7.830   -8.823  2.617   1.00 24.04 ? 358 HIS A O   1 
ATOM   225 C  CB  . HIS A 1 31  ? 7.231   -10.144 5.280   1.00 22.14 ? 358 HIS A CB  1 
ATOM   226 C  CG  . HIS A 1 31  ? 7.400   -8.991  6.212   1.00 23.19 ? 358 HIS A CG  1 
ATOM   227 N  ND1 . HIS A 1 31  ? 6.470   -8.672  7.171   1.00 23.46 ? 358 HIS A ND1 1 
ATOM   228 C  CD2 . HIS A 1 31  ? 8.422   -8.116  6.366   1.00 23.98 ? 358 HIS A CD2 1 
ATOM   229 C  CE1 . HIS A 1 31  ? 6.892   -7.625  7.860   1.00 25.28 ? 358 HIS A CE1 1 
ATOM   230 N  NE2 . HIS A 1 31  ? 8.079   -7.274  7.397   1.00 23.71 ? 358 HIS A NE2 1 
ATOM   231 N  N   . GLY A 1 32  ? 5.978   -7.667  3.174   1.00 19.93 ? 359 GLY A N   1 
ATOM   232 C  CA  . GLY A 1 32  ? 6.315   -6.490  2.396   1.00 20.66 ? 359 GLY A CA  1 
ATOM   233 C  C   . GLY A 1 32  ? 5.724   -6.444  0.995   1.00 19.50 ? 359 GLY A C   1 
ATOM   234 O  O   . GLY A 1 32  ? 5.783   -5.386  0.345   1.00 20.98 ? 359 GLY A O   1 
ATOM   235 N  N   . VAL A 1 33  ? 5.149   -7.545  0.505   1.00 19.74 ? 360 VAL A N   1 
ATOM   236 C  CA  . VAL A 1 33  ? 4.596   -7.533  -0.849  1.00 18.04 ? 360 VAL A CA  1 
ATOM   237 C  C   . VAL A 1 33  ? 3.355   -6.649  -0.872  1.00 19.80 ? 360 VAL A C   1 
ATOM   238 O  O   . VAL A 1 33  ? 2.560   -6.640  0.083   1.00 21.16 ? 360 VAL A O   1 
ATOM   239 C  CB  . VAL A 1 33  ? 4.283   -8.967  -1.300  1.00 20.26 ? 360 VAL A CB  1 
ATOM   240 C  CG1 . VAL A 1 33  ? 3.516   -8.977  -2.623  1.00 26.81 ? 360 VAL A CG1 1 
ATOM   241 C  CG2 . VAL A 1 33  ? 5.591   -9.734  -1.474  1.00 28.17 ? 360 VAL A CG2 1 
ATOM   242 N  N   . PHE A 1 34  ? 3.169   -5.893  -1.961  1.00 18.44 ? 361 PHE A N   1 
ATOM   243 C  CA  . PHE A 1 34  ? 2.138   -4.857  -1.957  1.00 17.46 ? 361 PHE A CA  1 
ATOM   244 C  C   . PHE A 1 34  ? 1.396   -4.780  -3.289  1.00 18.09 ? 361 PHE A C   1 
ATOM   245 O  O   . PHE A 1 34  ? 1.806   -5.344  -4.305  1.00 19.40 ? 361 PHE A O   1 
ATOM   246 C  CB  . PHE A 1 34  ? 2.721   -3.471  -1.649  1.00 18.32 ? 361 PHE A CB  1 
ATOM   247 C  CG  . PHE A 1 34  ? 3.585   -2.925  -2.758  1.00 19.44 ? 361 PHE A CG  1 
ATOM   248 C  CD1 . PHE A 1 34  ? 3.038   -2.135  -3.762  1.00 19.81 ? 361 PHE A CD1 1 
ATOM   249 C  CD2 . PHE A 1 34  ? 4.944   -3.200  -2.786  1.00 22.13 ? 361 PHE A CD2 1 
ATOM   250 C  CE1 . PHE A 1 34  ? 3.842   -1.629  -4.794  1.00 22.72 ? 361 PHE A CE1 1 
ATOM   251 C  CE2 . PHE A 1 34  ? 5.755   -2.692  -3.809  1.00 20.06 ? 361 PHE A CE2 1 
ATOM   252 C  CZ  . PHE A 1 34  ? 5.200   -1.920  -4.805  1.00 19.58 ? 361 PHE A CZ  1 
ATOM   253 N  N   . LEU A 1 35  ? 0.274   -4.063  -3.267  1.00 17.49 ? 362 LEU A N   1 
ATOM   254 C  CA  . LEU A 1 35  ? -0.374  -3.599  -4.488  1.00 18.43 ? 362 LEU A CA  1 
ATOM   255 C  C   . LEU A 1 35  ? -1.066  -2.272  -4.177  1.00 18.57 ? 362 LEU A C   1 
ATOM   256 O  O   . LEU A 1 35  ? -1.241  -1.893  -3.008  1.00 20.06 ? 362 LEU A O   1 
ATOM   257 C  CB  . LEU A 1 35  ? -1.369  -4.630  -5.056  1.00 19.07 ? 362 LEU A CB  1 
ATOM   258 C  CG  . LEU A 1 35  ? -2.558  -5.036  -4.174  1.00 18.82 ? 362 LEU A CG  1 
ATOM   259 C  CD1 . LEU A 1 35  ? -3.707  -4.019  -4.193  1.00 21.45 ? 362 LEU A CD1 1 
ATOM   260 C  CD2 . LEU A 1 35  ? -3.069  -6.403  -4.598  1.00 19.85 ? 362 LEU A CD2 1 
ATOM   261 N  N   . VAL A 1 36  ? -1.432  -1.543  -5.228  1.00 18.62 ? 363 VAL A N   1 
ATOM   262 C  CA  . VAL A 1 36  ? -2.211  -0.314  -5.072  1.00 20.36 ? 363 VAL A CA  1 
ATOM   263 C  C   . VAL A 1 36  ? -3.549  -0.506  -5.772  1.00 22.81 ? 363 VAL A C   1 
ATOM   264 O  O   . VAL A 1 36  ? -3.615  -1.109  -6.848  1.00 22.48 ? 363 VAL A O   1 
ATOM   265 C  CB  . VAL A 1 36  ? -1.469  0.929   -5.620  1.00 23.25 ? 363 VAL A CB  1 
ATOM   266 C  CG1 . VAL A 1 36  ? -2.394  2.183   -5.579  1.00 23.61 ? 363 VAL A CG1 1 
ATOM   267 C  CG2 . VAL A 1 36  ? -0.191  1.195   -4.818  1.00 22.19 ? 363 VAL A CG2 1 
ATOM   268 N  N   . ARG A 1 37  ? -4.619  -0.023  -5.139  1.00 22.52 ? 364 ARG A N   1 
ATOM   269 C  CA  . ARG A 1 37  ? -5.969  -0.182  -5.663  1.00 22.97 ? 364 ARG A CA  1 
ATOM   270 C  C   . ARG A 1 37  ? -6.774  1.079   -5.393  1.00 23.90 ? 364 ARG A C   1 
ATOM   271 O  O   . ARG A 1 37  ? -6.384  1.937   -4.602  1.00 23.86 ? 364 ARG A O   1 
ATOM   272 C  CB  . ARG A 1 37  ? -6.679  -1.389  -5.029  1.00 20.72 ? 364 ARG A CB  1 
ATOM   273 C  CG  . ARG A 1 37  ? -6.760  -1.289  -3.509  1.00 21.66 ? 364 ARG A CG  1 
ATOM   274 C  CD  . ARG A 1 37  ? -7.447  -2.509  -2.886  1.00 25.17 ? 364 ARG A CD  1 
ATOM   275 N  NE  . ARG A 1 37  ? -7.431  -2.464  -1.430  1.00 22.74 ? 364 ARG A NE  1 
ATOM   276 C  CZ  . ARG A 1 37  ? -8.378  -1.899  -0.688  1.00 25.49 ? 364 ARG A CZ  1 
ATOM   277 N  NH1 . ARG A 1 37  ? -9.434  -1.319  -1.242  1.00 28.15 ? 364 ARG A NH1 1 
ATOM   278 N  NH2 . ARG A 1 37  ? -8.261  -1.913  0.640   1.00 24.16 ? 364 ARG A NH2 1 
ATOM   279 N  N   . GLN A 1 38  ? -7.897  1.191   -6.090  1.00 26.06 ? 365 GLN A N   1 
ATOM   280 C  CA  . GLN A 1 38  ? -8.892  2.183   -5.732  1.00 34.86 ? 365 GLN A CA  1 
ATOM   281 C  C   . GLN A 1 38  ? -9.545  1.807   -4.412  1.00 33.55 ? 365 GLN A C   1 
ATOM   282 O  O   . GLN A 1 38  ? -9.723  0.627   -4.092  1.00 32.84 ? 365 GLN A O   1 
ATOM   283 C  CB  . GLN A 1 38  ? -9.943  2.296   -6.837  1.00 35.45 ? 365 GLN A CB  1 
ATOM   284 C  CG  . GLN A 1 38  ? -9.348  2.792   -8.140  1.00 40.67 ? 365 GLN A CG  1 
ATOM   285 C  CD  . GLN A 1 38  ? -10.287 2.630   -9.320  1.00 48.75 ? 365 GLN A CD  1 
ATOM   286 O  OE1 . GLN A 1 38  ? -11.505 2.524   -9.153  1.00 50.63 ? 365 GLN A OE1 1 
ATOM   287 N  NE2 . GLN A 1 38  ? -9.723  2.596   -10.519 1.00 48.53 ? 365 GLN A NE2 1 
ATOM   288 N  N   . SER A 1 39  ? -9.883  2.831   -3.629  1.00 31.75 ? 366 SER A N   1 
ATOM   289 C  CA  . SER A 1 39  ? -10.578 2.610   -2.373  1.00 35.31 ? 366 SER A CA  1 
ATOM   290 C  C   . SER A 1 39  ? -11.974 2.070   -2.640  1.00 40.61 ? 366 SER A C   1 
ATOM   291 O  O   . SER A 1 39  ? -12.662 2.498   -3.571  1.00 42.79 ? 366 SER A O   1 
ATOM   292 C  CB  . SER A 1 39  ? -10.670 3.902   -1.567  1.00 36.18 ? 366 SER A CB  1 
ATOM   293 O  OG  . SER A 1 39  ? -11.250 3.657   -0.292  1.00 42.74 ? 366 SER A OG  1 
ATOM   294 N  N   . GLU A 1 40  ? -12.389 1.130   -1.803  1.00 36.36 ? 367 GLU A N   1 
ATOM   295 C  CA  . GLU A 1 40  ? -13.674 0.474   -1.946  1.00 44.57 ? 367 GLU A CA  1 
ATOM   296 C  C   . GLU A 1 40  ? -14.749 1.133   -1.094  1.00 50.43 ? 367 GLU A C   1 
ATOM   297 O  O   . GLU A 1 40  ? -15.934 1.051   -1.438  1.00 57.22 ? 367 GLU A O   1 
ATOM   298 C  CB  . GLU A 1 40  ? -13.499 -1.006  -1.590  1.00 42.04 ? 367 GLU A CB  1 
ATOM   299 C  CG  . GLU A 1 40  ? -14.736 -1.853  -1.532  1.00 46.86 ? 367 GLU A CG  1 
ATOM   300 C  CD  . GLU A 1 40  ? -14.526 -3.049  -0.624  1.00 50.22 ? 367 GLU A CD  1 
ATOM   301 O  OE1 . GLU A 1 40  ? -14.579 -2.884  0.611   1.00 57.09 ? 367 GLU A OE1 1 
ATOM   302 O  OE2 . GLU A 1 40  ? -14.277 -4.150  -1.131  1.00 42.24 ? 367 GLU A OE2 1 
ATOM   303 N  N   . SER A 1 41  ? -14.357 1.821   -0.021  1.00 53.03 ? 368 SER A N   1 
ATOM   304 C  CA  . SER A 1 41  ? -15.289 2.495   0.873   1.00 49.10 ? 368 SER A CA  1 
ATOM   305 C  C   . SER A 1 41  ? -15.190 4.015   0.819   1.00 56.94 ? 368 SER A C   1 
ATOM   306 O  O   . SER A 1 41  ? -15.882 4.691   1.586   1.00 57.01 ? 368 SER A O   1 
ATOM   307 C  CB  . SER A 1 41  ? -15.066 2.022   2.314   1.00 49.63 ? 368 SER A CB  1 
ATOM   308 O  OG  . SER A 1 41  ? -13.813 2.466   2.808   1.00 56.72 ? 368 SER A OG  1 
ATOM   309 N  N   . ARG A 1 42  ? -14.347 4.578   -0.052  1.00 55.28 ? 369 ARG A N   1 
ATOM   310 C  CA  . ARG A 1 42  ? -14.263 6.038   -0.187  1.00 57.65 ? 369 ARG A CA  1 
ATOM   311 C  C   . ARG A 1 42  ? -13.805 6.340   -1.616  1.00 58.32 ? 369 ARG A C   1 
ATOM   312 O  O   . ARG A 1 42  ? -12.605 6.427   -1.887  1.00 57.48 ? 369 ARG A O   1 
ATOM   313 C  CB  . ARG A 1 42  ? -13.327 6.648   0.848   1.00 52.12 ? 369 ARG A CB  1 
ATOM   314 C  CG  . ARG A 1 42  ? -13.511 8.152   1.033   1.00 65.95 ? 369 ARG A CG  1 
ATOM   315 C  CD  . ARG A 1 42  ? -12.487 8.750   1.996   1.00 70.04 ? 369 ARG A CD  1 
ATOM   316 N  NE  . ARG A 1 42  ? -12.755 8.422   3.391   1.00 69.46 ? 369 ARG A NE  1 
ATOM   317 C  CZ  . ARG A 1 42  ? -11.981 8.782   4.406   1.00 68.16 ? 369 ARG A CZ  1 
ATOM   318 N  NH1 . ARG A 1 42  ? -10.871 9.476   4.215   1.00 65.86 ? 369 ARG A NH1 1 
ATOM   319 N  NH2 . ARG A 1 42  ? -12.327 8.436   5.643   1.00 64.63 ? 369 ARG A NH2 1 
ATOM   320 N  N   . ARG A 1 43  ? -14.776 6.508   -2.516  1.00 55.74 ? 370 ARG A N   1 
ATOM   321 C  CA  . ARG A 1 43  ? -14.473 6.700   -3.930  1.00 55.56 ? 370 ARG A CA  1 
ATOM   322 C  C   . ARG A 1 43  ? -13.589 7.925   -4.136  1.00 56.50 ? 370 ARG A C   1 
ATOM   323 O  O   . ARG A 1 43  ? -13.636 8.894   -3.373  1.00 57.79 ? 370 ARG A O   1 
ATOM   324 C  CB  . ARG A 1 43  ? -15.762 6.839   -4.740  1.00 54.30 ? 370 ARG A CB  1 
ATOM   325 N  N   . GLY A 1 44  ? -12.764 7.868   -5.184  1.00 52.33 ? 371 GLY A N   1 
ATOM   326 C  CA  . GLY A 1 44  ? -11.771 8.886   -5.451  1.00 47.68 ? 371 GLY A CA  1 
ATOM   327 C  C   . GLY A 1 44  ? -10.469 8.722   -4.701  1.00 49.70 ? 371 GLY A C   1 
ATOM   328 O  O   . GLY A 1 44  ? -9.470  9.354   -5.071  1.00 47.98 ? 371 GLY A O   1 
ATOM   329 N  N   . LYS A 1 45  ? -10.440 7.901   -3.660  1.00 44.18 ? 372 LYS A N   1 
ATOM   330 C  CA  . LYS A 1 45  ? -9.235  7.669   -2.882  1.00 39.23 ? 372 LYS A CA  1 
ATOM   331 C  C   . LYS A 1 45  ? -8.604  6.336   -3.280  1.00 29.89 ? 372 LYS A C   1 
ATOM   332 O  O   . LYS A 1 45  ? -9.197  5.523   -3.986  1.00 30.18 ? 372 LYS A O   1 
ATOM   333 C  CB  . LYS A 1 45  ? -9.566  7.706   -1.395  1.00 37.19 ? 372 LYS A CB  1 
ATOM   334 C  CG  . LYS A 1 45  ? -10.311 8.981   -0.984  1.00 45.34 ? 372 LYS A CG  1 
ATOM   335 C  CD  . LYS A 1 45  ? -9.622  10.218  -1.543  1.00 46.79 ? 372 LYS A CD  1 
ATOM   336 C  CE  . LYS A 1 45  ? -10.462 11.478  -1.348  1.00 59.68 ? 372 LYS A CE  1 
ATOM   337 N  NZ  . LYS A 1 45  ? -9.800  12.670  -1.964  1.00 58.06 ? 372 LYS A NZ  1 
ATOM   338 N  N   . TYR A 1 46  ? -7.374  6.124   -2.828  1.00 28.43 ? 373 TYR A N   1 
ATOM   339 C  CA  . TYR A 1 46  ? -6.620  4.939   -3.206  1.00 24.58 ? 373 TYR A CA  1 
ATOM   340 C  C   . TYR A 1 46  ? -6.089  4.267   -1.952  1.00 24.00 ? 373 TYR A C   1 
ATOM   341 O  O   . TYR A 1 46  ? -6.118  4.835   -0.863  1.00 25.41 ? 373 TYR A O   1 
ATOM   342 C  CB  . TYR A 1 46  ? -5.478  5.299   -4.163  1.00 23.87 ? 373 TYR A CB  1 
ATOM   343 C  CG  . TYR A 1 46  ? -5.980  5.801   -5.499  1.00 29.76 ? 373 TYR A CG  1 
ATOM   344 C  CD1 . TYR A 1 46  ? -6.131  4.931   -6.571  1.00 27.17 ? 373 TYR A CD1 1 
ATOM   345 C  CD2 . TYR A 1 46  ? -6.327  7.137   -5.678  1.00 31.38 ? 373 TYR A CD2 1 
ATOM   346 C  CE1 . TYR A 1 46  ? -6.601  5.374   -7.799  1.00 34.14 ? 373 TYR A CE1 1 
ATOM   347 C  CE2 . TYR A 1 46  ? -6.791  7.595   -6.901  1.00 34.64 ? 373 TYR A CE2 1 
ATOM   348 C  CZ  . TYR A 1 46  ? -6.929  6.710   -7.958  1.00 38.73 ? 373 TYR A CZ  1 
ATOM   349 O  OH  . TYR A 1 46  ? -7.392  7.152   -9.183  1.00 36.30 ? 373 TYR A OH  1 
ATOM   350 N  N   . VAL A 1 47  ? -5.620  3.030   -2.107  1.00 22.93 ? 374 VAL A N   1 
ATOM   351 C  CA  . VAL A 1 47  ? -5.155  2.247   -0.968  1.00 20.50 ? 374 VAL A CA  1 
ATOM   352 C  C   . VAL A 1 47  ? -3.894  1.498   -1.352  1.00 22.50 ? 374 VAL A C   1 
ATOM   353 O  O   . VAL A 1 47  ? -3.823  0.896   -2.428  1.00 22.43 ? 374 VAL A O   1 
ATOM   354 C  CB  . VAL A 1 47  ? -6.226  1.244   -0.503  1.00 23.14 ? 374 VAL A CB  1 
ATOM   355 C  CG1 . VAL A 1 47  ? -5.716  0.445   0.692   1.00 23.61 ? 374 VAL A CG1 1 
ATOM   356 C  CG2 . VAL A 1 47  ? -7.551  1.987   -0.170  1.00 24.62 ? 374 VAL A CG2 1 
ATOM   357 N  N   . LEU A 1 48  ? -2.903  1.527   -0.459  1.00 19.46 ? 375 LEU A N   1 
ATOM   358 C  CA  . LEU A 1 48  ? -1.762  0.617   -0.526  1.00 21.28 ? 375 LEU A CA  1 
ATOM   359 C  C   . LEU A 1 48  ? -2.088  -0.574  0.369   1.00 20.00 ? 375 LEU A C   1 
ATOM   360 O  O   . LEU A 1 48  ? -2.177  -0.422  1.592   1.00 20.90 ? 375 LEU A O   1 
ATOM   361 C  CB  . LEU A 1 48  ? -0.495  1.339   -0.063  1.00 20.18 ? 375 LEU A CB  1 
ATOM   362 C  CG  . LEU A 1 48  ? 0.772   0.482   0.074   1.00 20.28 ? 375 LEU A CG  1 
ATOM   363 C  CD1 . LEU A 1 48  ? 1.356   0.097   -1.298  1.00 20.48 ? 375 LEU A CD1 1 
ATOM   364 C  CD2 . LEU A 1 48  ? 1.828   1.210   0.891   1.00 23.50 ? 375 LEU A CD2 1 
ATOM   365 N  N   . THR A 1 49  ? -2.253  -1.764  -0.234  1.00 18.37 ? 376 THR A N   1 
ATOM   366 C  CA  . THR A 1 49  ? -2.500  -2.994  0.503   1.00 17.86 ? 376 THR A CA  1 
ATOM   367 C  C   . THR A 1 49  ? -1.211  -3.796  0.518   1.00 18.84 ? 376 THR A C   1 
ATOM   368 O  O   . THR A 1 49  ? -0.604  -3.986  -0.536  1.00 19.10 ? 376 THR A O   1 
ATOM   369 C  CB  . THR A 1 49  ? -3.624  -3.806  -0.142  1.00 19.85 ? 376 THR A CB  1 
ATOM   370 O  OG1 . THR A 1 49  ? -4.859  -3.094  0.010   1.00 21.04 ? 376 THR A OG1 1 
ATOM   371 C  CG2 . THR A 1 49  ? -3.780  -5.185  0.533   1.00 20.88 ? 376 THR A CG2 1 
ATOM   372 N  N   . PHE A 1 50  ? -0.772  -4.232  1.699   1.00 17.97 ? 377 PHE A N   1 
ATOM   373 C  CA  . PHE A 1 50  ? 0.530   -4.899  1.781   1.00 17.26 ? 377 PHE A CA  1 
ATOM   374 C  C   . PHE A 1 50  ? 0.503   -5.999  2.833   1.00 19.40 ? 377 PHE A C   1 
ATOM   375 O  O   . PHE A 1 50  ? -0.330  -6.014  3.743   1.00 21.29 ? 377 PHE A O   1 
ATOM   376 C  CB  . PHE A 1 50  ? 1.665   -3.899  2.061   1.00 19.53 ? 377 PHE A CB  1 
ATOM   377 C  CG  . PHE A 1 50  ? 1.532   -3.151  3.374   1.00 19.82 ? 377 PHE A CG  1 
ATOM   378 C  CD1 . PHE A 1 50  ? 2.205   -3.596  4.500   1.00 19.23 ? 377 PHE A CD1 1 
ATOM   379 C  CD2 . PHE A 1 50  ? 0.771   -1.990  3.464   1.00 20.75 ? 377 PHE A CD2 1 
ATOM   380 C  CE1 . PHE A 1 50  ? 2.101   -2.929  5.713   1.00 19.21 ? 377 PHE A CE1 1 
ATOM   381 C  CE2 . PHE A 1 50  ? 0.661   -1.309  4.674   1.00 22.56 ? 377 PHE A CE2 1 
ATOM   382 C  CZ  . PHE A 1 50  ? 1.329   -1.770  5.805   1.00 21.44 ? 377 PHE A CZ  1 
ATOM   383 N  N   . ASN A 1 51  ? 1.399   -6.964  2.653   1.00 17.73 ? 378 ASN A N   1 
ATOM   384 C  CA  . ASN A 1 51  ? 1.521   -8.109  3.542   1.00 18.56 ? 378 ASN A CA  1 
ATOM   385 C  C   . ASN A 1 51  ? 2.419   -7.721  4.712   1.00 20.16 ? 378 ASN A C   1 
ATOM   386 O  O   . ASN A 1 51  ? 3.536   -7.236  4.508   1.00 21.07 ? 378 ASN A O   1 
ATOM   387 C  CB  . ASN A 1 51  ? 2.101   -9.282  2.733   1.00 18.44 ? 378 ASN A CB  1 
ATOM   388 C  CG  . ASN A 1 51  ? 2.403   -10.521 3.558   1.00 22.02 ? 378 ASN A CG  1 
ATOM   389 O  OD1 . ASN A 1 51  ? 2.928   -10.445 4.659   1.00 20.79 ? 378 ASN A OD1 1 
ATOM   390 N  ND2 . ASN A 1 51  ? 2.120   -11.700 2.977   1.00 20.03 ? 378 ASN A ND2 1 
ATOM   391 N  N   . LEU A 1 52  ? 1.915   -7.898  5.934   1.00 20.13 ? 379 LEU A N   1 
ATOM   392 C  CA  A LEU A 1 52  ? 2.698   -7.702  7.150   0.43 19.87 ? 379 LEU A CA  1 
ATOM   393 C  CA  B LEU A 1 52  ? 2.714   -7.707  7.140   0.57 19.80 ? 379 LEU A CA  1 
ATOM   394 C  C   . LEU A 1 52  ? 2.689   -9.015  7.918   1.00 19.01 ? 379 LEU A C   1 
ATOM   395 O  O   . LEU A 1 52  ? 1.661   -9.378  8.504   1.00 22.82 ? 379 LEU A O   1 
ATOM   396 C  CB  A LEU A 1 52  ? 2.124   -6.564  7.999   0.43 22.95 ? 379 LEU A CB  1 
ATOM   397 C  CB  B LEU A 1 52  ? 2.194   -6.539  7.980   0.57 22.97 ? 379 LEU A CB  1 
ATOM   398 C  CG  A LEU A 1 52  ? 2.807   -6.302  9.346   0.43 21.39 ? 379 LEU A CG  1 
ATOM   399 C  CG  B LEU A 1 52  ? 3.271   -5.896  8.862   0.57 22.39 ? 379 LEU A CG  1 
ATOM   400 C  CD1 A LEU A 1 52  ? 4.142   -5.598  9.162   0.43 22.28 ? 379 LEU A CD1 1 
ATOM   401 C  CD1 B LEU A 1 52  ? 2.863   -4.517  9.291   0.57 21.14 ? 379 LEU A CD1 1 
ATOM   402 C  CD2 A LEU A 1 52  ? 1.903   -5.502  10.280  0.43 24.90 ? 379 LEU A CD2 1 
ATOM   403 C  CD2 B LEU A 1 52  ? 3.570   -6.739  10.083  0.57 22.96 ? 379 LEU A CD2 1 
ATOM   404 N  N   . GLN A 1 53  ? 3.826   -9.718  7.912   1.00 21.65 ? 380 GLN A N   1 
ATOM   405 C  CA  . GLN A 1 53  ? 3.979   -10.985 8.632   1.00 23.51 ? 380 GLN A CA  1 
ATOM   406 C  C   . GLN A 1 53  ? 2.881   -11.977 8.261   1.00 26.82 ? 380 GLN A C   1 
ATOM   407 O  O   . GLN A 1 53  ? 2.423   -12.762 9.095   1.00 28.30 ? 380 GLN A O   1 
ATOM   408 C  CB  . GLN A 1 53  ? 4.011   -10.743 10.147  1.00 26.64 ? 380 GLN A CB  1 
ATOM   409 C  CG  . GLN A 1 53  ? 5.206   -9.884  10.560  1.00 26.94 ? 380 GLN A CG  1 
ATOM   410 C  CD  . GLN A 1 53  ? 5.043   -9.195  11.915  1.00 30.61 ? 380 GLN A CD  1 
ATOM   411 O  OE1 . GLN A 1 53  ? 4.101   -9.453  12.649  1.00 29.93 ? 380 GLN A OE1 1 
ATOM   412 N  NE2 . GLN A 1 53  ? 5.970   -8.306  12.233  1.00 29.40 ? 380 GLN A NE2 1 
ATOM   413 N  N   . GLY A 1 54  ? 2.443   -11.935 7.002   1.00 22.89 ? 381 GLY A N   1 
ATOM   414 C  CA  . GLY A 1 54  ? 1.419   -12.833 6.513   1.00 21.98 ? 381 GLY A CA  1 
ATOM   415 C  C   . GLY A 1 54  ? 0.011   -12.285 6.548   1.00 27.06 ? 381 GLY A C   1 
ATOM   416 O  O   . GLY A 1 54  ? -0.896  -12.911 5.973   1.00 28.32 ? 381 GLY A O   1 
ATOM   417 N  N   . ARG A 1 55  ? -0.201  -11.151 7.212   1.00 25.39 ? 382 ARG A N   1 
ATOM   418 C  CA  . ARG A 1 55  ? -1.504  -10.524 7.347   1.00 22.56 ? 382 ARG A CA  1 
ATOM   419 C  C   . ARG A 1 55  ? -1.581  -9.320  6.419   1.00 24.58 ? 382 ARG A C   1 
ATOM   420 O  O   . ARG A 1 55  ? -0.594  -8.600  6.255   1.00 31.11 ? 382 ARG A O   1 
ATOM   421 C  CB  . ARG A 1 55  ? -1.738  -10.054 8.785   1.00 27.02 ? 382 ARG A CB  1 
ATOM   422 C  CG  . ARG A 1 55  ? -1.948  -11.179 9.787   1.00 40.11 ? 382 ARG A CG  1 
ATOM   423 C  CD  . ARG A 1 55  ? -2.073  -10.632 11.205  1.00 50.96 ? 382 ARG A CD  1 
ATOM   424 N  N   . ALA A 1 56  ? -2.760  -9.071  5.852   1.00 23.33 ? 383 ALA A N   1 
ATOM   425 C  CA  . ALA A 1 56  ? -2.935  -7.911  4.980   1.00 20.97 ? 383 ALA A CA  1 
ATOM   426 C  C   . ALA A 1 56  ? -3.205  -6.658  5.790   1.00 23.56 ? 383 ALA A C   1 
ATOM   427 O  O   . ALA A 1 56  ? -3.979  -6.678  6.753   1.00 25.36 ? 383 ALA A O   1 
ATOM   428 C  CB  . ALA A 1 56  ? -4.088  -8.127  3.996   1.00 24.06 ? 383 ALA A CB  1 
ATOM   429 N  N   . LYS A 1 57  ? -2.566  -5.561  5.388   1.00 21.40 ? 384 LYS A N   1 
ATOM   430 C  CA  . LYS A 1 57  ? -2.765  -4.252  5.987   1.00 20.12 ? 384 LYS A CA  1 
ATOM   431 C  C   . LYS A 1 57  ? -3.105  -3.272  4.877   1.00 22.80 ? 384 LYS A C   1 
ATOM   432 O  O   . LYS A 1 57  ? -2.716  -3.474  3.726   1.00 21.86 ? 384 LYS A O   1 
ATOM   433 C  CB  . LYS A 1 57  ? -1.528  -3.780  6.736   1.00 22.67 ? 384 LYS A CB  1 
ATOM   434 C  CG  . LYS A 1 57  ? -1.113  -4.698  7.875   1.00 25.54 ? 384 LYS A CG  1 
ATOM   435 C  CD  . LYS A 1 57  ? -2.173  -4.680  8.982   1.00 28.69 ? 384 LYS A CD  1 
ATOM   436 C  CE  . LYS A 1 57  ? -1.780  -5.611  10.124  1.00 41.45 ? 384 LYS A CE  1 
ATOM   437 N  NZ  . LYS A 1 57  ? -2.758  -5.510  11.240  1.00 48.16 ? 384 LYS A NZ  1 
ATOM   438 N  N   . HIS A 1 58  ? -3.817  -2.196  5.225   1.00 20.80 ? 385 HIS A N   1 
ATOM   439 C  CA  . HIS A 1 58  ? -4.344  -1.279  4.223   1.00 20.18 ? 385 HIS A CA  1 
ATOM   440 C  C   . HIS A 1 58  ? -4.069  0.151   4.651   1.00 28.10 ? 385 HIS A C   1 
ATOM   441 O  O   . HIS A 1 58  ? -4.454  0.550   5.752   1.00 25.48 ? 385 HIS A O   1 
ATOM   442 C  CB  . HIS A 1 58  ? -5.856  -1.477  4.024   1.00 23.74 ? 385 HIS A CB  1 
ATOM   443 C  CG  . HIS A 1 58  ? -6.236  -2.893  3.755   1.00 21.31 ? 385 HIS A CG  1 
ATOM   444 N  ND1 . HIS A 1 58  ? -6.286  -3.417  2.481   1.00 22.76 ? 385 HIS A ND1 1 
ATOM   445 C  CD2 . HIS A 1 58  ? -6.553  -3.906  4.595   1.00 23.13 ? 385 HIS A CD2 1 
ATOM   446 C  CE1 . HIS A 1 58  ? -6.635  -4.693  2.549   1.00 23.81 ? 385 HIS A CE1 1 
ATOM   447 N  NE2 . HIS A 1 58  ? -6.805  -5.010  3.822   1.00 24.95 ? 385 HIS A NE2 1 
ATOM   448 N  N   . LEU A 1 59  ? -3.417  0.916   3.776   1.00 21.39 ? 386 LEU A N   1 
ATOM   449 C  CA  . LEU A 1 59  ? -3.019  2.292   4.062   1.00 20.56 ? 386 LEU A CA  1 
ATOM   450 C  C   . LEU A 1 59  ? -3.654  3.220   3.035   1.00 21.09 ? 386 LEU A C   1 
ATOM   451 O  O   . LEU A 1 59  ? -3.452  3.043   1.830   1.00 23.99 ? 386 LEU A O   1 
ATOM   452 C  CB  . LEU A 1 59  ? -1.492  2.397   4.035   1.00 25.78 ? 386 LEU A CB  1 
ATOM   453 C  CG  . LEU A 1 59  ? -0.804  3.673   4.462   1.00 26.68 ? 386 LEU A CG  1 
ATOM   454 C  CD1 . LEU A 1 59  ? -1.183  4.000   5.899   1.00 28.44 ? 386 LEU A CD1 1 
ATOM   455 C  CD2 . LEU A 1 59  ? 0.693   3.451   4.337   1.00 28.99 ? 386 LEU A CD2 1 
ATOM   456 N  N   . ARG A 1 60  ? -4.414  4.217   3.507   1.00 23.04 ? 387 ARG A N   1 
ATOM   457 C  CA  . ARG A 1 60  ? -5.086  5.131   2.594   1.00 24.76 ? 387 ARG A CA  1 
ATOM   458 C  C   . ARG A 1 60  ? -4.094  6.096   1.962   1.00 22.05 ? 387 ARG A C   1 
ATOM   459 O  O   . ARG A 1 60  ? -3.176  6.587   2.627   1.00 27.13 ? 387 ARG A O   1 
ATOM   460 C  CB  . ARG A 1 60  ? -6.162  5.945   3.324   1.00 26.64 ? 387 ARG A CB  1 
ATOM   461 C  CG  . ARG A 1 60  ? -7.436  5.210   3.683   1.00 37.61 ? 387 ARG A CG  1 
ATOM   462 C  CD  . ARG A 1 60  ? -8.545  6.224   4.003   1.00 45.07 ? 387 ARG A CD  1 
ATOM   463 N  NE  . ARG A 1 60  ? -9.163  5.985   5.302   1.00 53.04 ? 387 ARG A NE  1 
ATOM   464 N  N   . LEU A 1 61  ? -4.289  6.364   0.671   1.00 23.93 ? 388 LEU A N   1 
ATOM   465 C  CA  . LEU A 1 61  ? -3.487  7.295   -0.111  1.00 27.30 ? 388 LEU A CA  1 
ATOM   466 C  C   . LEU A 1 61  ? -4.400  8.307   -0.780  1.00 27.10 ? 388 LEU A C   1 
ATOM   467 O  O   . LEU A 1 61  ? -5.472  7.946   -1.268  1.00 27.65 ? 388 LEU A O   1 
ATOM   468 C  CB  . LEU A 1 61  ? -2.712  6.588   -1.220  1.00 29.18 ? 388 LEU A CB  1 
ATOM   469 C  CG  . LEU A 1 61  ? -2.186  5.186   -0.990  1.00 31.50 ? 388 LEU A CG  1 
ATOM   470 C  CD1 . LEU A 1 61  ? -1.732  4.607   -2.320  1.00 28.51 ? 388 LEU A CD1 1 
ATOM   471 C  CD2 . LEU A 1 61  ? -1.040  5.272   -0.021  1.00 32.09 ? 388 LEU A CD2 1 
ATOM   472 N  N   . VAL A 1 62  ? -3.965  9.565   -0.832  1.00 31.06 ? 389 VAL A N   1 
ATOM   473 C  CA  . VAL A 1 62  ? -4.661  10.604  -1.587  1.00 27.88 ? 389 VAL A CA  1 
ATOM   474 C  C   . VAL A 1 62  ? -3.790  10.995  -2.769  1.00 28.35 ? 389 VAL A C   1 
ATOM   475 O  O   . VAL A 1 62  ? -2.588  11.232  -2.611  1.00 33.59 ? 389 VAL A O   1 
ATOM   476 C  CB  . VAL A 1 62  ? -4.984  11.831  -0.712  1.00 29.48 ? 389 VAL A CB  1 
ATOM   477 C  CG1 . VAL A 1 62  ? -5.498  12.959  -1.586  1.00 38.65 ? 389 VAL A CG1 1 
ATOM   478 C  CG2 . VAL A 1 62  ? -6.008  11.463  0.337   1.00 35.30 ? 389 VAL A CG2 1 
ATOM   479 N  N   . LEU A 1 63  ? -4.390  11.040  -3.956  1.00 30.05 ? 390 LEU A N   1 
ATOM   480 C  CA  . LEU A 1 63  ? -3.690  11.394  -5.184  1.00 31.87 ? 390 LEU A CA  1 
ATOM   481 C  C   . LEU A 1 63  ? -4.260  12.714  -5.689  1.00 40.63 ? 390 LEU A C   1 
ATOM   482 O  O   . LEU A 1 63  ? -5.436  12.780  -6.055  1.00 45.35 ? 390 LEU A O   1 
ATOM   483 C  CB  . LEU A 1 63  ? -3.845  10.299  -6.233  1.00 35.88 ? 390 LEU A CB  1 
ATOM   484 C  CG  . LEU A 1 63  ? -2.736  9.251   -6.256  1.00 45.54 ? 390 LEU A CG  1 
ATOM   485 C  CD1 . LEU A 1 63  ? -2.544  8.620   -4.889  1.00 42.20 ? 390 LEU A CD1 1 
ATOM   486 C  CD2 . LEU A 1 63  ? -3.049  8.198   -7.304  1.00 47.93 ? 390 LEU A CD2 1 
ATOM   487 N  N   . THR A 1 64  ? -3.430  13.755  -5.709  1.00 38.29 ? 391 THR A N   1 
ATOM   488 C  CA  . THR A 1 64  ? -3.893  15.065  -6.150  1.00 50.78 ? 391 THR A CA  1 
ATOM   489 C  C   . THR A 1 64  ? -4.007  15.100  -7.671  1.00 48.57 ? 391 THR A C   1 
ATOM   490 O  O   . THR A 1 64  ? -3.502  14.225  -8.383  1.00 48.90 ? 391 THR A O   1 
ATOM   491 C  CB  . THR A 1 64  ? -2.947  16.167  -5.679  1.00 45.90 ? 391 THR A CB  1 
ATOM   492 O  OG1 . THR A 1 64  ? -1.828  16.249  -6.569  1.00 56.30 ? 391 THR A OG1 1 
ATOM   493 C  CG2 . THR A 1 64  ? -2.442  15.875  -4.282  1.00 48.99 ? 391 THR A CG2 1 
ATOM   494 N  N   . GLU A 1 65  ? -4.680  16.137  -8.176  1.00 51.89 ? 392 GLU A N   1 
ATOM   495 C  CA  . GLU A 1 65  ? -4.892  16.241  -9.617  1.00 57.48 ? 392 GLU A CA  1 
ATOM   496 C  C   . GLU A 1 65  ? -3.573  16.346  -10.373 1.00 59.13 ? 392 GLU A C   1 
ATOM   497 O  O   . GLU A 1 65  ? -3.505  15.979  -11.551 1.00 58.97 ? 392 GLU A O   1 
ATOM   498 C  CB  . GLU A 1 65  ? -5.787  17.438  -9.934  1.00 57.20 ? 392 GLU A CB  1 
ATOM   499 N  N   . ARG A 1 66  ? -2.515  16.824  -9.717  1.00 59.65 ? 393 ARG A N   1 
ATOM   500 C  CA  . ARG A 1 66  ? -1.199  16.921  -10.335 1.00 53.74 ? 393 ARG A CA  1 
ATOM   501 C  C   . ARG A 1 66  ? -0.408  15.618  -10.273 1.00 60.85 ? 393 ARG A C   1 
ATOM   502 O  O   . ARG A 1 66  ? 0.722   15.577  -10.771 1.00 58.08 ? 393 ARG A O   1 
ATOM   503 C  CB  . ARG A 1 66  ? -0.398  18.048  -9.676  1.00 58.76 ? 393 ARG A CB  1 
ATOM   504 N  N   . GLY A 1 67  ? -0.962  14.559  -9.682  1.00 56.43 ? 394 GLY A N   1 
ATOM   505 C  CA  . GLY A 1 67  ? -0.280  13.284  -9.596  1.00 52.57 ? 394 GLY A CA  1 
ATOM   506 C  C   . GLY A 1 67  ? 0.487   13.045  -8.312  1.00 49.04 ? 394 GLY A C   1 
ATOM   507 O  O   . GLY A 1 67  ? 1.048   11.954  -8.138  1.00 45.37 ? 394 GLY A O   1 
ATOM   508 N  N   . GLN A 1 68  ? 0.531   14.019  -7.412  1.00 42.98 ? 395 GLN A N   1 
ATOM   509 C  CA  . GLN A 1 68  ? 1.249   13.868  -6.159  1.00 39.37 ? 395 GLN A CA  1 
ATOM   510 C  C   . GLN A 1 68  ? 0.468   12.977  -5.195  1.00 33.51 ? 395 GLN A C   1 
ATOM   511 O  O   . GLN A 1 68  ? -0.736  12.758  -5.347  1.00 36.93 ? 395 GLN A O   1 
ATOM   512 C  CB  . GLN A 1 68  ? 1.513   15.238  -5.545  1.00 47.78 ? 395 GLN A CB  1 
ATOM   513 C  CG  . GLN A 1 68  ? 2.154   16.195  -6.530  1.00 49.51 ? 395 GLN A CG  1 
ATOM   514 C  CD  . GLN A 1 68  ? 2.355   17.568  -5.945  1.00 64.92 ? 395 GLN A CD  1 
ATOM   515 O  OE1 . GLN A 1 68  ? 3.391   17.852  -5.343  1.00 65.94 ? 395 GLN A OE1 1 
ATOM   516 N  NE2 . GLN A 1 68  ? 1.362   18.432  -6.112  1.00 65.99 ? 395 GLN A NE2 1 
ATOM   517 N  N   . CYS A 1 69  ? 1.180   12.454  -4.192  1.00 33.87 ? 396 CYS A N   1 
ATOM   518 C  CA  . CYS A 1 69  ? 0.673   11.403  -3.313  1.00 34.25 ? 396 CYS A CA  1 
ATOM   519 C  C   . CYS A 1 69  ? 0.821   11.829  -1.860  1.00 33.00 ? 396 CYS A C   1 
ATOM   520 O  O   . CYS A 1 69  ? 1.928   12.164  -1.428  1.00 37.89 ? 396 CYS A O   1 
ATOM   521 C  CB  . CYS A 1 69  ? 1.437   10.094  -3.550  1.00 25.66 ? 396 CYS A CB  1 
ATOM   522 S  SG  . CYS A 1 69  ? 0.817   8.712   -2.585  1.00 34.21 ? 396 CYS A SG  1 
ATOM   523 N  N   . ARG A 1 70  ? -0.279  11.810  -1.102  1.00 27.16 ? 397 ARG A N   1 
ATOM   524 C  CA  . ARG A 1 70  ? -0.230  12.064  0.332   1.00 26.67 ? 397 ARG A CA  1 
ATOM   525 C  C   . ARG A 1 70  ? -0.634  10.818  1.109   1.00 27.48 ? 397 ARG A C   1 
ATOM   526 O  O   . ARG A 1 70  ? -1.646  10.184  0.795   1.00 28.29 ? 397 ARG A O   1 
ATOM   527 C  CB  . ARG A 1 70  ? -1.143  13.231  0.723   1.00 26.06 ? 397 ARG A CB  1 
ATOM   528 C  CG  . ARG A 1 70  ? -1.118  13.520  2.216   1.00 27.96 ? 397 ARG A CG  1 
ATOM   529 C  CD  . ARG A 1 70  ? -2.032  14.707  2.614   1.00 31.86 ? 397 ARG A CD  1 
ATOM   530 N  NE  . ARG A 1 70  ? -3.457  14.421  2.496   1.00 27.65 ? 397 ARG A NE  1 
ATOM   531 C  CZ  . ARG A 1 70  ? -4.187  13.832  3.434   1.00 29.28 ? 397 ARG A CZ  1 
ATOM   532 N  NH1 . ARG A 1 70  ? -3.649  13.393  4.558   1.00 29.80 ? 397 ARG A NH1 1 
ATOM   533 N  NH2 . ARG A 1 70  ? -5.492  13.682  3.242   1.00 31.75 ? 397 ARG A NH2 1 
ATOM   534 N  N   . VAL A 1 71  ? 0.167   10.479  2.120   1.00 25.20 ? 398 VAL A N   1 
ATOM   535 C  CA  . VAL A 1 71  ? -0.133  9.417   3.076   1.00 23.00 ? 398 VAL A CA  1 
ATOM   536 C  C   . VAL A 1 71  ? -0.120  10.073  4.452   1.00 28.10 ? 398 VAL A C   1 
ATOM   537 O  O   . VAL A 1 71  ? 0.949   10.283  5.037   1.00 25.29 ? 398 VAL A O   1 
ATOM   538 C  CB  . VAL A 1 71  ? 0.881   8.269   3.002   1.00 26.29 ? 398 VAL A CB  1 
ATOM   539 C  CG1 . VAL A 1 71  ? 0.438   7.116   3.887   1.00 30.17 ? 398 VAL A CG1 1 
ATOM   540 C  CG2 . VAL A 1 71  ? 1.026   7.821   1.577   1.00 28.07 ? 398 VAL A CG2 1 
ATOM   541 N  N   . GLN A 1 72  ? -1.306  10.406  4.970   1.00 28.70 ? 399 GLN A N   1 
ATOM   542 C  CA  . GLN A 1 72  ? -1.441  11.060  6.268   1.00 30.70 ? 399 GLN A CA  1 
ATOM   543 C  C   . GLN A 1 72  ? -0.629  12.353  6.291   1.00 29.14 ? 399 GLN A C   1 
ATOM   544 O  O   . GLN A 1 72  ? -0.942  13.283  5.543   1.00 28.13 ? 399 GLN A O   1 
ATOM   545 C  CB  . GLN A 1 72  ? -1.030  10.098  7.392   1.00 30.12 ? 399 GLN A CB  1 
ATOM   546 C  CG  . GLN A 1 72  ? -1.567  10.463  8.780   1.00 30.06 ? 399 GLN A CG  1 
ATOM   547 C  CD  . GLN A 1 72  ? -1.319  9.358   9.781   1.00 31.76 ? 399 GLN A CD  1 
ATOM   548 O  OE1 . GLN A 1 72  ? -1.696  8.206   9.547   1.00 34.20 ? 399 GLN A OE1 1 
ATOM   549 N  NE2 . GLN A 1 72  ? -0.669  9.691   10.893  1.00 31.85 ? 399 GLN A NE2 1 
ATOM   550 N  N   . HIS A 1 73  ? 0.426   12.424  7.112   1.00 26.38 ? 400 HIS A N   1 
ATOM   551 C  CA  . HIS A 1 73  ? 1.264   13.618  7.194   1.00 27.08 ? 400 HIS A CA  1 
ATOM   552 C  C   . HIS A 1 73  ? 2.380   13.663  6.161   1.00 32.50 ? 400 HIS A C   1 
ATOM   553 O  O   . HIS A 1 73  ? 3.072   14.683  6.062   1.00 30.07 ? 400 HIS A O   1 
ATOM   554 C  CB  . HIS A 1 73  ? 1.879   13.741  8.588   1.00 28.80 ? 400 HIS A CB  1 
ATOM   555 C  CG  . HIS A 1 73  ? 2.732   12.579  8.982   1.00 27.43 ? 400 HIS A CG  1 
ATOM   556 N  ND1 . HIS A 1 73  ? 2.234   11.300  9.108   1.00 31.78 ? 400 HIS A ND1 1 
ATOM   557 C  CD2 . HIS A 1 73  ? 4.044   12.505  9.297   1.00 36.48 ? 400 HIS A CD2 1 
ATOM   558 C  CE1 . HIS A 1 73  ? 3.207   10.485  9.473   1.00 34.57 ? 400 HIS A CE1 1 
ATOM   559 N  NE2 . HIS A 1 73  ? 4.315   11.191  9.597   1.00 36.04 ? 400 HIS A NE2 1 
ATOM   560 N  N   . LEU A 1 74  ? 2.568   12.607  5.383   1.00 27.71 ? 401 LEU A N   1 
ATOM   561 C  CA  . LEU A 1 74  ? 3.688   12.512  4.458   1.00 27.45 ? 401 LEU A CA  1 
ATOM   562 C  C   . LEU A 1 74  ? 3.239   12.877  3.052   1.00 26.18 ? 401 LEU A C   1 
ATOM   563 O  O   . LEU A 1 74  ? 2.215   12.384  2.578   1.00 32.06 ? 401 LEU A O   1 
ATOM   564 C  CB  . LEU A 1 74  ? 4.265   11.094  4.481   1.00 25.58 ? 401 LEU A CB  1 
ATOM   565 C  CG  . LEU A 1 74  ? 4.739   10.661  5.870   1.00 30.62 ? 401 LEU A CG  1 
ATOM   566 C  CD1 . LEU A 1 74  ? 5.194   9.197   5.874   1.00 34.12 ? 401 LEU A CD1 1 
ATOM   567 C  CD2 . LEU A 1 74  ? 5.835   11.569  6.399   1.00 32.34 ? 401 LEU A CD2 1 
ATOM   568 N  N   . HIS A 1 75  ? 4.010   13.735  2.390   1.00 28.04 ? 402 HIS A N   1 
ATOM   569 C  CA  . HIS A 1 75  ? 3.741   14.149  1.020   1.00 25.63 ? 402 HIS A CA  1 
ATOM   570 C  C   . HIS A 1 75  ? 4.874   13.697  0.112   1.00 28.21 ? 402 HIS A C   1 
ATOM   571 O  O   . HIS A 1 75  ? 6.051   13.832  0.463   1.00 35.23 ? 402 HIS A O   1 
ATOM   572 C  CB  . HIS A 1 75  ? 3.594   15.675  0.924   1.00 31.82 ? 402 HIS A CB  1 
ATOM   573 C  CG  . HIS A 1 75  ? 2.412   16.221  1.666   1.00 35.20 ? 402 HIS A CG  1 
ATOM   574 N  ND1 . HIS A 1 75  ? 1.296   16.714  1.026   1.00 40.21 ? 402 HIS A ND1 1 
ATOM   575 C  CD2 . HIS A 1 75  ? 2.179   16.368  2.993   1.00 39.92 ? 402 HIS A CD2 1 
ATOM   576 C  CE1 . HIS A 1 75  ? 0.424   17.137  1.926   1.00 38.86 ? 402 HIS A CE1 1 
ATOM   577 N  NE2 . HIS A 1 75  ? 0.935   16.939  3.127   1.00 39.04 ? 402 HIS A NE2 1 
ATOM   578 N  N   . PHE A 1 76  ? 4.510   13.175  -1.056  1.00 32.84 ? 403 PHE A N   1 
ATOM   579 C  CA  . PHE A 1 76  ? 5.449   12.694  -2.058  1.00 27.37 ? 403 PHE A CA  1 
ATOM   580 C  C   . PHE A 1 76  ? 5.090   13.271  -3.417  1.00 28.28 ? 403 PHE A C   1 
ATOM   581 O  O   . PHE A 1 76  ? 3.913   13.525  -3.701  1.00 33.04 ? 403 PHE A O   1 
ATOM   582 C  CB  . PHE A 1 76  ? 5.436   11.156  -2.151  1.00 29.33 ? 403 PHE A CB  1 
ATOM   583 C  CG  . PHE A 1 76  ? 5.688   10.467  -0.848  1.00 27.48 ? 403 PHE A CG  1 
ATOM   584 C  CD1 . PHE A 1 76  ? 6.978   10.171  -0.453  1.00 28.46 ? 403 PHE A CD1 1 
ATOM   585 C  CD2 . PHE A 1 76  ? 4.635   10.127  -0.008  1.00 26.97 ? 403 PHE A CD2 1 
ATOM   586 C  CE1 . PHE A 1 76  ? 7.228   9.536   0.751   1.00 28.81 ? 403 PHE A CE1 1 
ATOM   587 C  CE2 . PHE A 1 76  ? 4.875   9.498   1.198   1.00 27.20 ? 403 PHE A CE2 1 
ATOM   588 C  CZ  . PHE A 1 76  ? 6.171   9.195   1.574   1.00 30.16 ? 403 PHE A CZ  1 
ATOM   589 N  N   . PRO A 1 77  ? 6.082   13.470  -4.289  1.00 30.74 ? 404 PRO A N   1 
ATOM   590 C  CA  . PRO A 1 77  ? 5.778   13.998  -5.629  1.00 36.42 ? 404 PRO A CA  1 
ATOM   591 C  C   . PRO A 1 77  ? 4.993   13.036  -6.513  1.00 39.14 ? 404 PRO A C   1 
ATOM   592 O  O   . PRO A 1 77  ? 4.357   13.486  -7.473  1.00 37.17 ? 404 PRO A O   1 
ATOM   593 C  CB  . PRO A 1 77  ? 7.165   14.295  -6.217  1.00 37.05 ? 404 PRO A CB  1 
ATOM   594 C  CG  . PRO A 1 77  ? 8.114   13.483  -5.407  1.00 44.72 ? 404 PRO A CG  1 
ATOM   595 C  CD  . PRO A 1 77  ? 7.531   13.391  -4.034  1.00 33.02 ? 404 PRO A CD  1 
ATOM   596 N  N   . SER A 1 78  ? 4.998   11.740  -6.221  1.00 31.58 ? 405 SER A N   1 
ATOM   597 C  CA  . SER A 1 78  ? 4.287   10.772  -7.041  1.00 30.93 ? 405 SER A CA  1 
ATOM   598 C  C   . SER A 1 78  ? 4.065   9.517   -6.214  1.00 25.90 ? 405 SER A C   1 
ATOM   599 O  O   . SER A 1 78  ? 4.692   9.330   -5.166  1.00 28.12 ? 405 SER A O   1 
ATOM   600 C  CB  . SER A 1 78  ? 5.063   10.427  -8.316  1.00 34.38 ? 405 SER A CB  1 
ATOM   601 O  OG  . SER A 1 78  ? 6.260   9.734   -7.991  1.00 32.52 ? 405 SER A OG  1 
ATOM   602 N  N   . VAL A 1 79  ? 3.162   8.663   -6.701  1.00 26.83 ? 406 VAL A N   1 
ATOM   603 C  CA  . VAL A 1 79  ? 2.945   7.365   -6.059  1.00 27.95 ? 406 VAL A CA  1 
ATOM   604 C  C   . VAL A 1 79  ? 4.213   6.521   -6.130  1.00 29.79 ? 406 VAL A C   1 
ATOM   605 O  O   . VAL A 1 79  ? 4.587   5.851   -5.159  1.00 24.65 ? 406 VAL A O   1 
ATOM   606 C  CB  . VAL A 1 79  ? 1.751   6.643   -6.703  1.00 29.77 ? 406 VAL A CB  1 
ATOM   607 C  CG1 . VAL A 1 79  ? 1.605   5.220   -6.151  1.00 28.85 ? 406 VAL A CG1 1 
ATOM   608 C  CG2 . VAL A 1 79  ? 0.479   7.429   -6.477  1.00 36.01 ? 406 VAL A CG2 1 
ATOM   609 N  N   . VAL A 1 80  ? 4.897   6.549   -7.277  1.00 27.71 ? 407 VAL A N   1 
ATOM   610 C  CA  . VAL A 1 80  ? 6.149   5.804   -7.418  1.00 27.83 ? 407 VAL A CA  1 
ATOM   611 C  C   . VAL A 1 80  ? 7.166   6.246   -6.376  1.00 28.40 ? 407 VAL A C   1 
ATOM   612 O  O   . VAL A 1 80  ? 7.874   5.418   -5.792  1.00 27.42 ? 407 VAL A O   1 
ATOM   613 C  CB  . VAL A 1 80  ? 6.702   5.955   -8.849  1.00 29.77 ? 407 VAL A CB  1 
ATOM   614 C  CG1 . VAL A 1 80  ? 8.174   5.596   -8.889  1.00 34.26 ? 407 VAL A CG1 1 
ATOM   615 C  CG2 . VAL A 1 80  ? 5.905   5.086   -9.788  1.00 31.82 ? 407 VAL A CG2 1 
ATOM   616 N  N   . ASP A 1 81  ? 7.267   7.560   -6.129  1.00 26.38 ? 408 ASP A N   1 
ATOM   617 C  CA  . ASP A 1 81  ? 8.204   8.052   -5.121  1.00 31.05 ? 408 ASP A CA  1 
ATOM   618 C  C   . ASP A 1 81  ? 7.819   7.576   -3.721  1.00 23.83 ? 408 ASP A C   1 
ATOM   619 O  O   . ASP A 1 81  ? 8.693   7.250   -2.912  1.00 27.75 ? 408 ASP A O   1 
ATOM   620 C  CB  . ASP A 1 81  ? 8.282   9.578   -5.183  1.00 31.59 ? 408 ASP A CB  1 
ATOM   621 C  CG  . ASP A 1 81  ? 8.912   10.074  -6.484  1.00 48.29 ? 408 ASP A CG  1 
ATOM   622 O  OD1 . ASP A 1 81  ? 10.068  9.695   -6.768  1.00 46.34 ? 408 ASP A OD1 1 
ATOM   623 O  OD2 . ASP A 1 81  ? 8.244   10.816  -7.235  1.00 51.35 ? 408 ASP A OD2 1 
ATOM   624 N  N   . MET A 1 82  ? 6.514   7.525   -3.425  1.00 24.46 ? 409 MET A N   1 
ATOM   625 C  CA  A MET A 1 82  ? 6.050   6.970   -2.154  0.79 24.16 ? 409 MET A CA  1 
ATOM   626 C  CA  B MET A 1 82  ? 6.065   6.973   -2.149  0.21 24.26 ? 409 MET A CA  1 
ATOM   627 C  C   . MET A 1 82  ? 6.461   5.508   -2.007  1.00 23.29 ? 409 MET A C   1 
ATOM   628 O  O   . MET A 1 82  ? 6.948   5.090   -0.952  1.00 22.95 ? 409 MET A O   1 
ATOM   629 C  CB  A MET A 1 82  ? 4.529   7.116   -2.064  0.79 25.52 ? 409 MET A CB  1 
ATOM   630 C  CB  B MET A 1 82  ? 4.553   7.121   -2.014  0.21 25.49 ? 409 MET A CB  1 
ATOM   631 C  CG  A MET A 1 82  ? 3.882   6.601   -0.780  0.79 23.72 ? 409 MET A CG  1 
ATOM   632 C  CG  B MET A 1 82  ? 3.990   6.423   -0.787  0.21 24.07 ? 409 MET A CG  1 
ATOM   633 S  SD  A MET A 1 82  ? 3.477   4.851   -0.837  0.79 23.26 ? 409 MET A SD  1 
ATOM   634 S  SD  B MET A 1 82  ? 2.269   5.942   -0.988  0.21 31.91 ? 409 MET A SD  1 
ATOM   635 C  CE  A MET A 1 82  ? 2.204   4.832   -2.087  0.79 25.94 ? 409 MET A CE  1 
ATOM   636 C  CE  B MET A 1 82  ? 2.371   4.923   -2.457  0.21 26.19 ? 409 MET A CE  1 
ATOM   637 N  N   . LEU A 1 83  ? 6.280   4.724   -3.064  1.00 23.73 ? 410 LEU A N   1 
ATOM   638 C  CA  . LEU A 1 83  ? 6.622   3.307   -3.004  1.00 20.25 ? 410 LEU A CA  1 
ATOM   639 C  C   . LEU A 1 83  ? 8.116   3.116   -2.788  1.00 23.31 ? 410 LEU A C   1 
ATOM   640 O  O   . LEU A 1 83  ? 8.532   2.314   -1.946  1.00 26.19 ? 410 LEU A O   1 
ATOM   641 C  CB  . LEU A 1 83  ? 6.165   2.615   -4.289  1.00 19.34 ? 410 LEU A CB  1 
ATOM   642 C  CG  . LEU A 1 83  ? 4.665   2.560   -4.569  1.00 22.08 ? 410 LEU A CG  1 
ATOM   643 C  CD1 . LEU A 1 83  ? 4.415   1.903   -5.942  1.00 24.29 ? 410 LEU A CD1 1 
ATOM   644 C  CD2 . LEU A 1 83  ? 3.907   1.791   -3.477  1.00 21.92 ? 410 LEU A CD2 1 
ATOM   645 N  N   . ARG A 1 84  ? 8.940   3.855   -3.538  1.00 24.69 ? 411 ARG A N   1 
ATOM   646 C  CA  . ARG A 1 84  ? 10.387  3.727   -3.369  1.00 30.09 ? 411 ARG A CA  1 
ATOM   647 C  C   . ARG A 1 84  ? 10.823  4.168   -1.977  1.00 24.99 ? 411 ARG A C   1 
ATOM   648 O  O   . ARG A 1 84  ? 11.724  3.567   -1.378  1.00 28.29 ? 411 ARG A O   1 
ATOM   649 C  CB  . ARG A 1 84  ? 11.114  4.533   -4.450  1.00 30.11 ? 411 ARG A CB  1 
ATOM   650 C  CG  . ARG A 1 84  ? 10.886  4.007   -5.867  1.00 30.80 ? 411 ARG A CG  1 
ATOM   651 C  CD  . ARG A 1 84  ? 12.030  3.110   -6.300  1.00 46.38 ? 411 ARG A CD  1 
ATOM   652 N  NE  . ARG A 1 84  ? 11.780  2.490   -7.596  1.00 53.89 ? 411 ARG A NE  1 
ATOM   653 N  N   . HIS A 1 85  ? 10.183  5.204   -1.431  1.00 24.89 ? 412 HIS A N   1 
ATOM   654 C  CA  . HIS A 1 85  ? 10.483  5.623   -0.068  1.00 27.38 ? 412 HIS A CA  1 
ATOM   655 C  C   . HIS A 1 85  ? 10.257  4.483   0.924   1.00 29.65 ? 412 HIS A C   1 
ATOM   656 O  O   . HIS A 1 85  ? 11.107  4.219   1.782   1.00 29.21 ? 412 HIS A O   1 
ATOM   657 C  CB  . HIS A 1 85  ? 9.639   6.845   0.303   1.00 28.84 ? 412 HIS A CB  1 
ATOM   658 C  CG  . HIS A 1 85  ? 9.810   7.279   1.720   1.00 31.67 ? 412 HIS A CG  1 
ATOM   659 N  ND1 . HIS A 1 85  ? 10.962  7.885   2.175   1.00 39.66 ? 412 HIS A ND1 1 
ATOM   660 C  CD2 . HIS A 1 85  ? 8.987   7.182   2.790   1.00 33.85 ? 412 HIS A CD2 1 
ATOM   661 C  CE1 . HIS A 1 85  ? 10.838  8.144   3.464   1.00 34.73 ? 412 HIS A CE1 1 
ATOM   662 N  NE2 . HIS A 1 85  ? 9.649   7.730   3.861   1.00 36.00 ? 412 HIS A NE2 1 
ATOM   663 N  N   . PHE A 1 86  ? 9.127   3.771   0.804   1.00 25.42 ? 413 PHE A N   1 
ATOM   664 C  CA  . PHE A 1 86  ? 8.816   2.706   1.756   1.00 24.89 ? 413 PHE A CA  1 
ATOM   665 C  C   . PHE A 1 86  ? 9.506   1.389   1.418   1.00 23.09 ? 413 PHE A C   1 
ATOM   666 O  O   . PHE A 1 86  ? 9.456   0.459   2.231   1.00 22.16 ? 413 PHE A O   1 
ATOM   667 C  CB  . PHE A 1 86  ? 7.298   2.493   1.859   1.00 22.37 ? 413 PHE A CB  1 
ATOM   668 C  CG  . PHE A 1 86  ? 6.564   3.616   2.584   1.00 24.94 ? 413 PHE A CG  1 
ATOM   669 C  CD1 . PHE A 1 86  ? 5.332   4.059   2.126   1.00 28.10 ? 413 PHE A CD1 1 
ATOM   670 C  CD2 . PHE A 1 86  ? 7.113   4.205   3.720   1.00 27.02 ? 413 PHE A CD2 1 
ATOM   671 C  CE1 . PHE A 1 86  ? 4.649   5.093   2.785   1.00 32.82 ? 413 PHE A CE1 1 
ATOM   672 C  CE2 . PHE A 1 86  ? 6.443   5.245   4.385   1.00 30.40 ? 413 PHE A CE2 1 
ATOM   673 C  CZ  . PHE A 1 86  ? 5.211   5.684   3.914   1.00 25.16 ? 413 PHE A CZ  1 
ATOM   674 N  N   . GLN A 1 87  ? 10.169  1.294   0.262   1.00 23.73 ? 414 GLN A N   1 
ATOM   675 C  CA  . GLN A 1 87  ? 11.107  0.202   0.034   1.00 23.47 ? 414 GLN A CA  1 
ATOM   676 C  C   . GLN A 1 87  ? 12.408  0.420   0.790   1.00 27.92 ? 414 GLN A C   1 
ATOM   677 O  O   . GLN A 1 87  ? 13.060  -0.550  1.192   1.00 28.54 ? 414 GLN A O   1 
ATOM   678 C  CB  . GLN A 1 87  ? 11.377  0.045   -1.459  1.00 24.48 ? 414 GLN A CB  1 
ATOM   679 C  CG  . GLN A 1 87  ? 10.219  -0.579  -2.225  1.00 26.54 ? 414 GLN A CG  1 
ATOM   680 C  CD  . GLN A 1 87  ? 10.555  -0.839  -3.689  1.00 33.27 ? 414 GLN A CD  1 
ATOM   681 O  OE1 . GLN A 1 87  ? 11.100  0.028   -4.371  1.00 35.93 ? 414 GLN A OE1 1 
ATOM   682 N  NE2 . GLN A 1 87  ? 10.240  -2.040  -4.169  1.00 35.21 ? 414 GLN A NE2 1 
ATOM   683 N  N   . ARG A 1 88  ? 12.784  1.678   1.009   1.00 28.47 ? 415 ARG A N   1 
ATOM   684 C  CA  . ARG A 1 88  ? 14.048  2.023   1.650   1.00 33.45 ? 415 ARG A CA  1 
ATOM   685 C  C   . ARG A 1 88  ? 13.921  2.261   3.148   1.00 30.66 ? 415 ARG A C   1 
ATOM   686 O  O   . ARG A 1 88  ? 14.871  1.992   3.889   1.00 38.51 ? 415 ARG A O   1 
ATOM   687 C  CB  . ARG A 1 88  ? 14.643  3.281   0.998   1.00 35.50 ? 415 ARG A CB  1 
ATOM   688 N  N   . SER A 1 89  ? 12.779  2.767   3.607   1.00 29.38 ? 416 SER A N   1 
ATOM   689 C  CA  . SER A 1 89  ? 12.547  3.077   5.008   1.00 30.05 ? 416 SER A CA  1 
ATOM   690 C  C   . SER A 1 89  ? 11.277  2.382   5.472   1.00 30.47 ? 416 SER A C   1 
ATOM   691 O  O   . SER A 1 89  ? 10.299  2.320   4.716   1.00 31.78 ? 416 SER A O   1 
ATOM   692 C  CB  . SER A 1 89  ? 12.403  4.591   5.230   1.00 36.13 ? 416 SER A CB  1 
ATOM   693 O  OG  . SER A 1 89  ? 13.442  5.305   4.582   1.00 51.05 ? 416 SER A OG  1 
ATOM   694 N  N   . PRO A 1 90  ? 11.246  1.877   6.702   1.00 29.85 ? 417 PRO A N   1 
ATOM   695 C  CA  . PRO A 1 90  ? 10.067  1.137   7.159   1.00 25.94 ? 417 PRO A CA  1 
ATOM   696 C  C   . PRO A 1 90  ? 8.842   2.028   7.240   1.00 29.77 ? 417 PRO A C   1 
ATOM   697 O  O   . PRO A 1 90  ? 8.924   3.226   7.534   1.00 31.56 ? 417 PRO A O   1 
ATOM   698 C  CB  . PRO A 1 90  ? 10.476  0.627   8.552   1.00 30.77 ? 417 PRO A CB  1 
ATOM   699 C  CG  . PRO A 1 90  ? 11.968  0.756   8.597   1.00 42.95 ? 417 PRO A CG  1 
ATOM   700 C  CD  . PRO A 1 90  ? 12.303  1.920   7.727   1.00 35.51 ? 417 PRO A CD  1 
ATOM   701 N  N   . ILE A 1 91  ? 7.690   1.427   6.967   1.00 26.47 ? 418 ILE A N   1 
ATOM   702 C  CA  . ILE A 1 91  ? 6.414   2.120   7.120   1.00 24.30 ? 418 ILE A CA  1 
ATOM   703 C  C   . ILE A 1 91  ? 6.231   2.394   8.608   1.00 24.74 ? 418 ILE A C   1 
ATOM   704 O  O   . ILE A 1 91  ? 6.229   1.453   9.416   1.00 26.40 ? 418 ILE A O   1 
ATOM   705 C  CB  . ILE A 1 91  ? 5.253   1.292   6.542   1.00 23.85 ? 418 ILE A CB  1 
ATOM   706 C  CG1 . ILE A 1 91  ? 5.555   0.904   5.088   1.00 26.29 ? 418 ILE A CG1 1 
ATOM   707 C  CG2 . ILE A 1 91  ? 3.954   2.080   6.628   1.00 27.61 ? 418 ILE A CG2 1 
ATOM   708 C  CD1 . ILE A 1 91  ? 4.416   0.116   4.399   1.00 24.16 ? 418 ILE A CD1 1 
ATOM   709 N  N   . PRO A 1 92  ? 6.076   3.655   9.017   1.00 28.05 ? 419 PRO A N   1 
ATOM   710 C  CA  . PRO A 1 92  ? 5.981   3.994   10.458  1.00 27.13 ? 419 PRO A CA  1 
ATOM   711 C  C   . PRO A 1 92  ? 4.612   3.703   11.061  1.00 35.06 ? 419 PRO A C   1 
ATOM   712 O  O   . PRO A 1 92  ? 3.814   4.592   11.367  1.00 32.74 ? 419 PRO A O   1 
ATOM   713 C  CB  . PRO A 1 92  ? 6.316   5.491   10.461  1.00 34.03 ? 419 PRO A CB  1 
ATOM   714 C  CG  . PRO A 1 92  ? 5.798   5.974   9.161   1.00 31.55 ? 419 PRO A CG  1 
ATOM   715 C  CD  . PRO A 1 92  ? 6.063   4.853   8.163   1.00 30.49 ? 419 PRO A CD  1 
ATOM   716 N  N   . LEU A 1 93  ? 4.320   2.421   11.254  1.00 31.09 ? 420 LEU A N   1 
ATOM   717 C  CA  . LEU A 1 93  ? 3.077   2.002   11.877  1.00 30.85 ? 420 LEU A CA  1 
ATOM   718 C  C   . LEU A 1 93  ? 3.147   2.158   13.393  1.00 33.23 ? 420 LEU A C   1 
ATOM   719 O  O   . LEU A 1 93  ? 4.222   2.258   13.982  1.00 35.70 ? 420 LEU A O   1 
ATOM   720 C  CB  . LEU A 1 93  ? 2.769   0.554   11.533  1.00 29.39 ? 420 LEU A CB  1 
ATOM   721 C  CG  . LEU A 1 93  ? 2.778   0.263   10.034  1.00 31.35 ? 420 LEU A CG  1 
ATOM   722 C  CD1 . LEU A 1 93  ? 2.756   -1.212  9.864   1.00 30.36 ? 420 LEU A CD1 1 
ATOM   723 C  CD2 . LEU A 1 93  ? 1.570   0.879   9.362   1.00 32.74 ? 420 LEU A CD2 1 
ATOM   724 N  N   . GLU A 1 94  ? 1.972   2.135   14.023  1.00 46.13 ? 421 GLU A N   1 
ATOM   725 C  CA  . GLU A 1 94  ? 1.894   2.378   15.459  1.00 42.18 ? 421 GLU A CA  1 
ATOM   726 C  C   . GLU A 1 94  ? 2.607   1.302   16.273  1.00 52.39 ? 421 GLU A C   1 
ATOM   727 O  O   . GLU A 1 94  ? 3.197   1.615   17.314  1.00 48.84 ? 421 GLU A O   1 
ATOM   728 C  CB  . GLU A 1 94  ? 0.429   2.491   15.886  1.00 49.25 ? 421 GLU A CB  1 
ATOM   729 C  CG  . GLU A 1 94  ? -0.281  3.694   15.288  1.00 47.69 ? 421 GLU A CG  1 
ATOM   730 N  N   . CYS A 1 95  ? 2.572   0.040   15.835  1.00 40.93 ? 422 CYS A N   1 
ATOM   731 C  CA  . CYS A 1 95  ? 3.168   -1.019  16.645  1.00 43.19 ? 422 CYS A CA  1 
ATOM   732 C  C   . CYS A 1 95  ? 4.692   -1.035  16.601  1.00 42.15 ? 422 CYS A C   1 
ATOM   733 O  O   . CYS A 1 95  ? 5.301   -1.947  17.175  1.00 45.20 ? 422 CYS A O   1 
ATOM   734 C  CB  . CYS A 1 95  ? 2.630   -2.399  16.244  1.00 51.49 ? 422 CYS A CB  1 
ATOM   735 S  SG  . CYS A 1 95  ? 2.252   -2.713  14.494  1.00 68.82 ? 422 CYS A SG  1 
ATOM   736 N  N   . GLY A 1 96  ? 5.320   -0.067  15.939  1.00 37.52 ? 423 GLY A N   1 
ATOM   737 C  CA  . GLY A 1 96  ? 6.755   0.110   16.087  1.00 43.27 ? 423 GLY A CA  1 
ATOM   738 C  C   . GLY A 1 96  ? 7.555   -1.076  15.590  1.00 43.50 ? 423 GLY A C   1 
ATOM   739 O  O   . GLY A 1 96  ? 7.233   -1.690  14.566  1.00 33.62 ? 423 GLY A O   1 
ATOM   740 N  N   . ALA A 1 97  ? 8.609   -1.418  16.346  1.00 34.40 ? 424 ALA A N   1 
ATOM   741 C  CA  . ALA A 1 97  ? 9.604   -2.379  15.878  1.00 36.37 ? 424 ALA A CA  1 
ATOM   742 C  C   . ALA A 1 97  ? 9.030   -3.783  15.733  1.00 24.82 ? 424 ALA A C   1 
ATOM   743 O  O   . ALA A 1 97  ? 9.509   -4.561  14.886  1.00 30.90 ? 424 ALA A O   1 
ATOM   744 C  CB  . ALA A 1 97  ? 10.811  -2.390  16.821  1.00 32.24 ? 424 ALA A CB  1 
ATOM   745 N  N   . ALA A 1 98  ? 7.995   -4.126  16.506  1.00 27.07 ? 425 ALA A N   1 
ATOM   746 C  CA  . ALA A 1 98  ? 7.398   -5.452  16.361  1.00 26.72 ? 425 ALA A CA  1 
ATOM   747 C  C   . ALA A 1 98  ? 6.710   -5.632  15.017  1.00 28.19 ? 425 ALA A C   1 
ATOM   748 O  O   . ALA A 1 98  ? 6.406   -6.769  14.643  1.00 30.77 ? 425 ALA A O   1 
ATOM   749 C  CB  . ALA A 1 98  ? 6.383   -5.732  17.468  1.00 27.47 ? 425 ALA A CB  1 
ATOM   750 N  N   . CYS A 1 99  ? 6.437   -4.547  14.294  1.00 27.38 ? 426 CYS A N   1 
ATOM   751 C  CA  A CYS A 1 99  ? 5.804   -4.581  12.984  0.53 29.65 ? 426 CYS A CA  1 
ATOM   752 C  CA  B CYS A 1 99  ? 5.849   -4.688  12.964  0.47 29.72 ? 426 CYS A CA  1 
ATOM   753 C  C   . CYS A 1 99  ? 6.684   -3.963  11.909  1.00 27.67 ? 426 CYS A C   1 
ATOM   754 O  O   . CYS A 1 99  ? 6.162   -3.336  10.980  0.83 29.08 ? 426 CYS A O   1 
ATOM   755 C  CB  A CYS A 1 99  ? 4.474   -3.842  12.999  0.53 34.89 ? 426 CYS A CB  1 
ATOM   756 C  CB  B CYS A 1 99  ? 4.387   -4.242  12.955  0.47 34.66 ? 426 CYS A CB  1 
ATOM   757 S  SG  A CYS A 1 99  ? 3.255   -4.437  14.118  0.53 37.91 ? 426 CYS A SG  1 
ATOM   758 S  SG  B CYS A 1 99  ? 4.036   -2.570  13.506  0.47 34.56 ? 426 CYS A SG  1 
ATOM   759 N  N   . ASP A 1 100 ? 8.006   -4.085  12.030  1.00 25.88 ? 427 ASP A N   1 
ATOM   760 C  CA  . ASP A 1 100 ? 8.906   -3.535  11.025  1.00 29.56 ? 427 ASP A CA  1 
ATOM   761 C  C   . ASP A 1 100 ? 8.564   -4.097  9.653   1.00 30.71 ? 427 ASP A C   1 
ATOM   762 O  O   . ASP A 1 100 ? 8.475   -5.318  9.478   1.00 24.53 ? 427 ASP A O   1 
ATOM   763 C  CB  . ASP A 1 100 ? 10.354  -3.885  11.368  1.00 26.59 ? 427 ASP A CB  1 
ATOM   764 C  CG  . ASP A 1 100 ? 11.336  -3.422  10.313  1.00 30.70 ? 427 ASP A CG  1 
ATOM   765 O  OD1 . ASP A 1 100 ? 11.747  -2.238  10.348  1.00 35.77 ? 427 ASP A OD1 1 
ATOM   766 O  OD2 . ASP A 1 100 ? 11.709  -4.250  9.452   1.00 35.19 ? 427 ASP A OD2 1 
ATOM   767 N  N   . VAL A 1 101 ? 8.384   -3.215  8.674   1.00 24.11 ? 428 VAL A N   1 
ATOM   768 C  CA  . VAL A 1 101 ? 8.133   -3.684  7.316   1.00 23.55 ? 428 VAL A CA  1 
ATOM   769 C  C   . VAL A 1 101 ? 8.580   -2.619  6.329   1.00 23.28 ? 428 VAL A C   1 
ATOM   770 O  O   . VAL A 1 101 ? 8.254   -1.434  6.472   1.00 24.09 ? 428 VAL A O   1 
ATOM   771 C  CB  . VAL A 1 101 ? 6.650   -4.069  7.100   1.00 23.74 ? 428 VAL A CB  1 
ATOM   772 C  CG1 . VAL A 1 101 ? 5.744   -2.879  7.347   1.00 22.93 ? 428 VAL A CG1 1 
ATOM   773 C  CG2 . VAL A 1 101 ? 6.434   -4.638  5.682   1.00 23.11 ? 428 VAL A CG2 1 
ATOM   774 N  N   . ARG A 1 102 ? 9.365   -3.053  5.347   1.00 21.67 ? 429 ARG A N   1 
ATOM   775 C  CA  . ARG A 1 102 ? 9.640   -2.298  4.136   1.00 22.94 ? 429 ARG A CA  1 
ATOM   776 C  C   . ARG A 1 102 ? 8.947   -2.973  2.963   1.00 23.99 ? 429 ARG A C   1 
ATOM   777 O  O   . ARG A 1 102 ? 8.864   -4.209  2.912   1.00 23.05 ? 429 ARG A O   1 
ATOM   778 C  CB  . ARG A 1 102 ? 11.146  -2.217  3.873   1.00 24.16 ? 429 ARG A CB  1 
ATOM   779 C  CG  . ARG A 1 102 ? 11.853  -1.294  4.871   1.00 28.92 ? 429 ARG A CG  1 
ATOM   780 C  CD  . ARG A 1 102 ? 13.296  -1.032  4.476   1.00 36.93 ? 429 ARG A CD  1 
ATOM   781 N  NE  . ARG A 1 102 ? 14.118  -2.235  4.498   1.00 48.03 ? 429 ARG A NE  1 
ATOM   782 C  CZ  . ARG A 1 102 ? 15.410  -2.255  4.198   1.00 54.35 ? 429 ARG A CZ  1 
ATOM   783 N  NH1 . ARG A 1 102 ? 16.115  -3.374  4.241   1.00 54.93 ? 429 ARG A NH1 1 
ATOM   784 N  NH2 . ARG A 1 102 ? 16.013  -1.121  3.851   1.00 52.81 ? 429 ARG A NH2 1 
ATOM   785 N  N   . LEU A 1 103 ? 8.429   -2.169  2.035   1.00 21.11 ? 430 LEU A N   1 
ATOM   786 C  CA  . LEU A 1 103 ? 7.831   -2.746  0.838   1.00 21.22 ? 430 LEU A CA  1 
ATOM   787 C  C   . LEU A 1 103 ? 8.881   -3.540  0.081   1.00 20.83 ? 430 LEU A C   1 
ATOM   788 O  O   . LEU A 1 103 ? 10.037  -3.123  -0.036  1.00 24.45 ? 430 LEU A O   1 
ATOM   789 C  CB  . LEU A 1 103 ? 7.252   -1.653  -0.064  1.00 19.72 ? 430 LEU A CB  1 
ATOM   790 C  CG  . LEU A 1 103 ? 6.110   -0.833  0.531   1.00 20.08 ? 430 LEU A CG  1 
ATOM   791 C  CD1 . LEU A 1 103 ? 5.575   0.096   -0.553  1.00 20.55 ? 430 LEU A CD1 1 
ATOM   792 C  CD2 . LEU A 1 103 ? 5.009   -1.763  1.062   1.00 21.93 ? 430 LEU A CD2 1 
ATOM   793 N  N   . SER A 1 104 ? 8.486   -4.715  -0.399  1.00 19.96 ? 431 SER A N   1 
ATOM   794 C  CA  . SER A 1 104 ? 9.407   -5.524  -1.194  1.00 23.32 ? 431 SER A CA  1 
ATOM   795 C  C   . SER A 1 104 ? 8.872   -5.673  -2.616  1.00 26.04 ? 431 SER A C   1 
ATOM   796 O  O   . SER A 1 104 ? 8.897   -4.718  -3.403  1.00 32.20 ? 431 SER A O   1 
ATOM   797 C  CB  . SER A 1 104 ? 9.612   -6.879  -0.525  1.00 27.61 ? 431 SER A CB  1 
ATOM   798 O  OG  . SER A 1 104 ? 8.354   -7.500  -0.254  1.00 33.45 ? 431 SER A OG  1 
ATOM   799 N  N   . GLY A 1 105 ? 8.371   -6.851  -2.951  1.00 28.67 ? 432 GLY A N   1 
ATOM   800 C  CA  . GLY A 1 105 ? 7.824   -7.094  -4.270  1.00 23.16 ? 432 GLY A CA  1 
ATOM   801 C  C   . GLY A 1 105 ? 6.391   -6.600  -4.373  1.00 23.43 ? 432 GLY A C   1 
ATOM   802 O  O   . GLY A 1 105 ? 5.824   -6.024  -3.443  1.00 22.01 ? 432 GLY A O   1 
ATOM   803 N  N   . TYR A 1 106 ? 5.799   -6.822  -5.541  1.00 19.84 ? 433 TYR A N   1 
ATOM   804 C  CA  . TYR A 1 106 ? 4.400   -6.475  -5.739  1.00 20.24 ? 433 TYR A CA  1 
ATOM   805 C  C   . TYR A 1 106 ? 3.669   -7.588  -6.460  1.00 22.00 ? 433 TYR A C   1 
ATOM   806 O  O   . TYR A 1 106 ? 4.261   -8.420  -7.157  1.00 22.51 ? 433 TYR A O   1 
ATOM   807 C  CB  . TYR A 1 106 ? 4.217   -5.159  -6.513  1.00 19.53 ? 433 TYR A CB  1 
ATOM   808 C  CG  . TYR A 1 106 ? 5.048   -5.056  -7.762  1.00 20.07 ? 433 TYR A CG  1 
ATOM   809 C  CD1 . TYR A 1 106 ? 4.576   -5.523  -8.983  1.00 23.28 ? 433 TYR A CD1 1 
ATOM   810 C  CD2 . TYR A 1 106 ? 6.301   -4.474  -7.699  1.00 25.70 ? 433 TYR A CD2 1 
ATOM   811 C  CE1 . TYR A 1 106 ? 5.374   -5.417  -10.135 1.00 25.41 ? 433 TYR A CE1 1 
ATOM   812 C  CE2 . TYR A 1 106 ? 7.080   -4.361  -8.814  1.00 28.79 ? 433 TYR A CE2 1 
ATOM   813 C  CZ  . TYR A 1 106 ? 6.624   -4.818  -10.012 1.00 23.13 ? 433 TYR A CZ  1 
ATOM   814 O  OH  . TYR A 1 106 ? 7.453   -4.667  -11.099 1.00 34.79 ? 433 TYR A OH  1 
ATOM   815 N  N   . VAL A 1 107 ? 2.354   -7.596  -6.259  1.00 19.25 ? 434 VAL A N   1 
ATOM   816 C  CA  . VAL A 1 107 ? 1.451   -8.489  -6.979  1.00 18.48 ? 434 VAL A CA  1 
ATOM   817 C  C   . VAL A 1 107 ? 1.157   -7.880  -8.349  1.00 17.77 ? 434 VAL A C   1 
ATOM   818 O  O   . VAL A 1 107 ? 0.707   -6.734  -8.449  1.00 21.92 ? 434 VAL A O   1 
ATOM   819 C  CB  . VAL A 1 107 ? 0.153   -8.697  -6.181  1.00 21.06 ? 434 VAL A CB  1 
ATOM   820 C  CG1 . VAL A 1 107 ? -0.754  -9.706  -6.889  1.00 23.14 ? 434 VAL A CG1 1 
ATOM   821 C  CG2 . VAL A 1 107 ? 0.472   -9.138  -4.763  1.00 22.64 ? 434 VAL A CG2 1 
ATOM   822 N  N   . VAL A 1 108 ? 1.444   -8.624  -9.410  1.00 25.07 ? 435 VAL A N   1 
ATOM   823 C  CA  . VAL A 1 108 ? 1.225   -8.101  -10.756 1.00 26.01 ? 435 VAL A CA  1 
ATOM   824 C  C   . VAL A 1 108 ? -0.248  -8.233  -11.121 1.00 27.55 ? 435 VAL A C   1 
ATOM   825 O  O   . VAL A 1 108 ? -0.852  -9.294  -10.936 1.00 28.09 ? 435 VAL A O   1 
ATOM   826 C  CB  . VAL A 1 108 ? 2.114   -8.828  -11.776 1.00 29.45 ? 435 VAL A CB  1 
ATOM   827 C  CG1 . VAL A 1 108 ? 1.917   -8.212  -13.150 1.00 27.09 ? 435 VAL A CG1 1 
ATOM   828 C  CG2 . VAL A 1 108 ? 3.583   -8.755  -11.359 1.00 32.38 ? 435 VAL A CG2 1 
ATOM   829 N  N   . VAL A 1 109 ? -0.822  -7.153  -11.661 1.00 25.02 ? 436 VAL A N   1 
ATOM   830 C  CA  . VAL A 1 109 ? -2.230  -7.153  -12.043 1.00 25.79 ? 436 VAL A CA  1 
ATOM   831 C  C   . VAL A 1 109 ? -2.474  -8.144  -13.184 1.00 31.01 ? 436 VAL A C   1 
ATOM   832 O  O   . VAL A 1 109 ? -1.611  -8.362  -14.045 1.00 33.09 ? 436 VAL A O   1 
ATOM   833 C  CB  . VAL A 1 109 ? -2.658  -5.728  -12.437 1.00 30.14 ? 436 VAL A CB  1 
ATOM   834 C  CG1 . VAL A 1 109 ? -1.912  -5.276  -13.680 1.00 32.74 ? 436 VAL A CG1 1 
ATOM   835 C  CG2 . VAL A 1 109 ? -4.171  -5.628  -12.633 1.00 29.56 ? 436 VAL A CG2 1 
ATOM   836 N  N   . VAL A 1 110 ? -3.662  -8.749  -13.187 1.00 37.05 ? 437 VAL A N   1 
ATOM   837 C  CA  . VAL A 1 110 ? -4.027  -9.694  -14.244 1.00 50.65 ? 437 VAL A CA  1 
ATOM   838 C  C   . VAL A 1 110 ? -4.605  -8.954  -15.449 1.00 51.94 ? 437 VAL A C   1 
ATOM   839 O  O   . VAL A 1 110 ? -3.869  -8.418  -16.279 1.00 53.92 ? 437 VAL A O   1 
ATOM   840 C  CB  . VAL A 1 110 ? -5.027  -10.749 -13.737 1.00 55.45 ? 437 VAL A CB  1 
ATOM   841 C  CG1 . VAL A 1 110 ? -4.977  -11.985 -14.613 1.00 57.10 ? 437 VAL A CG1 1 
ATOM   842 C  CG2 . VAL A 1 110 ? -4.747  -11.106 -12.282 1.00 53.72 ? 437 VAL A CG2 1 
ATOM   843 N  N   . PRO B 2 1   ? -14.563 -0.061  6.972   1.00 61.61 ? 811 PRO C N   1 
ATOM   844 C  CA  . PRO B 2 1   ? -13.590 -0.944  7.617   1.00 56.99 ? 811 PRO C CA  1 
ATOM   845 C  C   . PRO B 2 1   ? -12.478 -0.170  8.310   1.00 54.47 ? 811 PRO C C   1 
ATOM   846 O  O   . PRO B 2 1   ? -12.676 0.990   8.674   1.00 68.01 ? 811 PRO C O   1 
ATOM   847 C  CB  . PRO B 2 1   ? -13.037 -1.760  6.449   1.00 50.75 ? 811 PRO C CB  1 
ATOM   848 C  CG  . PRO B 2 1   ? -13.265 -0.890  5.219   1.00 51.82 ? 811 PRO C CG  1 
ATOM   849 C  CD  . PRO B 2 1   ? -14.143 0.281   5.603   1.00 59.94 ? 811 PRO C CD  1 
ATOM   850 N  N   . ASP B 2 2   ? -11.322 -0.834  8.443   1.00 55.67 ? 812 ASP C N   1 
ATOM   851 C  CA  . ASP B 2 2   ? -10.166 -0.282  9.195   1.00 53.87 ? 812 ASP C CA  1 
ATOM   852 C  C   . ASP B 2 2   ? -8.935  -0.032  8.315   1.00 45.13 ? 812 ASP C C   1 
ATOM   853 O  O   . ASP B 2 2   ? -8.526  -0.924  7.576   1.00 46.00 ? 812 ASP C O   1 
ATOM   854 C  CB  . ASP B 2 2   ? -9.735  -1.286  10.260  1.00 54.52 ? 812 ASP C CB  1 
ATOM   855 C  CG  . ASP B 2 2   ? -8.584  -0.819  11.132  1.00 62.03 ? 812 ASP C CG  1 
ATOM   856 O  OD1 . ASP B 2 2   ? -8.675  0.302   11.672  1.00 59.37 ? 812 ASP C OD1 1 
ATOM   857 O  OD2 . ASP B 2 2   ? -7.610  -1.584  11.270  1.00 67.31 ? 812 ASP C OD2 1 
HETATM 858 N  N   . PTR B 2 3   ? -8.336  1.140   8.463   1.00 41.37 ? 813 PTR C N   1 
HETATM 859 C  CA  . PTR B 2 3   ? -7.092  1.468   7.723   1.00 32.63 ? 813 PTR C CA  1 
HETATM 860 C  C   . PTR B 2 3   ? -5.986  1.818   8.721   1.00 39.17 ? 813 PTR C C   1 
HETATM 861 O  O   . PTR B 2 3   ? -6.310  2.306   9.821   1.00 38.60 ? 813 PTR C O   1 
HETATM 862 C  CB  . PTR B 2 3   ? -7.335  2.635   6.770   1.00 32.14 ? 813 PTR C CB  1 
HETATM 863 C  CG  . PTR B 2 3   ? -8.186  2.324   5.567   1.00 35.39 ? 813 PTR C CG  1 
HETATM 864 C  CD1 . PTR B 2 3   ? -7.615  1.767   4.435   1.00 26.21 ? 813 PTR C CD1 1 
HETATM 865 C  CD2 . PTR B 2 3   ? -9.543  2.610   5.545   1.00 39.38 ? 813 PTR C CD2 1 
HETATM 866 C  CE1 . PTR B 2 3   ? -8.364  1.488   3.309   1.00 34.77 ? 813 PTR C CE1 1 
HETATM 867 C  CE2 . PTR B 2 3   ? -10.321 2.342   4.429   1.00 40.28 ? 813 PTR C CE2 1 
HETATM 868 C  CZ  . PTR B 2 3   ? -9.717  1.769   3.323   1.00 41.20 ? 813 PTR C CZ  1 
HETATM 869 O  OH  . PTR B 2 3   ? -10.411 1.488   2.147   1.00 38.12 ? 813 PTR C OH  1 
HETATM 870 P  P   . PTR B 2 3   ? -11.105 0.124   1.764   1.00 33.95 ? 813 PTR C P   1 
HETATM 871 O  O1P . PTR B 2 3   ? -12.508 0.101   2.316   1.00 46.17 ? 813 PTR C O1P 1 
HETATM 872 O  O2P . PTR B 2 3   ? -11.156 0.108   0.268   1.00 33.29 ? 813 PTR C O2P 1 
HETATM 873 O  O3P . PTR B 2 3   ? -10.343 -1.073  2.279   1.00 33.99 ? 813 PTR C O3P 1 
ATOM   874 N  N   . GLU B 2 4   ? -4.733  1.614   8.348   1.00 30.17 ? 814 GLU C N   1 
ATOM   875 C  CA  . GLU B 2 4   ? -3.624  1.827   9.259   1.00 31.46 ? 814 GLU C CA  1 
ATOM   876 C  C   . GLU B 2 4   ? -3.382  3.298   9.501   1.00 32.21 ? 814 GLU C C   1 
ATOM   877 O  O   . GLU B 2 4   ? -3.544  4.124   8.605   1.00 30.78 ? 814 GLU C O   1 
ATOM   878 C  CB  . GLU B 2 4   ? -2.342  1.196   8.713   1.00 28.50 ? 814 GLU C CB  1 
ATOM   879 C  CG  . GLU B 2 4   ? -2.401  -0.321  8.591   1.00 29.52 ? 814 GLU C CG  1 
ATOM   880 C  CD  . GLU B 2 4   ? -2.681  -1.002  9.922   1.00 40.74 ? 814 GLU C CD  1 
ATOM   881 O  OE1 . GLU B 2 4   ? -1.913  -0.776  10.879  1.00 43.54 ? 814 GLU C OE1 1 
ATOM   882 O  OE2 . GLU B 2 4   ? -3.678  -1.750  10.011  1.00 36.87 ? 814 GLU C OE2 1 
ATOM   883 N  N   . LEU B 2 5   ? -2.988  3.612   10.730  1.00 38.21 ? 815 LEU C N   1 
ATOM   884 C  CA  . LEU B 2 5   ? -2.521  4.935   11.096  1.00 31.17 ? 815 LEU C CA  1 
ATOM   885 C  C   . LEU B 2 5   ? -1.007  4.906   11.246  1.00 35.70 ? 815 LEU C C   1 
ATOM   886 O  O   . LEU B 2 5   ? -0.433  3.925   11.735  1.00 41.24 ? 815 LEU C O   1 
ATOM   887 C  CB  . LEU B 2 5   ? -3.185  5.405   12.394  1.00 37.68 ? 815 LEU C CB  1 
ATOM   888 C  CG  . LEU B 2 5   ? -4.581  5.975   12.165  1.00 46.03 ? 815 LEU C CG  1 
ATOM   889 C  CD1 . LEU B 2 5   ? -5.436  5.820   13.411  1.00 59.51 ? 815 LEU C CD1 1 
ATOM   890 C  CD2 . LEU B 2 5   ? -4.475  7.438   11.764  1.00 49.07 ? 815 LEU C CD2 1 
ATOM   891 N  N   . LEU B 2 6   ? -0.361  5.967   10.793  1.00 29.11 ? 816 LEU C N   1 
ATOM   892 C  CA  . LEU B 2 6   ? 1.073   6.104   10.952  1.00 30.44 ? 816 LEU C CA  1 
ATOM   893 C  C   . LEU B 2 6   ? 1.398   6.872   12.224  1.00 34.73 ? 816 LEU C C   1 
ATOM   894 O  O   . LEU B 2 6   ? 0.614   7.709   12.684  1.00 36.83 ? 816 LEU C O   1 
ATOM   895 C  CB  . LEU B 2 6   ? 1.688   6.826   9.758   1.00 30.48 ? 816 LEU C CB  1 
ATOM   896 C  CG  . LEU B 2 6   ? 1.420   6.200   8.391   1.00 33.86 ? 816 LEU C CG  1 
ATOM   897 C  CD1 . LEU B 2 6   ? 2.114   7.008   7.324   1.00 25.42 ? 816 LEU C CD1 1 
ATOM   898 C  CD2 . LEU B 2 6   ? 1.894   4.741   8.390   1.00 32.22 ? 816 LEU C CD2 1 
ATOM   899 N  N   . THR B 2 7   ? 2.568   6.578   12.785  1.00 35.39 ? 817 THR C N   1 
ATOM   900 C  CA  . THR B 2 7   ? 3.123   7.410   13.842  1.00 36.31 ? 817 THR C CA  1 
ATOM   901 C  C   . THR B 2 7   ? 3.481   8.773   13.269  1.00 39.33 ? 817 THR C C   1 
ATOM   902 O  O   . THR B 2 7   ? 4.012   8.874   12.161  1.00 39.70 ? 817 THR C O   1 
ATOM   903 C  CB  . THR B 2 7   ? 4.362   6.753   14.447  1.00 41.13 ? 817 THR C CB  1 
ATOM   904 O  OG1 . THR B 2 7   ? 4.037   5.422   14.858  1.00 51.06 ? 817 THR C OG1 1 
ATOM   905 C  CG2 . THR B 2 7   ? 4.848   7.546   15.656  1.00 47.99 ? 817 THR C CG2 1 
ATOM   906 N  N   . GLU B 2 8   ? 3.189   9.823   14.027  1.00 42.13 ? 818 GLU C N   1 
ATOM   907 C  CA  . GLU B 2 8   ? 3.326   11.175  13.508  1.00 41.22 ? 818 GLU C CA  1 
ATOM   908 C  C   . GLU B 2 8   ? 4.151   12.059  14.441  1.00 56.77 ? 818 GLU C C   1 
ATOM   909 O  O   . GLU B 2 8   ? 4.196   11.829  15.649  1.00 59.17 ? 818 GLU C O   1 
ATOM   910 C  CB  . GLU B 2 8   ? 1.935   11.778  13.283  1.00 42.99 ? 818 GLU C CB  1 
ATOM   911 C  CG  . GLU B 2 8   ? 1.927   13.116  12.574  1.00 42.83 ? 818 GLU C CG  1 
ATOM   912 C  CD  . GLU B 2 8   ? 0.572   13.437  11.968  1.00 34.09 ? 818 GLU C CD  1 
ATOM   913 O  OE1 . GLU B 2 8   ? 0.348   14.611  11.614  1.00 42.95 ? 818 GLU C OE1 1 
ATOM   914 O  OE2 . GLU B 2 8   ? -0.266  12.518  11.848  1.00 34.14 ? 818 GLU C OE2 1 
HETATM 915 CL CL  . CL  C 3 .   ? 6.064   16.621  -2.390  1.00 67.36 ? 501 CL  A CL  1 
HETATM 916 O  O   . HOH D 4 .   ? -14.387 -2.297  2.554   1.00 50.27 ? 601 HOH A O   1 
HETATM 917 O  O   . HOH D 4 .   ? -5.147  -5.359  10.741  1.00 54.50 ? 602 HOH A O   1 
HETATM 918 O  O   . HOH D 4 .   ? -2.809  6.873   7.805   1.00 46.49 ? 603 HOH A O   1 
HETATM 919 O  O   . HOH D 4 .   ? 1.480   9.568   -8.946  1.00 38.09 ? 604 HOH A O   1 
HETATM 920 O  O   . HOH D 4 .   ? 11.188  -6.380  8.111   1.00 28.90 ? 605 HOH A O   1 
HETATM 921 O  O   . HOH D 4 .   ? 8.622   13.482  0.458   1.00 54.44 ? 606 HOH A O   1 
HETATM 922 O  O   . HOH D 4 .   ? 8.973   -10.661 1.172   1.00 39.57 ? 607 HOH A O   1 
HETATM 923 O  O   . HOH D 4 .   ? 7.435   -0.771  10.054  1.00 28.55 ? 608 HOH A O   1 
HETATM 924 O  O   . HOH D 4 .   ? 10.355  -8.395  3.275   1.00 41.94 ? 609 HOH A O   1 
HETATM 925 O  O   . HOH D 4 .   ? -0.685  -15.241 4.700   1.00 29.64 ? 610 HOH A O   1 
HETATM 926 O  O   . HOH D 4 .   ? -7.232  10.475  -4.159  1.00 42.04 ? 611 HOH A O   1 
HETATM 927 O  O   . HOH D 4 .   ? -14.132 -6.346  0.369   1.00 33.19 ? 612 HOH A O   1 
HETATM 928 O  O   . HOH D 4 .   ? 3.589   -12.880 -3.345  1.00 45.19 ? 613 HOH A O   1 
HETATM 929 O  O   . HOH D 4 .   ? -10.046 -13.213 -3.101  1.00 28.61 ? 614 HOH A O   1 
HETATM 930 O  O   . HOH D 4 .   ? 10.648  -6.205  3.213   1.00 40.68 ? 615 HOH A O   1 
HETATM 931 O  O   . HOH D 4 .   ? -0.802  15.974  5.496   0.50 36.82 ? 616 HOH A O   1 
HETATM 932 O  O   . HOH D 4 .   ? -11.700 -0.922  -5.184  1.00 40.52 ? 617 HOH A O   1 
HETATM 933 O  O   . HOH D 4 .   ? -6.786  -9.923  5.933   1.00 43.87 ? 618 HOH A O   1 
HETATM 934 O  O   . HOH D 4 .   ? -3.125  7.229   5.276   1.00 39.81 ? 619 HOH A O   1 
HETATM 935 O  O   . HOH D 4 .   ? 6.897   2.472   13.453  1.00 48.77 ? 620 HOH A O   1 
HETATM 936 O  O   . HOH D 4 .   ? -9.476  -10.107 -10.766 1.00 59.48 ? 621 HOH A O   1 
HETATM 937 O  O   . HOH D 4 .   ? 8.511   -7.608  10.991  1.00 30.87 ? 622 HOH A O   1 
HETATM 938 O  O   . HOH D 4 .   ? 13.185  -3.339  7.323   1.00 46.73 ? 623 HOH A O   1 
HETATM 939 O  O   . HOH D 4 .   ? 6.018   15.039  3.763   1.00 46.07 ? 624 HOH A O   1 
HETATM 940 O  O   . HOH D 4 .   ? -7.311  5.513   -11.409 1.00 47.53 ? 625 HOH A O   1 
HETATM 941 O  O   . HOH D 4 .   ? -7.664  -5.725  -11.268 1.00 42.48 ? 626 HOH A O   1 
HETATM 942 O  O   . HOH D 4 .   ? 12.800  -3.189  0.219   1.00 32.04 ? 627 HOH A O   1 
HETATM 943 O  O   . HOH D 4 .   ? 11.288  8.270   -2.859  1.00 42.31 ? 628 HOH A O   1 
HETATM 944 O  O   . HOH D 4 .   ? -14.503 -9.779  -3.126  1.00 49.64 ? 629 HOH A O   1 
HETATM 945 O  O   . HOH D 4 .   ? -6.024  -7.926  -10.232 1.00 42.39 ? 630 HOH A O   1 
HETATM 946 O  O   . HOH D 4 .   ? -2.437  -1.564  -14.104 1.00 33.55 ? 631 HOH A O   1 
HETATM 947 O  O   . HOH D 4 .   ? -5.918  -5.152  8.131   1.00 40.40 ? 632 HOH A O   1 
HETATM 948 O  O   . HOH D 4 .   ? -10.322 5.726   -6.584  1.00 46.33 ? 633 HOH A O   1 
HETATM 949 O  O   . HOH D 4 .   ? -7.879  -7.323  5.090   1.00 30.95 ? 634 HOH A O   1 
HETATM 950 O  O   . HOH D 4 .   ? -7.783  -12.640 -4.499  1.00 35.97 ? 635 HOH A O   1 
HETATM 951 O  O   . HOH D 4 .   ? -12.967 -7.275  -6.608  1.00 45.41 ? 636 HOH A O   1 
HETATM 952 O  O   . HOH D 4 .   ? 5.289   -18.100 3.861   1.00 34.06 ? 637 HOH A O   1 
HETATM 953 O  O   . HOH D 4 .   ? 1.618   -13.224 -1.603  1.00 26.47 ? 638 HOH A O   1 
HETATM 954 O  O   . HOH D 4 .   ? 10.836  -5.553  5.609   1.00 28.64 ? 639 HOH A O   1 
HETATM 955 O  O   . HOH D 4 .   ? -3.610  9.667   3.345   1.00 43.75 ? 640 HOH A O   1 
HETATM 956 O  O   . HOH D 4 .   ? 7.102   6.510   -13.499 1.00 43.46 ? 641 HOH A O   1 
HETATM 957 O  O   . HOH D 4 .   ? 3.729   13.104  -10.305 1.00 51.37 ? 642 HOH A O   1 
HETATM 958 O  O   . HOH D 4 .   ? 8.845   7.333   6.671   1.00 42.50 ? 643 HOH A O   1 
HETATM 959 O  O   . HOH D 4 .   ? 3.850   7.658   -9.808  1.00 34.47 ? 644 HOH A O   1 
HETATM 960 O  O   . HOH D 4 .   ? 3.700   -7.847  15.142  1.00 47.83 ? 645 HOH A O   1 
HETATM 961 O  O   . HOH D 4 .   ? 9.084   0.213   18.774  1.00 45.07 ? 646 HOH A O   1 
HETATM 962 O  O   . HOH D 4 .   ? -8.181  6.202   0.776   1.00 41.73 ? 647 HOH A O   1 
HETATM 963 O  O   . HOH D 4 .   ? 7.697   -2.917  19.228  1.00 34.18 ? 648 HOH A O   1 
HETATM 964 O  O   . HOH D 4 .   ? 2.163   -11.499 -8.972  1.00 33.57 ? 649 HOH A O   1 
HETATM 965 O  O   . HOH D 4 .   ? -5.894  -15.293 4.504   1.00 42.98 ? 650 HOH A O   1 
HETATM 966 O  O   . HOH D 4 .   ? -5.121  12.734  7.165   0.50 39.88 ? 651 HOH A O   1 
HETATM 967 O  O   . HOH D 4 .   ? 10.004  -4.150  -6.388  1.00 38.76 ? 652 HOH A O   1 
HETATM 968 O  O   . HOH D 4 .   ? -8.571  -13.944 3.585   1.00 45.83 ? 653 HOH A O   1 
HETATM 969 O  O   . HOH D 4 .   ? -0.724  -11.454 -14.225 1.00 48.67 ? 654 HOH A O   1 
HETATM 970 O  O   . HOH D 4 .   ? 0.198   -15.163 8.762   1.00 53.34 ? 655 HOH A O   1 
HETATM 971 O  O   . HOH D 4 .   ? -5.801  -1.779  -13.484 1.00 50.03 ? 656 HOH A O   1 
HETATM 972 O  O   . HOH D 4 .   ? 8.522   12.593  2.853   1.00 50.63 ? 657 HOH A O   1 
HETATM 973 O  O   . HOH D 4 .   ? 16.180  4.131   6.809   1.00 54.62 ? 658 HOH A O   1 
HETATM 974 O  O   . HOH D 4 .   ? -6.150  9.880   3.815   1.00 42.60 ? 659 HOH A O   1 
HETATM 975 O  O   . HOH D 4 .   ? 13.399  -4.981  1.786   1.00 51.91 ? 660 HOH A O   1 
HETATM 976 O  O   . HOH D 4 .   ? 13.804  6.796   -2.232  1.00 52.95 ? 661 HOH A O   1 
HETATM 977 O  O   . HOH D 4 .   ? -4.100  -13.537 8.390   1.00 53.54 ? 662 HOH A O   1 
HETATM 978 O  O   . HOH D 4 .   ? -10.144 -8.423  3.982   1.00 44.12 ? 663 HOH A O   1 
HETATM 979 O  O   . HOH D 4 .   ? -4.761  -15.433 6.657   1.00 43.39 ? 664 HOH A O   1 
HETATM 980 O  O   . HOH D 4 .   ? 9.993   11.397  -2.309  1.00 54.34 ? 665 HOH A O   1 
HETATM 981 O  O   . HOH E 4 .   ? -4.620  4.754   6.311   1.00 28.88 ? 901 HOH C O   1 
HETATM 982 O  O   . HOH E 4 .   ? -0.694  1.397   12.343  1.00 41.41 ? 902 HOH C O   1 
HETATM 983 O  O   . HOH E 4 .   ? 1.749   9.686   16.332  1.00 56.78 ? 903 HOH C O   1 
HETATM 984 O  O   . HOH E 4 .   ? -0.839  8.828   14.718  1.00 47.45 ? 904 HOH C O   1 
HETATM 985 O  O   . HOH E 4 .   ? -1.736  11.232  13.828  1.00 49.43 ? 905 HOH C O   1 
HETATM 986 O  O   . HOH E 4 .   ? -1.165  -3.090  12.274  1.00 52.57 ? 906 HOH C O   1 
HETATM 987 O  O   . HOH E 4 .   ? -4.009  2.068   12.854  1.00 47.50 ? 907 HOH C O   1 
HETATM 988 O  O   . HOH E 4 .   ? -5.260  -2.417  7.765   1.00 29.05 ? 908 HOH C O   1 
HETATM 989 O  O   . HOH E 4 .   ? -9.848  2.903   10.345  1.00 53.31 ? 909 HOH C O   1 
HETATM 990 O  O   . HOH E 4 .   ? 6.524   9.437   10.621  1.00 49.55 ? 910 HOH C O   1 
HETATM 991 O  O   . HOH E 4 .   ? -0.054  -1.674  13.498  1.00 50.29 ? 911 HOH C O   1 
# 
